data_1ZMS
# 
_entry.id   1ZMS 
# 
_audit_conform.dict_name       mmcif_pdbx.dic 
_audit_conform.dict_version    5.387 
_audit_conform.dict_location   http://mmcif.pdb.org/dictionaries/ascii/mmcif_pdbx.dic 
# 
loop_
_database_2.database_id 
_database_2.database_code 
_database_2.pdbx_database_accession 
_database_2.pdbx_DOI 
PDB   1ZMS         pdb_00001zms 10.2210/pdb1zms/pdb 
RCSB  RCSB032903   ?            ?                   
WWPDB D_1000032903 ?            ?                   
# 
loop_
_pdbx_audit_revision_history.ordinal 
_pdbx_audit_revision_history.data_content_type 
_pdbx_audit_revision_history.major_revision 
_pdbx_audit_revision_history.minor_revision 
_pdbx_audit_revision_history.revision_date 
1 'Structure model' 1 0 2005-07-19 
2 'Structure model' 1 1 2008-04-30 
3 'Structure model' 1 2 2011-07-13 
4 'Structure model' 1 3 2024-02-14 
# 
_pdbx_audit_revision_details.ordinal             1 
_pdbx_audit_revision_details.revision_ordinal    1 
_pdbx_audit_revision_details.data_content_type   'Structure model' 
_pdbx_audit_revision_details.provider            repository 
_pdbx_audit_revision_details.type                'Initial release' 
_pdbx_audit_revision_details.description         ? 
_pdbx_audit_revision_details.details             ? 
# 
loop_
_pdbx_audit_revision_group.ordinal 
_pdbx_audit_revision_group.revision_ordinal 
_pdbx_audit_revision_group.data_content_type 
_pdbx_audit_revision_group.group 
1 2 'Structure model' 'Version format compliance' 
2 3 'Structure model' 'Version format compliance' 
3 4 'Structure model' 'Data collection'           
4 4 'Structure model' 'Database references'       
# 
loop_
_pdbx_audit_revision_category.ordinal 
_pdbx_audit_revision_category.revision_ordinal 
_pdbx_audit_revision_category.data_content_type 
_pdbx_audit_revision_category.category 
1 4 'Structure model' chem_comp_atom 
2 4 'Structure model' chem_comp_bond 
3 4 'Structure model' database_2     
# 
loop_
_pdbx_audit_revision_item.ordinal 
_pdbx_audit_revision_item.revision_ordinal 
_pdbx_audit_revision_item.data_content_type 
_pdbx_audit_revision_item.item 
1 4 'Structure model' '_database_2.pdbx_DOI'                
2 4 'Structure model' '_database_2.pdbx_database_accession' 
# 
_pdbx_database_status.status_code                     REL 
_pdbx_database_status.entry_id                        1ZMS 
_pdbx_database_status.recvd_initial_deposition_date   2005-05-10 
_pdbx_database_status.deposit_site                    RCSB 
_pdbx_database_status.process_site                    RCSB 
_pdbx_database_status.status_code_sf                  REL 
_pdbx_database_status.status_code_mr                  ? 
_pdbx_database_status.SG_entry                        ? 
_pdbx_database_status.pdb_format_compatible           Y 
_pdbx_database_status.status_code_cs                  ? 
_pdbx_database_status.status_code_nmr_data            ? 
_pdbx_database_status.methods_development_category    ? 
# 
loop_
_audit_author.name 
_audit_author.pdbx_ordinal 
'Wu, S.D.'           1  
'Xie, P.'            2  
'Welsh, K.'          3  
'Li, C.'             4  
'Ni, C.-Z.'          5  
'Zhu, X.'            6  
'Reed, J.C.'         7  
'Satterthwait, A.C.' 8  
'Bishop, G.A.'       9  
'Ely, K.R.'          10 
# 
_citation.id                        primary 
_citation.title                     
'LMP1 protein from the Epstein Barr virus is a structural CD40 decoy in B lymphocytes fro binding to TRAF3' 
_citation.journal_abbrev            J.Biol.Chem. 
_citation.journal_volume            39 
_citation.page_first                33620 
_citation.page_last                 33626 
_citation.year                      2005 
_citation.journal_id_ASTM           JBCHA3 
_citation.country                   US 
_citation.journal_id_ISSN           0021-9258 
_citation.journal_id_CSD            0071 
_citation.book_publisher            ? 
_citation.pdbx_database_id_PubMed   16009714 
_citation.pdbx_database_id_DOI      10.1074/jbc.M502511200 
# 
loop_
_citation_author.citation_id 
_citation_author.name 
_citation_author.ordinal 
_citation_author.identifier_ORCID 
primary 'Wu, S.D.'           1  ? 
primary 'Xie, P.'            2  ? 
primary 'Welsh, K.'          3  ? 
primary 'Li, C.'             4  ? 
primary 'Ni, C.-Z.'          5  ? 
primary 'Zhu, X.'            6  ? 
primary 'Reed, J.C.'         7  ? 
primary 'Satterthwait, A.C.' 8  ? 
primary 'Bishop, G.A.'       9  ? 
primary 'Ely, K.R.'          10 ? 
# 
loop_
_entity.id 
_entity.type 
_entity.src_method 
_entity.pdbx_description 
_entity.formula_weight 
_entity.pdbx_number_of_molecules 
_entity.pdbx_ec 
_entity.pdbx_mutation 
_entity.pdbx_fragment 
_entity.details 
1 polymer man 'TNF receptor associated factor 3' 21833.135 1 ? ? 'Sequence database residues 377-568' ? 
2 polymer syn 'Latent membrane protein 1'        911.892   1 ? ? 'Residues 203-210'                   ? 
# 
loop_
_entity_name_com.entity_id 
_entity_name_com.name 
1 'CD40 receptor associated factor 1, CRAF1, CD40 binding protein, CD40BP, LMP1 associated protein, LAP1, CAP-1' 
2 'LMP-1, Protein p63'                                                                                           
# 
loop_
_entity_poly.entity_id 
_entity_poly.type 
_entity_poly.nstd_linkage 
_entity_poly.nstd_monomer 
_entity_poly.pdbx_seq_one_letter_code 
_entity_poly.pdbx_seq_one_letter_code_can 
_entity_poly.pdbx_strand_id 
_entity_poly.pdbx_target_identifier 
1 'polypeptide(L)' no no 
;NTGLLESQLSRHDQMLSVHDIRLADMDLRFQVLETASYNGVLIWKIRDYKRRKQEAVMGKTLSLYSQPFYTGYFGYKMCA
RVYLNGDGMGKGTHLSLFFVIMRGEYDALLPWPFKQKVTLMLMDQGSSRRHLGDAFKPDPNSSSFKKPTGEMNIASGCPV
FVAQTVLENGTYIKDDTIFIKVIVDTSDLPDP
;
;NTGLLESQLSRHDQMLSVHDIRLADMDLRFQVLETASYNGVLIWKIRDYKRRKQEAVMGKTLSLYSQPFYTGYFGYKMCA
RVYLNGDGMGKGTHLSLFFVIMRGEYDALLPWPFKQKVTLMLMDQGSSRRHLGDAFKPDPNSSSFKKPTGEMNIASGCPV
FVAQTVLENGTYIKDDTIFIKVIVDTSDLPDP
;
A ? 
2 'polypeptide(L)' no no HPQQATDD HPQQATDD B ? 
# 
loop_
_entity_poly_seq.entity_id 
_entity_poly_seq.num 
_entity_poly_seq.mon_id 
_entity_poly_seq.hetero 
1 1   ASN n 
1 2   THR n 
1 3   GLY n 
1 4   LEU n 
1 5   LEU n 
1 6   GLU n 
1 7   SER n 
1 8   GLN n 
1 9   LEU n 
1 10  SER n 
1 11  ARG n 
1 12  HIS n 
1 13  ASP n 
1 14  GLN n 
1 15  MET n 
1 16  LEU n 
1 17  SER n 
1 18  VAL n 
1 19  HIS n 
1 20  ASP n 
1 21  ILE n 
1 22  ARG n 
1 23  LEU n 
1 24  ALA n 
1 25  ASP n 
1 26  MET n 
1 27  ASP n 
1 28  LEU n 
1 29  ARG n 
1 30  PHE n 
1 31  GLN n 
1 32  VAL n 
1 33  LEU n 
1 34  GLU n 
1 35  THR n 
1 36  ALA n 
1 37  SER n 
1 38  TYR n 
1 39  ASN n 
1 40  GLY n 
1 41  VAL n 
1 42  LEU n 
1 43  ILE n 
1 44  TRP n 
1 45  LYS n 
1 46  ILE n 
1 47  ARG n 
1 48  ASP n 
1 49  TYR n 
1 50  LYS n 
1 51  ARG n 
1 52  ARG n 
1 53  LYS n 
1 54  GLN n 
1 55  GLU n 
1 56  ALA n 
1 57  VAL n 
1 58  MET n 
1 59  GLY n 
1 60  LYS n 
1 61  THR n 
1 62  LEU n 
1 63  SER n 
1 64  LEU n 
1 65  TYR n 
1 66  SER n 
1 67  GLN n 
1 68  PRO n 
1 69  PHE n 
1 70  TYR n 
1 71  THR n 
1 72  GLY n 
1 73  TYR n 
1 74  PHE n 
1 75  GLY n 
1 76  TYR n 
1 77  LYS n 
1 78  MET n 
1 79  CYS n 
1 80  ALA n 
1 81  ARG n 
1 82  VAL n 
1 83  TYR n 
1 84  LEU n 
1 85  ASN n 
1 86  GLY n 
1 87  ASP n 
1 88  GLY n 
1 89  MET n 
1 90  GLY n 
1 91  LYS n 
1 92  GLY n 
1 93  THR n 
1 94  HIS n 
1 95  LEU n 
1 96  SER n 
1 97  LEU n 
1 98  PHE n 
1 99  PHE n 
1 100 VAL n 
1 101 ILE n 
1 102 MET n 
1 103 ARG n 
1 104 GLY n 
1 105 GLU n 
1 106 TYR n 
1 107 ASP n 
1 108 ALA n 
1 109 LEU n 
1 110 LEU n 
1 111 PRO n 
1 112 TRP n 
1 113 PRO n 
1 114 PHE n 
1 115 LYS n 
1 116 GLN n 
1 117 LYS n 
1 118 VAL n 
1 119 THR n 
1 120 LEU n 
1 121 MET n 
1 122 LEU n 
1 123 MET n 
1 124 ASP n 
1 125 GLN n 
1 126 GLY n 
1 127 SER n 
1 128 SER n 
1 129 ARG n 
1 130 ARG n 
1 131 HIS n 
1 132 LEU n 
1 133 GLY n 
1 134 ASP n 
1 135 ALA n 
1 136 PHE n 
1 137 LYS n 
1 138 PRO n 
1 139 ASP n 
1 140 PRO n 
1 141 ASN n 
1 142 SER n 
1 143 SER n 
1 144 SER n 
1 145 PHE n 
1 146 LYS n 
1 147 LYS n 
1 148 PRO n 
1 149 THR n 
1 150 GLY n 
1 151 GLU n 
1 152 MET n 
1 153 ASN n 
1 154 ILE n 
1 155 ALA n 
1 156 SER n 
1 157 GLY n 
1 158 CYS n 
1 159 PRO n 
1 160 VAL n 
1 161 PHE n 
1 162 VAL n 
1 163 ALA n 
1 164 GLN n 
1 165 THR n 
1 166 VAL n 
1 167 LEU n 
1 168 GLU n 
1 169 ASN n 
1 170 GLY n 
1 171 THR n 
1 172 TYR n 
1 173 ILE n 
1 174 LYS n 
1 175 ASP n 
1 176 ASP n 
1 177 THR n 
1 178 ILE n 
1 179 PHE n 
1 180 ILE n 
1 181 LYS n 
1 182 VAL n 
1 183 ILE n 
1 184 VAL n 
1 185 ASP n 
1 186 THR n 
1 187 SER n 
1 188 ASP n 
1 189 LEU n 
1 190 PRO n 
1 191 ASP n 
1 192 PRO n 
2 1   HIS n 
2 2   PRO n 
2 3   GLN n 
2 4   GLN n 
2 5   ALA n 
2 6   THR n 
2 7   ASP n 
2 8   ASP n 
# 
_entity_src_gen.entity_id                          1 
_entity_src_gen.pdbx_src_id                        1 
_entity_src_gen.pdbx_alt_source_flag               sample 
_entity_src_gen.pdbx_seq_type                      ? 
_entity_src_gen.pdbx_beg_seq_num                   ? 
_entity_src_gen.pdbx_end_seq_num                   ? 
_entity_src_gen.gene_src_common_name               human 
_entity_src_gen.gene_src_genus                     Homo 
_entity_src_gen.pdbx_gene_src_gene                 'TRAF3, CAP1, CRAF1' 
_entity_src_gen.gene_src_species                   ? 
_entity_src_gen.gene_src_strain                    ? 
_entity_src_gen.gene_src_tissue                    ? 
_entity_src_gen.gene_src_tissue_fraction           ? 
_entity_src_gen.gene_src_details                   ? 
_entity_src_gen.pdbx_gene_src_fragment             ? 
_entity_src_gen.pdbx_gene_src_scientific_name      'Homo sapiens' 
_entity_src_gen.pdbx_gene_src_ncbi_taxonomy_id     9606 
_entity_src_gen.pdbx_gene_src_variant              ? 
_entity_src_gen.pdbx_gene_src_cell_line            ? 
_entity_src_gen.pdbx_gene_src_atcc                 ? 
_entity_src_gen.pdbx_gene_src_organ                ? 
_entity_src_gen.pdbx_gene_src_organelle            ? 
_entity_src_gen.pdbx_gene_src_cell                 ? 
_entity_src_gen.pdbx_gene_src_cellular_location    ? 
_entity_src_gen.host_org_common_name               ? 
_entity_src_gen.pdbx_host_org_scientific_name      'Escherichia coli BL21(DE3)' 
_entity_src_gen.pdbx_host_org_ncbi_taxonomy_id     469008 
_entity_src_gen.host_org_genus                     Escherichia 
_entity_src_gen.pdbx_host_org_gene                 ? 
_entity_src_gen.pdbx_host_org_organ                ? 
_entity_src_gen.host_org_species                   'Escherichia coli' 
_entity_src_gen.pdbx_host_org_tissue               ? 
_entity_src_gen.pdbx_host_org_tissue_fraction      ? 
_entity_src_gen.pdbx_host_org_strain               'BL21(DE3)' 
_entity_src_gen.pdbx_host_org_variant              ? 
_entity_src_gen.pdbx_host_org_cell_line            ? 
_entity_src_gen.pdbx_host_org_atcc                 ? 
_entity_src_gen.pdbx_host_org_culture_collection   ? 
_entity_src_gen.pdbx_host_org_cell                 ? 
_entity_src_gen.pdbx_host_org_organelle            ? 
_entity_src_gen.pdbx_host_org_cellular_location    ? 
_entity_src_gen.pdbx_host_org_vector_type          PLASMID 
_entity_src_gen.pdbx_host_org_vector               pET21b 
_entity_src_gen.host_org_details                   ? 
_entity_src_gen.expression_system_id               ? 
_entity_src_gen.plasmid_name                       ? 
_entity_src_gen.plasmid_details                    ? 
_entity_src_gen.pdbx_description                   ? 
# 
_pdbx_entity_src_syn.entity_id              2 
_pdbx_entity_src_syn.pdbx_src_id            1 
_pdbx_entity_src_syn.pdbx_alt_source_flag   sample 
_pdbx_entity_src_syn.pdbx_beg_seq_num       ? 
_pdbx_entity_src_syn.pdbx_end_seq_num       ? 
_pdbx_entity_src_syn.organism_scientific    ? 
_pdbx_entity_src_syn.organism_common_name   ? 
_pdbx_entity_src_syn.ncbi_taxonomy_id       ? 
_pdbx_entity_src_syn.details                'This sequence occurs naturally in the Latent Membrane Protein I of Epstein Barr Virus' 
# 
loop_
_chem_comp.id 
_chem_comp.type 
_chem_comp.mon_nstd_flag 
_chem_comp.name 
_chem_comp.pdbx_synonyms 
_chem_comp.formula 
_chem_comp.formula_weight 
ALA 'L-peptide linking' y ALANINE         ? 'C3 H7 N O2'     89.093  
ARG 'L-peptide linking' y ARGININE        ? 'C6 H15 N4 O2 1' 175.209 
ASN 'L-peptide linking' y ASPARAGINE      ? 'C4 H8 N2 O3'    132.118 
ASP 'L-peptide linking' y 'ASPARTIC ACID' ? 'C4 H7 N O4'     133.103 
CYS 'L-peptide linking' y CYSTEINE        ? 'C3 H7 N O2 S'   121.158 
GLN 'L-peptide linking' y GLUTAMINE       ? 'C5 H10 N2 O3'   146.144 
GLU 'L-peptide linking' y 'GLUTAMIC ACID' ? 'C5 H9 N O4'     147.129 
GLY 'peptide linking'   y GLYCINE         ? 'C2 H5 N O2'     75.067  
HIS 'L-peptide linking' y HISTIDINE       ? 'C6 H10 N3 O2 1' 156.162 
ILE 'L-peptide linking' y ISOLEUCINE      ? 'C6 H13 N O2'    131.173 
LEU 'L-peptide linking' y LEUCINE         ? 'C6 H13 N O2'    131.173 
LYS 'L-peptide linking' y LYSINE          ? 'C6 H15 N2 O2 1' 147.195 
MET 'L-peptide linking' y METHIONINE      ? 'C5 H11 N O2 S'  149.211 
PHE 'L-peptide linking' y PHENYLALANINE   ? 'C9 H11 N O2'    165.189 
PRO 'L-peptide linking' y PROLINE         ? 'C5 H9 N O2'     115.130 
SER 'L-peptide linking' y SERINE          ? 'C3 H7 N O3'     105.093 
THR 'L-peptide linking' y THREONINE       ? 'C4 H9 N O3'     119.119 
TRP 'L-peptide linking' y TRYPTOPHAN      ? 'C11 H12 N2 O2'  204.225 
TYR 'L-peptide linking' y TYROSINE        ? 'C9 H11 N O3'    181.189 
VAL 'L-peptide linking' y VALINE          ? 'C5 H11 N O2'    117.146 
# 
loop_
_pdbx_poly_seq_scheme.asym_id 
_pdbx_poly_seq_scheme.entity_id 
_pdbx_poly_seq_scheme.seq_id 
_pdbx_poly_seq_scheme.mon_id 
_pdbx_poly_seq_scheme.ndb_seq_num 
_pdbx_poly_seq_scheme.pdb_seq_num 
_pdbx_poly_seq_scheme.auth_seq_num 
_pdbx_poly_seq_scheme.pdb_mon_id 
_pdbx_poly_seq_scheme.auth_mon_id 
_pdbx_poly_seq_scheme.pdb_strand_id 
_pdbx_poly_seq_scheme.pdb_ins_code 
_pdbx_poly_seq_scheme.hetero 
A 1 1   ASN 1   313 313 ASN ASN A . n 
A 1 2   THR 2   314 314 THR THR A . n 
A 1 3   GLY 3   315 315 GLY GLY A . n 
A 1 4   LEU 4   316 316 LEU LEU A . n 
A 1 5   LEU 5   317 317 LEU LEU A . n 
A 1 6   GLU 6   318 318 GLU GLU A . n 
A 1 7   SER 7   319 319 SER SER A . n 
A 1 8   GLN 8   320 320 GLN GLN A . n 
A 1 9   LEU 9   321 321 LEU LEU A . n 
A 1 10  SER 10  322 322 SER SER A . n 
A 1 11  ARG 11  323 323 ARG ARG A . n 
A 1 12  HIS 12  324 324 HIS HIS A . n 
A 1 13  ASP 13  325 325 ASP ASP A . n 
A 1 14  GLN 14  326 326 GLN GLN A . n 
A 1 15  MET 15  327 327 MET MET A . n 
A 1 16  LEU 16  328 328 LEU LEU A . n 
A 1 17  SER 17  329 329 SER SER A . n 
A 1 18  VAL 18  330 330 VAL VAL A . n 
A 1 19  HIS 19  331 331 HIS HIS A . n 
A 1 20  ASP 20  332 332 ASP ASP A . n 
A 1 21  ILE 21  333 333 ILE ILE A . n 
A 1 22  ARG 22  334 334 ARG ARG A . n 
A 1 23  LEU 23  335 335 LEU LEU A . n 
A 1 24  ALA 24  336 336 ALA ALA A . n 
A 1 25  ASP 25  337 337 ASP ASP A . n 
A 1 26  MET 26  338 338 MET MET A . n 
A 1 27  ASP 27  339 339 ASP ASP A . n 
A 1 28  LEU 28  340 340 LEU LEU A . n 
A 1 29  ARG 29  341 341 ARG ARG A . n 
A 1 30  PHE 30  342 342 PHE PHE A . n 
A 1 31  GLN 31  343 343 GLN GLN A . n 
A 1 32  VAL 32  344 344 VAL VAL A . n 
A 1 33  LEU 33  345 345 LEU LEU A . n 
A 1 34  GLU 34  346 346 GLU GLU A . n 
A 1 35  THR 35  347 347 THR THR A . n 
A 1 36  ALA 36  348 348 ALA ALA A . n 
A 1 37  SER 37  349 349 SER SER A . n 
A 1 38  TYR 38  350 350 TYR TYR A . n 
A 1 39  ASN 39  351 351 ASN ASN A . n 
A 1 40  GLY 40  352 352 GLY GLY A . n 
A 1 41  VAL 41  353 353 VAL VAL A . n 
A 1 42  LEU 42  354 354 LEU LEU A . n 
A 1 43  ILE 43  355 355 ILE ILE A . n 
A 1 44  TRP 44  356 356 TRP TRP A . n 
A 1 45  LYS 45  357 357 LYS LYS A . n 
A 1 46  ILE 46  358 358 ILE ILE A . n 
A 1 47  ARG 47  359 359 ARG ARG A . n 
A 1 48  ASP 48  360 360 ASP ASP A . n 
A 1 49  TYR 49  361 361 TYR TYR A . n 
A 1 50  LYS 50  362 362 LYS LYS A . n 
A 1 51  ARG 51  363 363 ARG ARG A . n 
A 1 52  ARG 52  364 364 ARG ARG A . n 
A 1 53  LYS 53  365 365 LYS LYS A . n 
A 1 54  GLN 54  366 366 GLN GLN A . n 
A 1 55  GLU 55  367 367 GLU GLU A . n 
A 1 56  ALA 56  368 368 ALA ALA A . n 
A 1 57  VAL 57  369 369 VAL VAL A . n 
A 1 58  MET 58  370 370 MET MET A . n 
A 1 59  GLY 59  371 371 GLY GLY A . n 
A 1 60  LYS 60  372 372 LYS LYS A . n 
A 1 61  THR 61  373 373 THR THR A . n 
A 1 62  LEU 62  374 374 LEU LEU A . n 
A 1 63  SER 63  375 375 SER SER A . n 
A 1 64  LEU 64  376 376 LEU LEU A . n 
A 1 65  TYR 65  377 377 TYR TYR A . n 
A 1 66  SER 66  378 378 SER SER A . n 
A 1 67  GLN 67  379 379 GLN GLN A . n 
A 1 68  PRO 68  380 380 PRO PRO A . n 
A 1 69  PHE 69  381 381 PHE PHE A . n 
A 1 70  TYR 70  382 382 TYR TYR A . n 
A 1 71  THR 71  383 383 THR THR A . n 
A 1 72  GLY 72  384 384 GLY GLY A . n 
A 1 73  TYR 73  385 385 TYR TYR A . n 
A 1 74  PHE 74  386 386 PHE PHE A . n 
A 1 75  GLY 75  387 387 GLY GLY A . n 
A 1 76  TYR 76  388 388 TYR TYR A . n 
A 1 77  LYS 77  389 389 LYS LYS A . n 
A 1 78  MET 78  390 390 MET MET A . n 
A 1 79  CYS 79  391 391 CYS CYS A . n 
A 1 80  ALA 80  392 392 ALA ALA A . n 
A 1 81  ARG 81  393 393 ARG ARG A . n 
A 1 82  VAL 82  394 394 VAL VAL A . n 
A 1 83  TYR 83  395 395 TYR TYR A . n 
A 1 84  LEU 84  396 396 LEU LEU A . n 
A 1 85  ASN 85  397 397 ASN ASN A . n 
A 1 86  GLY 86  398 398 GLY GLY A . n 
A 1 87  ASP 87  399 399 ASP ASP A . n 
A 1 88  GLY 88  400 400 GLY GLY A . n 
A 1 89  MET 89  401 401 MET MET A . n 
A 1 90  GLY 90  402 402 GLY GLY A . n 
A 1 91  LYS 91  403 403 LYS LYS A . n 
A 1 92  GLY 92  404 404 GLY GLY A . n 
A 1 93  THR 93  405 405 THR THR A . n 
A 1 94  HIS 94  406 406 HIS HIS A . n 
A 1 95  LEU 95  407 407 LEU LEU A . n 
A 1 96  SER 96  408 408 SER SER A . n 
A 1 97  LEU 97  409 409 LEU LEU A . n 
A 1 98  PHE 98  410 410 PHE PHE A . n 
A 1 99  PHE 99  411 411 PHE PHE A . n 
A 1 100 VAL 100 412 412 VAL VAL A . n 
A 1 101 ILE 101 413 413 ILE ILE A . n 
A 1 102 MET 102 414 414 MET MET A . n 
A 1 103 ARG 103 415 415 ARG ARG A . n 
A 1 104 GLY 104 416 416 GLY GLY A . n 
A 1 105 GLU 105 417 417 GLU GLU A . n 
A 1 106 TYR 106 418 418 TYR TYR A . n 
A 1 107 ASP 107 419 419 ASP ASP A . n 
A 1 108 ALA 108 420 420 ALA ALA A . n 
A 1 109 LEU 109 421 421 LEU LEU A . n 
A 1 110 LEU 110 422 422 LEU LEU A . n 
A 1 111 PRO 111 423 423 PRO PRO A . n 
A 1 112 TRP 112 424 424 TRP TRP A . n 
A 1 113 PRO 113 425 425 PRO PRO A . n 
A 1 114 PHE 114 426 426 PHE PHE A . n 
A 1 115 LYS 115 427 427 LYS LYS A . n 
A 1 116 GLN 116 428 428 GLN GLN A . n 
A 1 117 LYS 117 429 429 LYS LYS A . n 
A 1 118 VAL 118 430 430 VAL VAL A . n 
A 1 119 THR 119 431 431 THR THR A . n 
A 1 120 LEU 120 432 432 LEU LEU A . n 
A 1 121 MET 121 433 433 MET MET A . n 
A 1 122 LEU 122 434 434 LEU LEU A . n 
A 1 123 MET 123 435 435 MET MET A . n 
A 1 124 ASP 124 436 436 ASP ASP A . n 
A 1 125 GLN 125 437 437 GLN GLN A . n 
A 1 126 GLY 126 438 438 GLY GLY A . n 
A 1 127 SER 127 439 439 SER SER A . n 
A 1 128 SER 128 440 440 SER SER A . n 
A 1 129 ARG 129 441 441 ARG ARG A . n 
A 1 130 ARG 130 442 442 ARG ARG A . n 
A 1 131 HIS 131 443 443 HIS HIS A . n 
A 1 132 LEU 132 444 444 LEU LEU A . n 
A 1 133 GLY 133 445 445 GLY GLY A . n 
A 1 134 ASP 134 446 446 ASP ASP A . n 
A 1 135 ALA 135 447 447 ALA ALA A . n 
A 1 136 PHE 136 448 448 PHE PHE A . n 
A 1 137 LYS 137 449 449 LYS LYS A . n 
A 1 138 PRO 138 450 450 PRO PRO A . n 
A 1 139 ASP 139 451 451 ASP ASP A . n 
A 1 140 PRO 140 452 452 PRO PRO A . n 
A 1 141 ASN 141 453 453 ASN ASN A . n 
A 1 142 SER 142 454 454 SER SER A . n 
A 1 143 SER 143 455 455 SER SER A . n 
A 1 144 SER 144 456 456 SER SER A . n 
A 1 145 PHE 145 457 457 PHE PHE A . n 
A 1 146 LYS 146 458 458 LYS LYS A . n 
A 1 147 LYS 147 459 459 LYS LYS A . n 
A 1 148 PRO 148 460 460 PRO PRO A . n 
A 1 149 THR 149 461 461 THR THR A . n 
A 1 150 GLY 150 462 462 GLY GLY A . n 
A 1 151 GLU 151 463 463 GLU GLU A . n 
A 1 152 MET 152 464 464 MET MET A . n 
A 1 153 ASN 153 465 465 ASN ASN A . n 
A 1 154 ILE 154 466 466 ILE ILE A . n 
A 1 155 ALA 155 467 467 ALA ALA A . n 
A 1 156 SER 156 468 468 SER SER A . n 
A 1 157 GLY 157 469 469 GLY GLY A . n 
A 1 158 CYS 158 470 470 CYS CYS A . n 
A 1 159 PRO 159 471 471 PRO PRO A . n 
A 1 160 VAL 160 472 472 VAL VAL A . n 
A 1 161 PHE 161 473 473 PHE PHE A . n 
A 1 162 VAL 162 474 474 VAL VAL A . n 
A 1 163 ALA 163 475 475 ALA ALA A . n 
A 1 164 GLN 164 476 476 GLN GLN A . n 
A 1 165 THR 165 477 477 THR THR A . n 
A 1 166 VAL 166 478 478 VAL VAL A . n 
A 1 167 LEU 167 479 479 LEU LEU A . n 
A 1 168 GLU 168 480 480 GLU GLU A . n 
A 1 169 ASN 169 481 481 ASN ASN A . n 
A 1 170 GLY 170 482 482 GLY GLY A . n 
A 1 171 THR 171 483 483 THR THR A . n 
A 1 172 TYR 172 484 484 TYR TYR A . n 
A 1 173 ILE 173 485 485 ILE ILE A . n 
A 1 174 LYS 174 486 486 LYS LYS A . n 
A 1 175 ASP 175 487 487 ASP ASP A . n 
A 1 176 ASP 176 488 488 ASP ASP A . n 
A 1 177 THR 177 489 489 THR THR A . n 
A 1 178 ILE 178 490 490 ILE ILE A . n 
A 1 179 PHE 179 491 491 PHE PHE A . n 
A 1 180 ILE 180 492 492 ILE ILE A . n 
A 1 181 LYS 181 493 493 LYS LYS A . n 
A 1 182 VAL 182 494 494 VAL VAL A . n 
A 1 183 ILE 183 495 495 ILE ILE A . n 
A 1 184 VAL 184 496 496 VAL VAL A . n 
A 1 185 ASP 185 497 497 ASP ASP A . n 
A 1 186 THR 186 498 498 THR THR A . n 
A 1 187 SER 187 499 499 SER SER A . n 
A 1 188 ASP 188 500 500 ASP ASP A . n 
A 1 189 LEU 189 501 501 LEU LEU A . n 
A 1 190 PRO 190 502 502 PRO PRO A . n 
A 1 191 ASP 191 503 503 ASP ASP A . n 
A 1 192 PRO 192 504 504 PRO PRO A . n 
B 2 1   HIS 1   203 ?   ?   ?   B . n 
B 2 2   PRO 2   204 204 PRO PRO B . n 
B 2 3   GLN 3   205 205 GLN GLN B . n 
B 2 4   GLN 4   206 206 GLN GLN B . n 
B 2 5   ALA 5   207 207 ALA ALA B . n 
B 2 6   THR 6   208 208 THR THR B . n 
B 2 7   ASP 7   209 209 ASP ASP B . n 
B 2 8   ASP 8   210 210 ASP ASP B . n 
# 
loop_
_software.name 
_software.classification 
_software.version 
_software.citation_id 
_software.pdbx_ordinal 
CNS       refinement       1.0 ? 1 
DENZO     'data reduction' .   ? 2 
SCALEPACK 'data scaling'   .   ? 3 
CNS       phasing          .   ? 4 
# 
_cell.entry_id           1ZMS 
_cell.length_a           83.670 
_cell.length_b           83.670 
_cell.length_c           77.960 
_cell.angle_alpha        90.00 
_cell.angle_beta         90.00 
_cell.angle_gamma        120.00 
_cell.Z_PDB              6 
_cell.pdbx_unique_axis   ? 
# 
_symmetry.entry_id                         1ZMS 
_symmetry.space_group_name_H-M             'P 3 2 1' 
_symmetry.pdbx_full_space_group_name_H-M   ? 
_symmetry.cell_setting                     ? 
_symmetry.Int_Tables_number                150 
_symmetry.space_group_name_Hall            ? 
# 
_exptl.entry_id          1ZMS 
_exptl.method            'X-RAY DIFFRACTION' 
_exptl.crystals_number   1 
# 
_exptl_crystal.id                    1 
_exptl_crystal.density_meas          ? 
_exptl_crystal.density_Matthews      3.44 
_exptl_crystal.density_percent_sol   64.3 
_exptl_crystal.description           ? 
_exptl_crystal.F_000                 ? 
_exptl_crystal.preparation           ? 
# 
_exptl_crystal_grow.crystal_id      1 
_exptl_crystal_grow.method          'VAPOR DIFFUSION, HANGING DROP' 
_exptl_crystal_grow.temp            298 
_exptl_crystal_grow.temp_details    ? 
_exptl_crystal_grow.pH              6.5 
_exptl_crystal_grow.pdbx_details    '15% PEG 4000, 0.1 M MES, pH 6.5, temperature 298K, VAPOR DIFFUSION, HANGING DROP' 
_exptl_crystal_grow.pdbx_pH_range   . 
# 
_diffrn.id                     1 
_diffrn.ambient_temp           ? 
_diffrn.ambient_temp_details   ? 
_diffrn.crystal_id             1 
# 
_diffrn_detector.diffrn_id              1 
_diffrn_detector.detector               CCD 
_diffrn_detector.type                   'ADSC QUANTUM 4' 
_diffrn_detector.pdbx_collection_date   2004-06-08 
_diffrn_detector.details                ? 
# 
_diffrn_radiation.diffrn_id                        1 
_diffrn_radiation.wavelength_id                    1 
_diffrn_radiation.pdbx_monochromatic_or_laue_m_l   M 
_diffrn_radiation.monochromator                    ? 
_diffrn_radiation.pdbx_diffrn_protocol             'SINGLE WAVELENGTH' 
_diffrn_radiation.pdbx_scattering_type             x-ray 
# 
_diffrn_radiation_wavelength.id           1 
_diffrn_radiation_wavelength.wavelength   0.976 
_diffrn_radiation_wavelength.wt           1.0 
# 
_diffrn_source.diffrn_id                   1 
_diffrn_source.source                      SYNCHROTRON 
_diffrn_source.type                        'SSRL BEAMLINE BL11-3' 
_diffrn_source.pdbx_synchrotron_site       SSRL 
_diffrn_source.pdbx_synchrotron_beamline   BL11-3 
_diffrn_source.pdbx_wavelength             0.976 
_diffrn_source.pdbx_wavelength_list        ? 
# 
_reflns.entry_id                     1ZMS 
_reflns.observed_criterion_sigma_I   0 
_reflns.observed_criterion_sigma_F   ? 
_reflns.d_resolution_low             39 
_reflns.d_resolution_high            2.8 
_reflns.number_obs                   7836 
_reflns.number_all                   8103 
_reflns.percent_possible_obs         100 
_reflns.pdbx_Rmerge_I_obs            ? 
_reflns.pdbx_Rsym_value              0.079 
_reflns.pdbx_netI_over_sigmaI        8.6 
_reflns.B_iso_Wilson_estimate        47.3 
_reflns.pdbx_redundancy              5.6 
_reflns.R_free_details               ? 
_reflns.limit_h_max                  ? 
_reflns.limit_h_min                  ? 
_reflns.limit_k_max                  ? 
_reflns.limit_k_min                  ? 
_reflns.limit_l_max                  ? 
_reflns.limit_l_min                  ? 
_reflns.observed_criterion_F_max     ? 
_reflns.observed_criterion_F_min     ? 
_reflns.pdbx_chi_squared             ? 
_reflns.pdbx_scaling_rejects         ? 
_reflns.pdbx_diffrn_id               1 
_reflns.pdbx_ordinal                 1 
# 
_reflns_shell.d_res_high             2.8 
_reflns_shell.d_res_low              2.9 
_reflns_shell.percent_possible_all   100 
_reflns_shell.Rmerge_I_obs           ? 
_reflns_shell.pdbx_Rsym_value        0.38 
_reflns_shell.meanI_over_sigI_obs    4.0 
_reflns_shell.pdbx_redundancy        5.2 
_reflns_shell.percent_possible_obs   ? 
_reflns_shell.number_unique_all      784 
_reflns_shell.number_measured_all    ? 
_reflns_shell.number_measured_obs    ? 
_reflns_shell.number_unique_obs      ? 
_reflns_shell.pdbx_chi_squared       ? 
_reflns_shell.pdbx_diffrn_id         ? 
_reflns_shell.pdbx_ordinal           1 
# 
_refine.entry_id                                 1ZMS 
_refine.ls_number_reflns_obs                     7167 
_refine.ls_number_reflns_all                     8103 
_refine.pdbx_ls_sigma_I                          ? 
_refine.pdbx_ls_sigma_F                          2.0 
_refine.pdbx_data_cutoff_high_absF               104805.08 
_refine.pdbx_data_cutoff_low_absF                0.000000 
_refine.pdbx_data_cutoff_high_rms_absF           ? 
_refine.ls_d_res_low                             32.86 
_refine.ls_d_res_high                            2.80 
_refine.ls_percent_reflns_obs                    88.7 
_refine.ls_R_factor_obs                          0.206 
_refine.ls_R_factor_all                          ? 
_refine.ls_R_factor_R_work                       0.206 
_refine.ls_R_factor_R_free                       0.255 
_refine.ls_R_factor_R_free_error                 0.013 
_refine.ls_R_factor_R_free_error_details         ? 
_refine.ls_percent_reflns_R_free                 5.4 
_refine.ls_number_reflns_R_free                  389 
_refine.ls_number_parameters                     ? 
_refine.ls_number_restraints                     ? 
_refine.occupancy_min                            ? 
_refine.occupancy_max                            ? 
_refine.correlation_coeff_Fo_to_Fc               ? 
_refine.correlation_coeff_Fo_to_Fc_free          ? 
_refine.B_iso_mean                               42.2 
_refine.aniso_B[1][1]                            0.00 
_refine.aniso_B[2][2]                            0.00 
_refine.aniso_B[3][3]                            0.00 
_refine.aniso_B[1][2]                            0.00 
_refine.aniso_B[1][3]                            0.00 
_refine.aniso_B[2][3]                            0.00 
_refine.solvent_model_details                    'FLAT MODEL' 
_refine.solvent_model_param_ksol                 0.388601 
_refine.solvent_model_param_bsol                 36.8989 
_refine.pdbx_solvent_vdw_probe_radii             ? 
_refine.pdbx_solvent_ion_probe_radii             ? 
_refine.pdbx_solvent_shrinkage_radii             ? 
_refine.pdbx_ls_cross_valid_method               THROUGHOUT 
_refine.details                                  ? 
_refine.pdbx_starting_model                      ? 
_refine.pdbx_method_to_determine_struct          'MOLECULAR REPLACEMENT' 
_refine.pdbx_isotropic_thermal_model             RESTRAINED 
_refine.pdbx_stereochemistry_target_values       'Engh & Huber' 
_refine.pdbx_stereochem_target_val_spec_case     ? 
_refine.pdbx_R_Free_selection_details            RANDOM 
_refine.pdbx_overall_ESU_R                       ? 
_refine.pdbx_overall_ESU_R_Free                  ? 
_refine.overall_SU_ML                            ? 
_refine.overall_SU_B                             ? 
_refine.ls_redundancy_reflns_obs                 ? 
_refine.B_iso_min                                ? 
_refine.B_iso_max                                ? 
_refine.overall_SU_R_Cruickshank_DPI             ? 
_refine.overall_SU_R_free                        ? 
_refine.ls_wR_factor_R_free                      ? 
_refine.ls_wR_factor_R_work                      ? 
_refine.overall_FOM_free_R_set                   ? 
_refine.overall_FOM_work_R_set                   ? 
_refine.pdbx_refine_id                           'X-RAY DIFFRACTION' 
_refine.pdbx_diffrn_id                           1 
_refine.pdbx_TLS_residual_ADP_flag               ? 
_refine.pdbx_overall_phase_error                 ? 
_refine.pdbx_overall_SU_R_free_Cruickshank_DPI   ? 
_refine.pdbx_overall_SU_R_Blow_DPI               ? 
_refine.pdbx_overall_SU_R_free_Blow_DPI          ? 
# 
_refine_analyze.entry_id                        1ZMS 
_refine_analyze.Luzzati_coordinate_error_obs    0.32 
_refine_analyze.Luzzati_sigma_a_obs             0.32 
_refine_analyze.Luzzati_d_res_low_obs           6.00 
_refine_analyze.Luzzati_coordinate_error_free   0.42 
_refine_analyze.Luzzati_sigma_a_free            0.39 
_refine_analyze.Luzzati_d_res_low_free          ? 
_refine_analyze.number_disordered_residues      ? 
_refine_analyze.occupancy_sum_hydrogen          ? 
_refine_analyze.occupancy_sum_non_hydrogen      ? 
_refine_analyze.pdbx_Luzzati_d_res_high_obs     ? 
_refine_analyze.pdbx_refine_id                  'X-RAY DIFFRACTION' 
# 
_refine_hist.pdbx_refine_id                   'X-RAY DIFFRACTION' 
_refine_hist.cycle_id                         LAST 
_refine_hist.pdbx_number_atoms_protein        1586 
_refine_hist.pdbx_number_atoms_nucleic_acid   0 
_refine_hist.pdbx_number_atoms_ligand         0 
_refine_hist.number_atoms_solvent             0 
_refine_hist.number_atoms_total               1586 
_refine_hist.d_res_high                       2.80 
_refine_hist.d_res_low                        32.86 
# 
loop_
_refine_ls_restr.type 
_refine_ls_restr.dev_ideal 
_refine_ls_restr.dev_ideal_target 
_refine_ls_restr.weight 
_refine_ls_restr.number 
_refine_ls_restr.pdbx_refine_id 
_refine_ls_restr.pdbx_restraint_function 
c_bond_d           0.008 ? ? ? 'X-RAY DIFFRACTION' ? 
c_angle_deg        1.3   ? ? ? 'X-RAY DIFFRACTION' ? 
c_dihedral_angle_d 23.9  ? ? ? 'X-RAY DIFFRACTION' ? 
c_improper_angle_d 0.76  ? ? ? 'X-RAY DIFFRACTION' ? 
# 
_refine_ls_shell.pdbx_total_number_of_bins_used   6 
_refine_ls_shell.d_res_high                       2.80 
_refine_ls_shell.d_res_low                        2.98 
_refine_ls_shell.number_reflns_R_work             907 
_refine_ls_shell.R_factor_R_work                  0.266 
_refine_ls_shell.percent_reflns_obs               73.1 
_refine_ls_shell.R_factor_R_free                  0.27 
_refine_ls_shell.R_factor_R_free_error            0.040 
_refine_ls_shell.percent_reflns_R_free            4.7 
_refine_ls_shell.number_reflns_R_free             45 
_refine_ls_shell.number_reflns_obs                907 
_refine_ls_shell.redundancy_reflns_obs            ? 
_refine_ls_shell.number_reflns_all                ? 
_refine_ls_shell.R_factor_all                     ? 
_refine_ls_shell.pdbx_refine_id                   'X-RAY DIFFRACTION' 
# 
loop_
_pdbx_xplor_file.serial_no 
_pdbx_xplor_file.param_file 
_pdbx_xplor_file.topol_file 
_pdbx_xplor_file.pdbx_refine_id 
1 protein_rep.param protein.top 'X-RAY DIFFRACTION' 
2 water_rep.param   water.top   'X-RAY DIFFRACTION' 
3 water_rep.param   water.top   'X-RAY DIFFRACTION' 
# 
_struct.entry_id                  1ZMS 
_struct.title                     'LMP1 Protein binds to TRAF3 as a structural CD40' 
_struct.pdbx_model_details        ? 
_struct.pdbx_CASP_flag            ? 
_struct.pdbx_model_type_details   ? 
# 
_struct_keywords.entry_id        1ZMS 
_struct_keywords.pdbx_keywords   'SIGNALING PROTEIN' 
_struct_keywords.text            'CD40, NF-kB signaling, LMP1, TNF receptor, TRAF3, SIGNALING PROTEIN' 
# 
loop_
_struct_asym.id 
_struct_asym.pdbx_blank_PDB_chainid_flag 
_struct_asym.pdbx_modified 
_struct_asym.entity_id 
_struct_asym.details 
A N N 1 ? 
B N N 2 ? 
# 
loop_
_struct_ref.id 
_struct_ref.db_name 
_struct_ref.db_code 
_struct_ref.pdbx_db_accession 
_struct_ref.entity_id 
_struct_ref.pdbx_seq_one_letter_code 
_struct_ref.pdbx_align_begin 
_struct_ref.pdbx_db_isoform 
1 UNP TRAF3_HUMAN Q13114 1 
;NTGLLESQLSRHDQMLSVHDIRLADMDLRFQVLETASYNGVLIWKIRDYKRRKQEAVMGKTLSLYSQPFYTGYFGYKMCA
RVYLNGDGMGKGTHLSLFFVIMRGEYDALLPWPFKQKVTLMLMDQGSSRRHLGDAFKPDPNSSSFKKPTGEMNIASGCPV
FVAQTVLENGTYIKDDTIFIKVIVDTSDLPDP
;
377 ? 
2 UNP LMP1_EBVR   P13198 2 HPQQATDD 203 ? 
# 
loop_
_struct_ref_seq.align_id 
_struct_ref_seq.ref_id 
_struct_ref_seq.pdbx_PDB_id_code 
_struct_ref_seq.pdbx_strand_id 
_struct_ref_seq.seq_align_beg 
_struct_ref_seq.pdbx_seq_align_beg_ins_code 
_struct_ref_seq.seq_align_end 
_struct_ref_seq.pdbx_seq_align_end_ins_code 
_struct_ref_seq.pdbx_db_accession 
_struct_ref_seq.db_align_beg 
_struct_ref_seq.pdbx_db_align_beg_ins_code 
_struct_ref_seq.db_align_end 
_struct_ref_seq.pdbx_db_align_end_ins_code 
_struct_ref_seq.pdbx_auth_seq_align_beg 
_struct_ref_seq.pdbx_auth_seq_align_end 
1 1 1ZMS A 1 ? 192 ? Q13114 377 ? 568 ? 313 504 
2 2 1ZMS B 1 ? 8   ? P13198 203 ? 210 ? 203 210 
# 
loop_
_pdbx_struct_assembly.id 
_pdbx_struct_assembly.details 
_pdbx_struct_assembly.method_details 
_pdbx_struct_assembly.oligomeric_details 
_pdbx_struct_assembly.oligomeric_count 
1 author_and_software_defined_assembly PISA dimeric   2 
2 software_defined_assembly            PISA hexameric 6 
# 
loop_
_pdbx_struct_assembly_prop.biol_id 
_pdbx_struct_assembly_prop.type 
_pdbx_struct_assembly_prop.value 
_pdbx_struct_assembly_prop.details 
1 'ABSA (A^2)' 880   ? 
1 MORE         -3    ? 
1 'SSA (A^2)'  11830 ? 
2 'ABSA (A^2)' 10110 ? 
2 MORE         -54   ? 
2 'SSA (A^2)'  28000 ? 
# 
loop_
_pdbx_struct_assembly_gen.assembly_id 
_pdbx_struct_assembly_gen.oper_expression 
_pdbx_struct_assembly_gen.asym_id_list 
1 1     A,B 
2 1,2,3 A,B 
# 
loop_
_pdbx_struct_oper_list.id 
_pdbx_struct_oper_list.type 
_pdbx_struct_oper_list.name 
_pdbx_struct_oper_list.symmetry_operation 
_pdbx_struct_oper_list.matrix[1][1] 
_pdbx_struct_oper_list.matrix[1][2] 
_pdbx_struct_oper_list.matrix[1][3] 
_pdbx_struct_oper_list.vector[1] 
_pdbx_struct_oper_list.matrix[2][1] 
_pdbx_struct_oper_list.matrix[2][2] 
_pdbx_struct_oper_list.matrix[2][3] 
_pdbx_struct_oper_list.vector[2] 
_pdbx_struct_oper_list.matrix[3][1] 
_pdbx_struct_oper_list.matrix[3][2] 
_pdbx_struct_oper_list.matrix[3][3] 
_pdbx_struct_oper_list.vector[3] 
1 'identity operation'         1_555 x,y,z        1.0000000000  0.0000000000  0.0000000000  0.0000000000  0.0000000000  1.0000000000 0.0000000000 0.0000000000  0.0000000000  0.0000000000 1.0000000000  0.0000000000   
2 'crystal symmetry operation' 2_665 -y+1,x-y+1,z -0.4972310540 -0.2070451678 0.8425518248  25.0012840590 0.0800548561  0.9560178421 0.2821721204 -2.3067986502 -0.8639169515 0.2077551059 -0.4587867882 20.1915719490  
3 'crystal symmetry operation' 3_565 -x+y,-x+1,z  -0.4972310540 0.0800548561  -0.8639169515 30.0599265413 -0.2070451678 0.9560178421 0.2077551059 3.1868335512  0.8425518248  0.2821721204 -0.4587867882 -11.1503367977 
# 
_struct_biol.id                    1 
_struct_biol.pdbx_parent_biol_id   ? 
_struct_biol.details               ? 
# 
loop_
_struct_conf.conf_type_id 
_struct_conf.id 
_struct_conf.pdbx_PDB_helix_id 
_struct_conf.beg_label_comp_id 
_struct_conf.beg_label_asym_id 
_struct_conf.beg_label_seq_id 
_struct_conf.pdbx_beg_PDB_ins_code 
_struct_conf.end_label_comp_id 
_struct_conf.end_label_asym_id 
_struct_conf.end_label_seq_id 
_struct_conf.pdbx_end_PDB_ins_code 
_struct_conf.beg_auth_comp_id 
_struct_conf.beg_auth_asym_id 
_struct_conf.beg_auth_seq_id 
_struct_conf.end_auth_comp_id 
_struct_conf.end_auth_asym_id 
_struct_conf.end_auth_seq_id 
_struct_conf.pdbx_PDB_helix_class 
_struct_conf.details 
_struct_conf.pdbx_PDB_helix_length 
HELX_P HELX_P1 1 ASN A 1   ? THR A 35  ? ASN A 313 THR A 347 1 ? 35 
HELX_P HELX_P2 2 ASP A 48  ? MET A 58  ? ASP A 360 MET A 370 1 ? 11 
HELX_P HELX_P3 3 ASP A 87  ? LYS A 91  ? ASP A 399 LYS A 403 5 ? 5  
HELX_P HELX_P4 4 TYR A 106 ? LEU A 110 ? TYR A 418 LEU A 422 5 ? 5  
HELX_P HELX_P5 5 GLN A 164 ? GLY A 170 ? GLN A 476 GLY A 482 1 ? 7  
# 
_struct_conf_type.id          HELX_P 
_struct_conf_type.criteria    ? 
_struct_conf_type.reference   ? 
# 
_struct_mon_prot_cis.pdbx_id                1 
_struct_mon_prot_cis.label_comp_id          TRP 
_struct_mon_prot_cis.label_seq_id           112 
_struct_mon_prot_cis.label_asym_id          A 
_struct_mon_prot_cis.label_alt_id           . 
_struct_mon_prot_cis.pdbx_PDB_ins_code      ? 
_struct_mon_prot_cis.auth_comp_id           TRP 
_struct_mon_prot_cis.auth_seq_id            424 
_struct_mon_prot_cis.auth_asym_id           A 
_struct_mon_prot_cis.pdbx_label_comp_id_2   PRO 
_struct_mon_prot_cis.pdbx_label_seq_id_2    113 
_struct_mon_prot_cis.pdbx_label_asym_id_2   A 
_struct_mon_prot_cis.pdbx_PDB_ins_code_2    ? 
_struct_mon_prot_cis.pdbx_auth_comp_id_2    PRO 
_struct_mon_prot_cis.pdbx_auth_seq_id_2     425 
_struct_mon_prot_cis.pdbx_auth_asym_id_2    A 
_struct_mon_prot_cis.pdbx_PDB_model_num     1 
_struct_mon_prot_cis.pdbx_omega_angle       0.06 
# 
loop_
_struct_sheet.id 
_struct_sheet.type 
_struct_sheet.number_strands 
_struct_sheet.details 
A ? 4 ? 
B ? 3 ? 
C ? 5 ? 
# 
loop_
_struct_sheet_order.sheet_id 
_struct_sheet_order.range_id_1 
_struct_sheet_order.range_id_2 
_struct_sheet_order.offset 
_struct_sheet_order.sense 
A 1 2 ? anti-parallel 
A 2 3 ? anti-parallel 
A 3 4 ? anti-parallel 
B 1 2 ? anti-parallel 
B 2 3 ? anti-parallel 
C 1 2 ? anti-parallel 
C 2 3 ? anti-parallel 
C 3 4 ? anti-parallel 
C 4 5 ? anti-parallel 
# 
loop_
_struct_sheet_range.sheet_id 
_struct_sheet_range.id 
_struct_sheet_range.beg_label_comp_id 
_struct_sheet_range.beg_label_asym_id 
_struct_sheet_range.beg_label_seq_id 
_struct_sheet_range.pdbx_beg_PDB_ins_code 
_struct_sheet_range.end_label_comp_id 
_struct_sheet_range.end_label_asym_id 
_struct_sheet_range.end_label_seq_id 
_struct_sheet_range.pdbx_end_PDB_ins_code 
_struct_sheet_range.beg_auth_comp_id 
_struct_sheet_range.beg_auth_asym_id 
_struct_sheet_range.beg_auth_seq_id 
_struct_sheet_range.end_auth_comp_id 
_struct_sheet_range.end_auth_asym_id 
_struct_sheet_range.end_auth_seq_id 
A 1 VAL A 41  ? ARG A 47  ? VAL A 353 ARG A 359 
A 2 THR A 177 ? VAL A 184 ? THR A 489 VAL A 496 
A 3 VAL A 118 ? LEU A 122 ? VAL A 430 LEU A 434 
A 4 LEU A 132 ? PHE A 136 ? LEU A 444 PHE A 448 
B 1 LEU A 64  ? TYR A 65  ? LEU A 376 TYR A 377 
B 2 LYS A 77  ? TYR A 83  ? LYS A 389 TYR A 395 
B 3 PHE A 69  ? TYR A 70  ? PHE A 381 TYR A 382 
C 1 LEU A 64  ? TYR A 65  ? LEU A 376 TYR A 377 
C 2 LYS A 77  ? TYR A 83  ? LYS A 389 TYR A 395 
C 3 HIS A 94  ? MET A 102 ? HIS A 406 MET A 414 
C 4 SER A 156 ? ALA A 163 ? SER A 468 ALA A 475 
C 5 GLN B 3   ? GLN B 4   ? GLN B 205 GLN B 206 
# 
loop_
_pdbx_struct_sheet_hbond.sheet_id 
_pdbx_struct_sheet_hbond.range_id_1 
_pdbx_struct_sheet_hbond.range_id_2 
_pdbx_struct_sheet_hbond.range_1_label_atom_id 
_pdbx_struct_sheet_hbond.range_1_label_comp_id 
_pdbx_struct_sheet_hbond.range_1_label_asym_id 
_pdbx_struct_sheet_hbond.range_1_label_seq_id 
_pdbx_struct_sheet_hbond.range_1_PDB_ins_code 
_pdbx_struct_sheet_hbond.range_1_auth_atom_id 
_pdbx_struct_sheet_hbond.range_1_auth_comp_id 
_pdbx_struct_sheet_hbond.range_1_auth_asym_id 
_pdbx_struct_sheet_hbond.range_1_auth_seq_id 
_pdbx_struct_sheet_hbond.range_2_label_atom_id 
_pdbx_struct_sheet_hbond.range_2_label_comp_id 
_pdbx_struct_sheet_hbond.range_2_label_asym_id 
_pdbx_struct_sheet_hbond.range_2_label_seq_id 
_pdbx_struct_sheet_hbond.range_2_PDB_ins_code 
_pdbx_struct_sheet_hbond.range_2_auth_atom_id 
_pdbx_struct_sheet_hbond.range_2_auth_comp_id 
_pdbx_struct_sheet_hbond.range_2_auth_asym_id 
_pdbx_struct_sheet_hbond.range_2_auth_seq_id 
A 1 2 N TRP A 44  ? N TRP A 356 O ILE A 180 ? O ILE A 492 
A 2 3 O LYS A 181 ? O LYS A 493 N MET A 121 ? N MET A 433 
A 3 4 N LEU A 122 ? N LEU A 434 O LEU A 132 ? O LEU A 444 
B 1 2 N LEU A 64  ? N LEU A 376 O VAL A 82  ? O VAL A 394 
B 2 3 O MET A 78  ? O MET A 390 N PHE A 69  ? N PHE A 381 
C 1 2 N LEU A 64  ? N LEU A 376 O VAL A 82  ? O VAL A 394 
C 2 3 N ARG A 81  ? N ARG A 393 O PHE A 98  ? O PHE A 410 
C 3 4 N LEU A 97  ? N LEU A 409 O CYS A 158 ? O CYS A 470 
C 4 5 N GLY A 157 ? N GLY A 469 O GLN B 3   ? O GLN B 205 
# 
loop_
_pdbx_validate_torsion.id 
_pdbx_validate_torsion.PDB_model_num 
_pdbx_validate_torsion.auth_comp_id 
_pdbx_validate_torsion.auth_asym_id 
_pdbx_validate_torsion.auth_seq_id 
_pdbx_validate_torsion.PDB_ins_code 
_pdbx_validate_torsion.label_alt_id 
_pdbx_validate_torsion.phi 
_pdbx_validate_torsion.psi 
1 1 ARG A 441 ? ? 39.37   62.99  
2 1 ARG A 442 ? ? -102.74 69.09  
3 1 VAL A 472 ? ? -111.59 54.37  
4 1 LEU A 501 ? ? 178.65  128.76 
# 
_pdbx_unobs_or_zero_occ_residues.id               1 
_pdbx_unobs_or_zero_occ_residues.PDB_model_num    1 
_pdbx_unobs_or_zero_occ_residues.polymer_flag     Y 
_pdbx_unobs_or_zero_occ_residues.occupancy_flag   1 
_pdbx_unobs_or_zero_occ_residues.auth_asym_id     B 
_pdbx_unobs_or_zero_occ_residues.auth_comp_id     HIS 
_pdbx_unobs_or_zero_occ_residues.auth_seq_id      203 
_pdbx_unobs_or_zero_occ_residues.PDB_ins_code     ? 
_pdbx_unobs_or_zero_occ_residues.label_asym_id    B 
_pdbx_unobs_or_zero_occ_residues.label_comp_id    HIS 
_pdbx_unobs_or_zero_occ_residues.label_seq_id     1 
# 
loop_
_chem_comp_atom.comp_id 
_chem_comp_atom.atom_id 
_chem_comp_atom.type_symbol 
_chem_comp_atom.pdbx_aromatic_flag 
_chem_comp_atom.pdbx_stereo_config 
_chem_comp_atom.pdbx_ordinal 
ALA N    N N N 1   
ALA CA   C N S 2   
ALA C    C N N 3   
ALA O    O N N 4   
ALA CB   C N N 5   
ALA OXT  O N N 6   
ALA H    H N N 7   
ALA H2   H N N 8   
ALA HA   H N N 9   
ALA HB1  H N N 10  
ALA HB2  H N N 11  
ALA HB3  H N N 12  
ALA HXT  H N N 13  
ARG N    N N N 14  
ARG CA   C N S 15  
ARG C    C N N 16  
ARG O    O N N 17  
ARG CB   C N N 18  
ARG CG   C N N 19  
ARG CD   C N N 20  
ARG NE   N N N 21  
ARG CZ   C N N 22  
ARG NH1  N N N 23  
ARG NH2  N N N 24  
ARG OXT  O N N 25  
ARG H    H N N 26  
ARG H2   H N N 27  
ARG HA   H N N 28  
ARG HB2  H N N 29  
ARG HB3  H N N 30  
ARG HG2  H N N 31  
ARG HG3  H N N 32  
ARG HD2  H N N 33  
ARG HD3  H N N 34  
ARG HE   H N N 35  
ARG HH11 H N N 36  
ARG HH12 H N N 37  
ARG HH21 H N N 38  
ARG HH22 H N N 39  
ARG HXT  H N N 40  
ASN N    N N N 41  
ASN CA   C N S 42  
ASN C    C N N 43  
ASN O    O N N 44  
ASN CB   C N N 45  
ASN CG   C N N 46  
ASN OD1  O N N 47  
ASN ND2  N N N 48  
ASN OXT  O N N 49  
ASN H    H N N 50  
ASN H2   H N N 51  
ASN HA   H N N 52  
ASN HB2  H N N 53  
ASN HB3  H N N 54  
ASN HD21 H N N 55  
ASN HD22 H N N 56  
ASN HXT  H N N 57  
ASP N    N N N 58  
ASP CA   C N S 59  
ASP C    C N N 60  
ASP O    O N N 61  
ASP CB   C N N 62  
ASP CG   C N N 63  
ASP OD1  O N N 64  
ASP OD2  O N N 65  
ASP OXT  O N N 66  
ASP H    H N N 67  
ASP H2   H N N 68  
ASP HA   H N N 69  
ASP HB2  H N N 70  
ASP HB3  H N N 71  
ASP HD2  H N N 72  
ASP HXT  H N N 73  
CYS N    N N N 74  
CYS CA   C N R 75  
CYS C    C N N 76  
CYS O    O N N 77  
CYS CB   C N N 78  
CYS SG   S N N 79  
CYS OXT  O N N 80  
CYS H    H N N 81  
CYS H2   H N N 82  
CYS HA   H N N 83  
CYS HB2  H N N 84  
CYS HB3  H N N 85  
CYS HG   H N N 86  
CYS HXT  H N N 87  
GLN N    N N N 88  
GLN CA   C N S 89  
GLN C    C N N 90  
GLN O    O N N 91  
GLN CB   C N N 92  
GLN CG   C N N 93  
GLN CD   C N N 94  
GLN OE1  O N N 95  
GLN NE2  N N N 96  
GLN OXT  O N N 97  
GLN H    H N N 98  
GLN H2   H N N 99  
GLN HA   H N N 100 
GLN HB2  H N N 101 
GLN HB3  H N N 102 
GLN HG2  H N N 103 
GLN HG3  H N N 104 
GLN HE21 H N N 105 
GLN HE22 H N N 106 
GLN HXT  H N N 107 
GLU N    N N N 108 
GLU CA   C N S 109 
GLU C    C N N 110 
GLU O    O N N 111 
GLU CB   C N N 112 
GLU CG   C N N 113 
GLU CD   C N N 114 
GLU OE1  O N N 115 
GLU OE2  O N N 116 
GLU OXT  O N N 117 
GLU H    H N N 118 
GLU H2   H N N 119 
GLU HA   H N N 120 
GLU HB2  H N N 121 
GLU HB3  H N N 122 
GLU HG2  H N N 123 
GLU HG3  H N N 124 
GLU HE2  H N N 125 
GLU HXT  H N N 126 
GLY N    N N N 127 
GLY CA   C N N 128 
GLY C    C N N 129 
GLY O    O N N 130 
GLY OXT  O N N 131 
GLY H    H N N 132 
GLY H2   H N N 133 
GLY HA2  H N N 134 
GLY HA3  H N N 135 
GLY HXT  H N N 136 
HIS N    N N N 137 
HIS CA   C N S 138 
HIS C    C N N 139 
HIS O    O N N 140 
HIS CB   C N N 141 
HIS CG   C Y N 142 
HIS ND1  N Y N 143 
HIS CD2  C Y N 144 
HIS CE1  C Y N 145 
HIS NE2  N Y N 146 
HIS OXT  O N N 147 
HIS H    H N N 148 
HIS H2   H N N 149 
HIS HA   H N N 150 
HIS HB2  H N N 151 
HIS HB3  H N N 152 
HIS HD1  H N N 153 
HIS HD2  H N N 154 
HIS HE1  H N N 155 
HIS HE2  H N N 156 
HIS HXT  H N N 157 
ILE N    N N N 158 
ILE CA   C N S 159 
ILE C    C N N 160 
ILE O    O N N 161 
ILE CB   C N S 162 
ILE CG1  C N N 163 
ILE CG2  C N N 164 
ILE CD1  C N N 165 
ILE OXT  O N N 166 
ILE H    H N N 167 
ILE H2   H N N 168 
ILE HA   H N N 169 
ILE HB   H N N 170 
ILE HG12 H N N 171 
ILE HG13 H N N 172 
ILE HG21 H N N 173 
ILE HG22 H N N 174 
ILE HG23 H N N 175 
ILE HD11 H N N 176 
ILE HD12 H N N 177 
ILE HD13 H N N 178 
ILE HXT  H N N 179 
LEU N    N N N 180 
LEU CA   C N S 181 
LEU C    C N N 182 
LEU O    O N N 183 
LEU CB   C N N 184 
LEU CG   C N N 185 
LEU CD1  C N N 186 
LEU CD2  C N N 187 
LEU OXT  O N N 188 
LEU H    H N N 189 
LEU H2   H N N 190 
LEU HA   H N N 191 
LEU HB2  H N N 192 
LEU HB3  H N N 193 
LEU HG   H N N 194 
LEU HD11 H N N 195 
LEU HD12 H N N 196 
LEU HD13 H N N 197 
LEU HD21 H N N 198 
LEU HD22 H N N 199 
LEU HD23 H N N 200 
LEU HXT  H N N 201 
LYS N    N N N 202 
LYS CA   C N S 203 
LYS C    C N N 204 
LYS O    O N N 205 
LYS CB   C N N 206 
LYS CG   C N N 207 
LYS CD   C N N 208 
LYS CE   C N N 209 
LYS NZ   N N N 210 
LYS OXT  O N N 211 
LYS H    H N N 212 
LYS H2   H N N 213 
LYS HA   H N N 214 
LYS HB2  H N N 215 
LYS HB3  H N N 216 
LYS HG2  H N N 217 
LYS HG3  H N N 218 
LYS HD2  H N N 219 
LYS HD3  H N N 220 
LYS HE2  H N N 221 
LYS HE3  H N N 222 
LYS HZ1  H N N 223 
LYS HZ2  H N N 224 
LYS HZ3  H N N 225 
LYS HXT  H N N 226 
MET N    N N N 227 
MET CA   C N S 228 
MET C    C N N 229 
MET O    O N N 230 
MET CB   C N N 231 
MET CG   C N N 232 
MET SD   S N N 233 
MET CE   C N N 234 
MET OXT  O N N 235 
MET H    H N N 236 
MET H2   H N N 237 
MET HA   H N N 238 
MET HB2  H N N 239 
MET HB3  H N N 240 
MET HG2  H N N 241 
MET HG3  H N N 242 
MET HE1  H N N 243 
MET HE2  H N N 244 
MET HE3  H N N 245 
MET HXT  H N N 246 
PHE N    N N N 247 
PHE CA   C N S 248 
PHE C    C N N 249 
PHE O    O N N 250 
PHE CB   C N N 251 
PHE CG   C Y N 252 
PHE CD1  C Y N 253 
PHE CD2  C Y N 254 
PHE CE1  C Y N 255 
PHE CE2  C Y N 256 
PHE CZ   C Y N 257 
PHE OXT  O N N 258 
PHE H    H N N 259 
PHE H2   H N N 260 
PHE HA   H N N 261 
PHE HB2  H N N 262 
PHE HB3  H N N 263 
PHE HD1  H N N 264 
PHE HD2  H N N 265 
PHE HE1  H N N 266 
PHE HE2  H N N 267 
PHE HZ   H N N 268 
PHE HXT  H N N 269 
PRO N    N N N 270 
PRO CA   C N S 271 
PRO C    C N N 272 
PRO O    O N N 273 
PRO CB   C N N 274 
PRO CG   C N N 275 
PRO CD   C N N 276 
PRO OXT  O N N 277 
PRO H    H N N 278 
PRO HA   H N N 279 
PRO HB2  H N N 280 
PRO HB3  H N N 281 
PRO HG2  H N N 282 
PRO HG3  H N N 283 
PRO HD2  H N N 284 
PRO HD3  H N N 285 
PRO HXT  H N N 286 
SER N    N N N 287 
SER CA   C N S 288 
SER C    C N N 289 
SER O    O N N 290 
SER CB   C N N 291 
SER OG   O N N 292 
SER OXT  O N N 293 
SER H    H N N 294 
SER H2   H N N 295 
SER HA   H N N 296 
SER HB2  H N N 297 
SER HB3  H N N 298 
SER HG   H N N 299 
SER HXT  H N N 300 
THR N    N N N 301 
THR CA   C N S 302 
THR C    C N N 303 
THR O    O N N 304 
THR CB   C N R 305 
THR OG1  O N N 306 
THR CG2  C N N 307 
THR OXT  O N N 308 
THR H    H N N 309 
THR H2   H N N 310 
THR HA   H N N 311 
THR HB   H N N 312 
THR HG1  H N N 313 
THR HG21 H N N 314 
THR HG22 H N N 315 
THR HG23 H N N 316 
THR HXT  H N N 317 
TRP N    N N N 318 
TRP CA   C N S 319 
TRP C    C N N 320 
TRP O    O N N 321 
TRP CB   C N N 322 
TRP CG   C Y N 323 
TRP CD1  C Y N 324 
TRP CD2  C Y N 325 
TRP NE1  N Y N 326 
TRP CE2  C Y N 327 
TRP CE3  C Y N 328 
TRP CZ2  C Y N 329 
TRP CZ3  C Y N 330 
TRP CH2  C Y N 331 
TRP OXT  O N N 332 
TRP H    H N N 333 
TRP H2   H N N 334 
TRP HA   H N N 335 
TRP HB2  H N N 336 
TRP HB3  H N N 337 
TRP HD1  H N N 338 
TRP HE1  H N N 339 
TRP HE3  H N N 340 
TRP HZ2  H N N 341 
TRP HZ3  H N N 342 
TRP HH2  H N N 343 
TRP HXT  H N N 344 
TYR N    N N N 345 
TYR CA   C N S 346 
TYR C    C N N 347 
TYR O    O N N 348 
TYR CB   C N N 349 
TYR CG   C Y N 350 
TYR CD1  C Y N 351 
TYR CD2  C Y N 352 
TYR CE1  C Y N 353 
TYR CE2  C Y N 354 
TYR CZ   C Y N 355 
TYR OH   O N N 356 
TYR OXT  O N N 357 
TYR H    H N N 358 
TYR H2   H N N 359 
TYR HA   H N N 360 
TYR HB2  H N N 361 
TYR HB3  H N N 362 
TYR HD1  H N N 363 
TYR HD2  H N N 364 
TYR HE1  H N N 365 
TYR HE2  H N N 366 
TYR HH   H N N 367 
TYR HXT  H N N 368 
VAL N    N N N 369 
VAL CA   C N S 370 
VAL C    C N N 371 
VAL O    O N N 372 
VAL CB   C N N 373 
VAL CG1  C N N 374 
VAL CG2  C N N 375 
VAL OXT  O N N 376 
VAL H    H N N 377 
VAL H2   H N N 378 
VAL HA   H N N 379 
VAL HB   H N N 380 
VAL HG11 H N N 381 
VAL HG12 H N N 382 
VAL HG13 H N N 383 
VAL HG21 H N N 384 
VAL HG22 H N N 385 
VAL HG23 H N N 386 
VAL HXT  H N N 387 
# 
loop_
_chem_comp_bond.comp_id 
_chem_comp_bond.atom_id_1 
_chem_comp_bond.atom_id_2 
_chem_comp_bond.value_order 
_chem_comp_bond.pdbx_aromatic_flag 
_chem_comp_bond.pdbx_stereo_config 
_chem_comp_bond.pdbx_ordinal 
ALA N   CA   sing N N 1   
ALA N   H    sing N N 2   
ALA N   H2   sing N N 3   
ALA CA  C    sing N N 4   
ALA CA  CB   sing N N 5   
ALA CA  HA   sing N N 6   
ALA C   O    doub N N 7   
ALA C   OXT  sing N N 8   
ALA CB  HB1  sing N N 9   
ALA CB  HB2  sing N N 10  
ALA CB  HB3  sing N N 11  
ALA OXT HXT  sing N N 12  
ARG N   CA   sing N N 13  
ARG N   H    sing N N 14  
ARG N   H2   sing N N 15  
ARG CA  C    sing N N 16  
ARG CA  CB   sing N N 17  
ARG CA  HA   sing N N 18  
ARG C   O    doub N N 19  
ARG C   OXT  sing N N 20  
ARG CB  CG   sing N N 21  
ARG CB  HB2  sing N N 22  
ARG CB  HB3  sing N N 23  
ARG CG  CD   sing N N 24  
ARG CG  HG2  sing N N 25  
ARG CG  HG3  sing N N 26  
ARG CD  NE   sing N N 27  
ARG CD  HD2  sing N N 28  
ARG CD  HD3  sing N N 29  
ARG NE  CZ   sing N N 30  
ARG NE  HE   sing N N 31  
ARG CZ  NH1  sing N N 32  
ARG CZ  NH2  doub N N 33  
ARG NH1 HH11 sing N N 34  
ARG NH1 HH12 sing N N 35  
ARG NH2 HH21 sing N N 36  
ARG NH2 HH22 sing N N 37  
ARG OXT HXT  sing N N 38  
ASN N   CA   sing N N 39  
ASN N   H    sing N N 40  
ASN N   H2   sing N N 41  
ASN CA  C    sing N N 42  
ASN CA  CB   sing N N 43  
ASN CA  HA   sing N N 44  
ASN C   O    doub N N 45  
ASN C   OXT  sing N N 46  
ASN CB  CG   sing N N 47  
ASN CB  HB2  sing N N 48  
ASN CB  HB3  sing N N 49  
ASN CG  OD1  doub N N 50  
ASN CG  ND2  sing N N 51  
ASN ND2 HD21 sing N N 52  
ASN ND2 HD22 sing N N 53  
ASN OXT HXT  sing N N 54  
ASP N   CA   sing N N 55  
ASP N   H    sing N N 56  
ASP N   H2   sing N N 57  
ASP CA  C    sing N N 58  
ASP CA  CB   sing N N 59  
ASP CA  HA   sing N N 60  
ASP C   O    doub N N 61  
ASP C   OXT  sing N N 62  
ASP CB  CG   sing N N 63  
ASP CB  HB2  sing N N 64  
ASP CB  HB3  sing N N 65  
ASP CG  OD1  doub N N 66  
ASP CG  OD2  sing N N 67  
ASP OD2 HD2  sing N N 68  
ASP OXT HXT  sing N N 69  
CYS N   CA   sing N N 70  
CYS N   H    sing N N 71  
CYS N   H2   sing N N 72  
CYS CA  C    sing N N 73  
CYS CA  CB   sing N N 74  
CYS CA  HA   sing N N 75  
CYS C   O    doub N N 76  
CYS C   OXT  sing N N 77  
CYS CB  SG   sing N N 78  
CYS CB  HB2  sing N N 79  
CYS CB  HB3  sing N N 80  
CYS SG  HG   sing N N 81  
CYS OXT HXT  sing N N 82  
GLN N   CA   sing N N 83  
GLN N   H    sing N N 84  
GLN N   H2   sing N N 85  
GLN CA  C    sing N N 86  
GLN CA  CB   sing N N 87  
GLN CA  HA   sing N N 88  
GLN C   O    doub N N 89  
GLN C   OXT  sing N N 90  
GLN CB  CG   sing N N 91  
GLN CB  HB2  sing N N 92  
GLN CB  HB3  sing N N 93  
GLN CG  CD   sing N N 94  
GLN CG  HG2  sing N N 95  
GLN CG  HG3  sing N N 96  
GLN CD  OE1  doub N N 97  
GLN CD  NE2  sing N N 98  
GLN NE2 HE21 sing N N 99  
GLN NE2 HE22 sing N N 100 
GLN OXT HXT  sing N N 101 
GLU N   CA   sing N N 102 
GLU N   H    sing N N 103 
GLU N   H2   sing N N 104 
GLU CA  C    sing N N 105 
GLU CA  CB   sing N N 106 
GLU CA  HA   sing N N 107 
GLU C   O    doub N N 108 
GLU C   OXT  sing N N 109 
GLU CB  CG   sing N N 110 
GLU CB  HB2  sing N N 111 
GLU CB  HB3  sing N N 112 
GLU CG  CD   sing N N 113 
GLU CG  HG2  sing N N 114 
GLU CG  HG3  sing N N 115 
GLU CD  OE1  doub N N 116 
GLU CD  OE2  sing N N 117 
GLU OE2 HE2  sing N N 118 
GLU OXT HXT  sing N N 119 
GLY N   CA   sing N N 120 
GLY N   H    sing N N 121 
GLY N   H2   sing N N 122 
GLY CA  C    sing N N 123 
GLY CA  HA2  sing N N 124 
GLY CA  HA3  sing N N 125 
GLY C   O    doub N N 126 
GLY C   OXT  sing N N 127 
GLY OXT HXT  sing N N 128 
HIS N   CA   sing N N 129 
HIS N   H    sing N N 130 
HIS N   H2   sing N N 131 
HIS CA  C    sing N N 132 
HIS CA  CB   sing N N 133 
HIS CA  HA   sing N N 134 
HIS C   O    doub N N 135 
HIS C   OXT  sing N N 136 
HIS CB  CG   sing N N 137 
HIS CB  HB2  sing N N 138 
HIS CB  HB3  sing N N 139 
HIS CG  ND1  sing Y N 140 
HIS CG  CD2  doub Y N 141 
HIS ND1 CE1  doub Y N 142 
HIS ND1 HD1  sing N N 143 
HIS CD2 NE2  sing Y N 144 
HIS CD2 HD2  sing N N 145 
HIS CE1 NE2  sing Y N 146 
HIS CE1 HE1  sing N N 147 
HIS NE2 HE2  sing N N 148 
HIS OXT HXT  sing N N 149 
ILE N   CA   sing N N 150 
ILE N   H    sing N N 151 
ILE N   H2   sing N N 152 
ILE CA  C    sing N N 153 
ILE CA  CB   sing N N 154 
ILE CA  HA   sing N N 155 
ILE C   O    doub N N 156 
ILE C   OXT  sing N N 157 
ILE CB  CG1  sing N N 158 
ILE CB  CG2  sing N N 159 
ILE CB  HB   sing N N 160 
ILE CG1 CD1  sing N N 161 
ILE CG1 HG12 sing N N 162 
ILE CG1 HG13 sing N N 163 
ILE CG2 HG21 sing N N 164 
ILE CG2 HG22 sing N N 165 
ILE CG2 HG23 sing N N 166 
ILE CD1 HD11 sing N N 167 
ILE CD1 HD12 sing N N 168 
ILE CD1 HD13 sing N N 169 
ILE OXT HXT  sing N N 170 
LEU N   CA   sing N N 171 
LEU N   H    sing N N 172 
LEU N   H2   sing N N 173 
LEU CA  C    sing N N 174 
LEU CA  CB   sing N N 175 
LEU CA  HA   sing N N 176 
LEU C   O    doub N N 177 
LEU C   OXT  sing N N 178 
LEU CB  CG   sing N N 179 
LEU CB  HB2  sing N N 180 
LEU CB  HB3  sing N N 181 
LEU CG  CD1  sing N N 182 
LEU CG  CD2  sing N N 183 
LEU CG  HG   sing N N 184 
LEU CD1 HD11 sing N N 185 
LEU CD1 HD12 sing N N 186 
LEU CD1 HD13 sing N N 187 
LEU CD2 HD21 sing N N 188 
LEU CD2 HD22 sing N N 189 
LEU CD2 HD23 sing N N 190 
LEU OXT HXT  sing N N 191 
LYS N   CA   sing N N 192 
LYS N   H    sing N N 193 
LYS N   H2   sing N N 194 
LYS CA  C    sing N N 195 
LYS CA  CB   sing N N 196 
LYS CA  HA   sing N N 197 
LYS C   O    doub N N 198 
LYS C   OXT  sing N N 199 
LYS CB  CG   sing N N 200 
LYS CB  HB2  sing N N 201 
LYS CB  HB3  sing N N 202 
LYS CG  CD   sing N N 203 
LYS CG  HG2  sing N N 204 
LYS CG  HG3  sing N N 205 
LYS CD  CE   sing N N 206 
LYS CD  HD2  sing N N 207 
LYS CD  HD3  sing N N 208 
LYS CE  NZ   sing N N 209 
LYS CE  HE2  sing N N 210 
LYS CE  HE3  sing N N 211 
LYS NZ  HZ1  sing N N 212 
LYS NZ  HZ2  sing N N 213 
LYS NZ  HZ3  sing N N 214 
LYS OXT HXT  sing N N 215 
MET N   CA   sing N N 216 
MET N   H    sing N N 217 
MET N   H2   sing N N 218 
MET CA  C    sing N N 219 
MET CA  CB   sing N N 220 
MET CA  HA   sing N N 221 
MET C   O    doub N N 222 
MET C   OXT  sing N N 223 
MET CB  CG   sing N N 224 
MET CB  HB2  sing N N 225 
MET CB  HB3  sing N N 226 
MET CG  SD   sing N N 227 
MET CG  HG2  sing N N 228 
MET CG  HG3  sing N N 229 
MET SD  CE   sing N N 230 
MET CE  HE1  sing N N 231 
MET CE  HE2  sing N N 232 
MET CE  HE3  sing N N 233 
MET OXT HXT  sing N N 234 
PHE N   CA   sing N N 235 
PHE N   H    sing N N 236 
PHE N   H2   sing N N 237 
PHE CA  C    sing N N 238 
PHE CA  CB   sing N N 239 
PHE CA  HA   sing N N 240 
PHE C   O    doub N N 241 
PHE C   OXT  sing N N 242 
PHE CB  CG   sing N N 243 
PHE CB  HB2  sing N N 244 
PHE CB  HB3  sing N N 245 
PHE CG  CD1  doub Y N 246 
PHE CG  CD2  sing Y N 247 
PHE CD1 CE1  sing Y N 248 
PHE CD1 HD1  sing N N 249 
PHE CD2 CE2  doub Y N 250 
PHE CD2 HD2  sing N N 251 
PHE CE1 CZ   doub Y N 252 
PHE CE1 HE1  sing N N 253 
PHE CE2 CZ   sing Y N 254 
PHE CE2 HE2  sing N N 255 
PHE CZ  HZ   sing N N 256 
PHE OXT HXT  sing N N 257 
PRO N   CA   sing N N 258 
PRO N   CD   sing N N 259 
PRO N   H    sing N N 260 
PRO CA  C    sing N N 261 
PRO CA  CB   sing N N 262 
PRO CA  HA   sing N N 263 
PRO C   O    doub N N 264 
PRO C   OXT  sing N N 265 
PRO CB  CG   sing N N 266 
PRO CB  HB2  sing N N 267 
PRO CB  HB3  sing N N 268 
PRO CG  CD   sing N N 269 
PRO CG  HG2  sing N N 270 
PRO CG  HG3  sing N N 271 
PRO CD  HD2  sing N N 272 
PRO CD  HD3  sing N N 273 
PRO OXT HXT  sing N N 274 
SER N   CA   sing N N 275 
SER N   H    sing N N 276 
SER N   H2   sing N N 277 
SER CA  C    sing N N 278 
SER CA  CB   sing N N 279 
SER CA  HA   sing N N 280 
SER C   O    doub N N 281 
SER C   OXT  sing N N 282 
SER CB  OG   sing N N 283 
SER CB  HB2  sing N N 284 
SER CB  HB3  sing N N 285 
SER OG  HG   sing N N 286 
SER OXT HXT  sing N N 287 
THR N   CA   sing N N 288 
THR N   H    sing N N 289 
THR N   H2   sing N N 290 
THR CA  C    sing N N 291 
THR CA  CB   sing N N 292 
THR CA  HA   sing N N 293 
THR C   O    doub N N 294 
THR C   OXT  sing N N 295 
THR CB  OG1  sing N N 296 
THR CB  CG2  sing N N 297 
THR CB  HB   sing N N 298 
THR OG1 HG1  sing N N 299 
THR CG2 HG21 sing N N 300 
THR CG2 HG22 sing N N 301 
THR CG2 HG23 sing N N 302 
THR OXT HXT  sing N N 303 
TRP N   CA   sing N N 304 
TRP N   H    sing N N 305 
TRP N   H2   sing N N 306 
TRP CA  C    sing N N 307 
TRP CA  CB   sing N N 308 
TRP CA  HA   sing N N 309 
TRP C   O    doub N N 310 
TRP C   OXT  sing N N 311 
TRP CB  CG   sing N N 312 
TRP CB  HB2  sing N N 313 
TRP CB  HB3  sing N N 314 
TRP CG  CD1  doub Y N 315 
TRP CG  CD2  sing Y N 316 
TRP CD1 NE1  sing Y N 317 
TRP CD1 HD1  sing N N 318 
TRP CD2 CE2  doub Y N 319 
TRP CD2 CE3  sing Y N 320 
TRP NE1 CE2  sing Y N 321 
TRP NE1 HE1  sing N N 322 
TRP CE2 CZ2  sing Y N 323 
TRP CE3 CZ3  doub Y N 324 
TRP CE3 HE3  sing N N 325 
TRP CZ2 CH2  doub Y N 326 
TRP CZ2 HZ2  sing N N 327 
TRP CZ3 CH2  sing Y N 328 
TRP CZ3 HZ3  sing N N 329 
TRP CH2 HH2  sing N N 330 
TRP OXT HXT  sing N N 331 
TYR N   CA   sing N N 332 
TYR N   H    sing N N 333 
TYR N   H2   sing N N 334 
TYR CA  C    sing N N 335 
TYR CA  CB   sing N N 336 
TYR CA  HA   sing N N 337 
TYR C   O    doub N N 338 
TYR C   OXT  sing N N 339 
TYR CB  CG   sing N N 340 
TYR CB  HB2  sing N N 341 
TYR CB  HB3  sing N N 342 
TYR CG  CD1  doub Y N 343 
TYR CG  CD2  sing Y N 344 
TYR CD1 CE1  sing Y N 345 
TYR CD1 HD1  sing N N 346 
TYR CD2 CE2  doub Y N 347 
TYR CD2 HD2  sing N N 348 
TYR CE1 CZ   doub Y N 349 
TYR CE1 HE1  sing N N 350 
TYR CE2 CZ   sing Y N 351 
TYR CE2 HE2  sing N N 352 
TYR CZ  OH   sing N N 353 
TYR OH  HH   sing N N 354 
TYR OXT HXT  sing N N 355 
VAL N   CA   sing N N 356 
VAL N   H    sing N N 357 
VAL N   H2   sing N N 358 
VAL CA  C    sing N N 359 
VAL CA  CB   sing N N 360 
VAL CA  HA   sing N N 361 
VAL C   O    doub N N 362 
VAL C   OXT  sing N N 363 
VAL CB  CG1  sing N N 364 
VAL CB  CG2  sing N N 365 
VAL CB  HB   sing N N 366 
VAL CG1 HG11 sing N N 367 
VAL CG1 HG12 sing N N 368 
VAL CG1 HG13 sing N N 369 
VAL CG2 HG21 sing N N 370 
VAL CG2 HG22 sing N N 371 
VAL CG2 HG23 sing N N 372 
VAL OXT HXT  sing N N 373 
# 
_atom_sites.entry_id                    1ZMS 
_atom_sites.fract_transf_matrix[1][1]   0.01368240 
_atom_sites.fract_transf_matrix[1][2]   0.00029742 
_atom_sites.fract_transf_matrix[1][3]   0.00177868 
_atom_sites.fract_transf_matrix[2][1]   0.00831596 
_atom_sites.fract_transf_matrix[2][2]   0.00217907 
_atom_sites.fract_transf_matrix[2][3]   -0.01079649 
_atom_sites.fract_transf_matrix[3][1]   -0.00055111 
_atom_sites.fract_transf_matrix[3][2]   0.01263755 
_atom_sites.fract_transf_matrix[3][3]   0.00212617 
_atom_sites.fract_transf_vector[1]      0.076747 
_atom_sites.fract_transf_vector[2]      0.545953 
_atom_sites.fract_transf_vector[3]      0.236112 
# 
loop_
_atom_type.symbol 
C 
N 
O 
S 
# 
loop_
_atom_site.group_PDB 
_atom_site.id 
_atom_site.type_symbol 
_atom_site.label_atom_id 
_atom_site.label_alt_id 
_atom_site.label_comp_id 
_atom_site.label_asym_id 
_atom_site.label_entity_id 
_atom_site.label_seq_id 
_atom_site.pdbx_PDB_ins_code 
_atom_site.Cartn_x 
_atom_site.Cartn_y 
_atom_site.Cartn_z 
_atom_site.occupancy 
_atom_site.B_iso_or_equiv 
_atom_site.pdbx_formal_charge 
_atom_site.auth_seq_id 
_atom_site.auth_comp_id 
_atom_site.auth_asym_id 
_atom_site.auth_atom_id 
_atom_site.pdbx_PDB_model_num 
ATOM 1    N N   . ASN A 1 1   ? 19.623  -50.797 3.302   1.00 66.02  ? 313 ASN A N   1 
ATOM 2    C CA  . ASN A 1 1   ? 18.498  -50.972 2.334   1.00 66.24  ? 313 ASN A CA  1 
ATOM 3    C C   . ASN A 1 1   ? 18.450  -49.815 1.318   1.00 65.10  ? 313 ASN A C   1 
ATOM 4    O O   . ASN A 1 1   ? 19.245  -48.875 1.387   1.00 65.02  ? 313 ASN A O   1 
ATOM 5    C CB  . ASN A 1 1   ? 17.167  -51.047 3.105   1.00 67.37  ? 313 ASN A CB  1 
ATOM 6    C CG  . ASN A 1 1   ? 16.015  -51.596 2.256   1.00 68.47  ? 313 ASN A CG  1 
ATOM 7    O OD1 . ASN A 1 1   ? 14.842  -51.413 2.596   1.00 68.29  ? 313 ASN A OD1 1 
ATOM 8    N ND2 . ASN A 1 1   ? 16.347  -52.281 1.162   1.00 67.75  ? 313 ASN A ND2 1 
ATOM 9    N N   . THR A 1 2   ? 17.526  -49.908 0.361   1.00 63.99  ? 314 THR A N   1 
ATOM 10   C CA  . THR A 1 2   ? 17.325  -48.872 -0.657  1.00 60.37  ? 314 THR A CA  1 
ATOM 11   C C   . THR A 1 2   ? 16.304  -47.879 -0.087  1.00 56.79  ? 314 THR A C   1 
ATOM 12   O O   . THR A 1 2   ? 16.215  -46.727 -0.526  1.00 55.22  ? 314 THR A O   1 
ATOM 13   C CB  . THR A 1 2   ? 16.776  -49.476 -1.983  1.00 61.71  ? 314 THR A CB  1 
ATOM 14   O OG1 . THR A 1 2   ? 16.355  -48.419 -2.853  1.00 62.12  ? 314 THR A OG1 1 
ATOM 15   C CG2 . THR A 1 2   ? 15.589  -50.409 -1.710  1.00 62.43  ? 314 THR A CG2 1 
ATOM 16   N N   . GLY A 1 3   ? 15.542  -48.358 0.898   1.00 52.72  ? 315 GLY A N   1 
ATOM 17   C CA  . GLY A 1 3   ? 14.546  -47.538 1.561   1.00 46.28  ? 315 GLY A CA  1 
ATOM 18   C C   . GLY A 1 3   ? 15.259  -46.414 2.274   1.00 41.80  ? 315 GLY A C   1 
ATOM 19   O O   . GLY A 1 3   ? 14.651  -45.409 2.616   1.00 41.13  ? 315 GLY A O   1 
ATOM 20   N N   . LEU A 1 4   ? 16.557  -46.604 2.502   1.00 37.50  ? 316 LEU A N   1 
ATOM 21   C CA  . LEU A 1 4   ? 17.405  -45.605 3.143   1.00 33.69  ? 316 LEU A CA  1 
ATOM 22   C C   . LEU A 1 4   ? 17.748  -44.518 2.120   1.00 32.89  ? 316 LEU A C   1 
ATOM 23   O O   . LEU A 1 4   ? 17.655  -43.322 2.410   1.00 31.06  ? 316 LEU A O   1 
ATOM 24   C CB  . LEU A 1 4   ? 18.695  -46.254 3.646   1.00 32.28  ? 316 LEU A CB  1 
ATOM 25   C CG  . LEU A 1 4   ? 18.819  -46.732 5.096   1.00 30.60  ? 316 LEU A CG  1 
ATOM 26   C CD1 . LEU A 1 4   ? 17.600  -47.539 5.500   1.00 31.55  ? 316 LEU A CD1 1 
ATOM 27   C CD2 . LEU A 1 4   ? 20.092  -47.556 5.239   1.00 26.94  ? 316 LEU A CD2 1 
ATOM 28   N N   . LEU A 1 5   ? 18.150  -44.948 0.924   1.00 31.33  ? 317 LEU A N   1 
ATOM 29   C CA  . LEU A 1 5   ? 18.491  -44.020 -0.151  1.00 30.23  ? 317 LEU A CA  1 
ATOM 30   C C   . LEU A 1 5   ? 17.283  -43.178 -0.496  1.00 28.91  ? 317 LEU A C   1 
ATOM 31   O O   . LEU A 1 5   ? 17.377  -41.965 -0.651  1.00 29.60  ? 317 LEU A O   1 
ATOM 32   C CB  . LEU A 1 5   ? 18.930  -44.774 -1.407  1.00 30.95  ? 317 LEU A CB  1 
ATOM 33   C CG  . LEU A 1 5   ? 20.247  -45.560 -1.371  1.00 31.27  ? 317 LEU A CG  1 
ATOM 34   C CD1 . LEU A 1 5   ? 20.333  -46.459 -2.596  1.00 27.62  ? 317 LEU A CD1 1 
ATOM 35   C CD2 . LEU A 1 5   ? 21.430  -44.593 -1.309  1.00 28.99  ? 317 LEU A CD2 1 
ATOM 36   N N   . GLU A 1 6   ? 16.137  -43.831 -0.614  1.00 28.54  ? 318 GLU A N   1 
ATOM 37   C CA  . GLU A 1 6   ? 14.910  -43.123 -0.952  1.00 28.39  ? 318 GLU A CA  1 
ATOM 38   C C   . GLU A 1 6   ? 14.464  -42.172 0.160   1.00 26.68  ? 318 GLU A C   1 
ATOM 39   O O   . GLU A 1 6   ? 13.940  -41.095 -0.118  1.00 25.42  ? 318 GLU A O   1 
ATOM 40   C CB  . GLU A 1 6   ? 13.818  -44.134 -1.289  1.00 30.82  ? 318 GLU A CB  1 
ATOM 41   C CG  . GLU A 1 6   ? 14.304  -45.180 -2.293  1.00 36.28  ? 318 GLU A CG  1 
ATOM 42   C CD  . GLU A 1 6   ? 13.197  -46.058 -2.837  1.00 39.22  ? 318 GLU A CD  1 
ATOM 43   O OE1 . GLU A 1 6   ? 13.530  -47.071 -3.494  1.00 39.67  ? 318 GLU A OE1 1 
ATOM 44   O OE2 . GLU A 1 6   ? 12.002  -45.734 -2.617  1.00 41.45  ? 318 GLU A OE2 1 
ATOM 45   N N   . SER A 1 7   ? 14.683  -42.557 1.414   1.00 25.34  ? 319 SER A N   1 
ATOM 46   C CA  . SER A 1 7   ? 14.313  -41.702 2.534   1.00 25.29  ? 319 SER A CA  1 
ATOM 47   C C   . SER A 1 7   ? 15.174  -40.455 2.490   1.00 26.51  ? 319 SER A C   1 
ATOM 48   O O   . SER A 1 7   ? 14.685  -39.335 2.656   1.00 27.03  ? 319 SER A O   1 
ATOM 49   C CB  . SER A 1 7   ? 14.551  -42.417 3.851   1.00 25.29  ? 319 SER A CB  1 
ATOM 50   O OG  . SER A 1 7   ? 13.855  -43.644 3.870   1.00 30.36  ? 319 SER A OG  1 
ATOM 51   N N   . GLN A 1 8   ? 16.467  -40.656 2.259   1.00 26.25  ? 320 GLN A N   1 
ATOM 52   C CA  . GLN A 1 8   ? 17.395  -39.549 2.194   1.00 24.42  ? 320 GLN A CA  1 
ATOM 53   C C   . GLN A 1 8   ? 17.025  -38.626 1.039   1.00 24.54  ? 320 GLN A C   1 
ATOM 54   O O   . GLN A 1 8   ? 17.020  -37.398 1.200   1.00 26.01  ? 320 GLN A O   1 
ATOM 55   C CB  . GLN A 1 8   ? 18.818  -40.071 2.049   1.00 23.52  ? 320 GLN A CB  1 
ATOM 56   C CG  . GLN A 1 8   ? 19.281  -40.888 3.237   1.00 24.83  ? 320 GLN A CG  1 
ATOM 57   C CD  . GLN A 1 8   ? 19.122  -40.148 4.561   1.00 27.25  ? 320 GLN A CD  1 
ATOM 58   O OE1 . GLN A 1 8   ? 19.555  -39.005 4.708   1.00 28.76  ? 320 GLN A OE1 1 
ATOM 59   N NE2 . GLN A 1 8   ? 18.503  -40.807 5.536   1.00 29.71  ? 320 GLN A NE2 1 
ATOM 60   N N   . LEU A 1 9   ? 16.710  -39.201 -0.119  1.00 22.69  ? 321 LEU A N   1 
ATOM 61   C CA  . LEU A 1 9   ? 16.315  -38.383 -1.264  1.00 23.31  ? 321 LEU A CA  1 
ATOM 62   C C   . LEU A 1 9   ? 15.119  -37.514 -0.869  1.00 23.53  ? 321 LEU A C   1 
ATOM 63   O O   . LEU A 1 9   ? 15.099  -36.297 -1.083  1.00 25.01  ? 321 LEU A O   1 
ATOM 64   C CB  . LEU A 1 9   ? 15.934  -39.269 -2.440  1.00 23.15  ? 321 LEU A CB  1 
ATOM 65   C CG  . LEU A 1 9   ? 17.050  -39.850 -3.317  1.00 24.05  ? 321 LEU A CG  1 
ATOM 66   C CD1 . LEU A 1 9   ? 16.439  -40.862 -4.306  1.00 24.41  ? 321 LEU A CD1 1 
ATOM 67   C CD2 . LEU A 1 9   ? 17.758  -38.729 -4.073  1.00 21.45  ? 321 LEU A CD2 1 
ATOM 68   N N   . SER A 1 10  ? 14.127  -38.162 -0.276  1.00 23.38  ? 322 SER A N   1 
ATOM 69   C CA  . SER A 1 10  ? 12.921  -37.506 0.189   1.00 23.02  ? 322 SER A CA  1 
ATOM 70   C C   . SER A 1 10  ? 13.242  -36.341 1.133   1.00 22.67  ? 322 SER A C   1 
ATOM 71   O O   . SER A 1 10  ? 12.701  -35.250 0.991   1.00 20.35  ? 322 SER A O   1 
ATOM 72   C CB  . SER A 1 10  ? 12.053  -38.540 0.899   1.00 24.69  ? 322 SER A CB  1 
ATOM 73   O OG  . SER A 1 10  ? 10.899  -37.951 1.472   1.00 32.04  ? 322 SER A OG  1 
ATOM 74   N N   . ARG A 1 11  ? 14.118  -36.588 2.104   1.00 24.07  ? 323 ARG A N   1 
ATOM 75   C CA  . ARG A 1 11  ? 14.516  -35.562 3.060   1.00 25.58  ? 323 ARG A CA  1 
ATOM 76   C C   . ARG A 1 11  ? 15.057  -34.367 2.283   1.00 26.92  ? 323 ARG A C   1 
ATOM 77   O O   . ARG A 1 11  ? 14.641  -33.225 2.497   1.00 27.18  ? 323 ARG A O   1 
ATOM 78   C CB  . ARG A 1 11  ? 15.617  -36.094 3.987   1.00 27.20  ? 323 ARG A CB  1 
ATOM 79   C CG  . ARG A 1 11  ? 15.187  -36.352 5.423   1.00 31.67  ? 323 ARG A CG  1 
ATOM 80   C CD  . ARG A 1 11  ? 16.383  -36.514 6.388   1.00 34.61  ? 323 ARG A CD  1 
ATOM 81   N NE  . ARG A 1 11  ? 17.294  -35.371 6.339   1.00 36.24  ? 323 ARG A NE  1 
ATOM 82   C CZ  . ARG A 1 11  ? 18.540  -35.427 5.864   1.00 40.54  ? 323 ARG A CZ  1 
ATOM 83   N NH1 . ARG A 1 11  ? 19.036  -36.574 5.407   1.00 38.77  ? 323 ARG A NH1 1 
ATOM 84   N NH2 . ARG A 1 11  ? 19.290  -34.326 5.811   1.00 42.40  ? 323 ARG A NH2 1 
ATOM 85   N N   . HIS A 1 12  ? 15.988  -34.644 1.371   1.00 26.53  ? 324 HIS A N   1 
ATOM 86   C CA  . HIS A 1 12  ? 16.604  -33.599 0.571   1.00 26.74  ? 324 HIS A CA  1 
ATOM 87   C C   . HIS A 1 12  ? 15.589  -32.818 -0.227  1.00 26.57  ? 324 HIS A C   1 
ATOM 88   O O   . HIS A 1 12  ? 15.563  -31.582 -0.168  1.00 24.48  ? 324 HIS A O   1 
ATOM 89   C CB  . HIS A 1 12  ? 17.647  -34.194 -0.378  1.00 28.33  ? 324 HIS A CB  1 
ATOM 90   C CG  . HIS A 1 12  ? 18.869  -34.714 0.314   1.00 29.68  ? 324 HIS A CG  1 
ATOM 91   N ND1 . HIS A 1 12  ? 19.045  -34.633 1.680   1.00 29.37  ? 324 HIS A ND1 1 
ATOM 92   C CD2 . HIS A 1 12  ? 19.973  -35.329 -0.171  1.00 28.89  ? 324 HIS A CD2 1 
ATOM 93   C CE1 . HIS A 1 12  ? 20.205  -35.176 2.004   1.00 29.37  ? 324 HIS A CE1 1 
ATOM 94   N NE2 . HIS A 1 12  ? 20.788  -35.606 0.899   1.00 27.30  ? 324 HIS A NE2 1 
ATOM 95   N N   . ASP A 1 13  ? 14.758  -33.537 -0.980  1.00 27.17  ? 325 ASP A N   1 
ATOM 96   C CA  . ASP A 1 13  ? 13.733  -32.892 -1.798  1.00 28.65  ? 325 ASP A CA  1 
ATOM 97   C C   . ASP A 1 13  ? 12.878  -31.956 -0.946  1.00 29.01  ? 325 ASP A C   1 
ATOM 98   O O   . ASP A 1 13  ? 12.632  -30.808 -1.313  1.00 28.55  ? 325 ASP A O   1 
ATOM 99   C CB  . ASP A 1 13  ? 12.848  -33.939 -2.459  1.00 29.61  ? 325 ASP A CB  1 
ATOM 100  C CG  . ASP A 1 13  ? 11.906  -33.337 -3.488  1.00 33.45  ? 325 ASP A CG  1 
ATOM 101  O OD1 . ASP A 1 13  ? 10.760  -32.969 -3.119  1.00 34.16  ? 325 ASP A OD1 1 
ATOM 102  O OD2 . ASP A 1 13  ? 12.323  -33.224 -4.669  1.00 35.40  ? 325 ASP A OD2 1 
ATOM 103  N N   . GLN A 1 14  ? 12.443  -32.456 0.202   1.00 28.23  ? 326 GLN A N   1 
ATOM 104  C CA  . GLN A 1 14  ? 11.628  -31.676 1.106   1.00 28.68  ? 326 GLN A CA  1 
ATOM 105  C C   . GLN A 1 14  ? 12.361  -30.382 1.446   1.00 28.23  ? 326 GLN A C   1 
ATOM 106  O O   . GLN A 1 14  ? 11.808  -29.290 1.302   1.00 28.25  ? 326 GLN A O   1 
ATOM 107  C CB  . GLN A 1 14  ? 11.340  -32.508 2.361   1.00 32.21  ? 326 GLN A CB  1 
ATOM 108  C CG  . GLN A 1 14  ? 10.246  -31.978 3.277   1.00 38.32  ? 326 GLN A CG  1 
ATOM 109  C CD  . GLN A 1 14  ? 10.729  -30.879 4.227   1.00 44.04  ? 326 GLN A CD  1 
ATOM 110  O OE1 . GLN A 1 14  ? 11.762  -31.033 4.896   1.00 46.76  ? 326 GLN A OE1 1 
ATOM 111  N NE2 . GLN A 1 14  ? 9.974   -29.773 4.304   1.00 42.92  ? 326 GLN A NE2 1 
ATOM 112  N N   . MET A 1 15  ? 13.616  -30.488 1.871   1.00 27.82  ? 327 MET A N   1 
ATOM 113  C CA  . MET A 1 15  ? 14.369  -29.288 2.225   1.00 27.23  ? 327 MET A CA  1 
ATOM 114  C C   . MET A 1 15  ? 14.636  -28.357 1.045   1.00 25.06  ? 327 MET A C   1 
ATOM 115  O O   . MET A 1 15  ? 14.620  -27.134 1.198   1.00 24.41  ? 327 MET A O   1 
ATOM 116  C CB  . MET A 1 15  ? 15.684  -29.660 2.897   1.00 30.11  ? 327 MET A CB  1 
ATOM 117  C CG  . MET A 1 15  ? 16.584  -28.464 3.113   1.00 35.31  ? 327 MET A CG  1 
ATOM 118  S SD  . MET A 1 15  ? 17.767  -28.685 4.449   1.00 47.47  ? 327 MET A SD  1 
ATOM 119  C CE  . MET A 1 15  ? 18.319  -30.485 4.210   1.00 43.19  ? 327 MET A CE  1 
ATOM 120  N N   . LEU A 1 16  ? 14.897  -28.927 -0.125  1.00 23.07  ? 328 LEU A N   1 
ATOM 121  C CA  . LEU A 1 16  ? 15.127  -28.118 -1.316  1.00 22.66  ? 328 LEU A CA  1 
ATOM 122  C C   . LEU A 1 16  ? 13.889  -27.248 -1.569  1.00 23.89  ? 328 LEU A C   1 
ATOM 123  O O   . LEU A 1 16  ? 14.002  -26.085 -1.971  1.00 22.95  ? 328 LEU A O   1 
ATOM 124  C CB  . LEU A 1 16  ? 15.405  -29.031 -2.519  1.00 20.70  ? 328 LEU A CB  1 
ATOM 125  C CG  . LEU A 1 16  ? 16.875  -29.398 -2.773  1.00 16.16  ? 328 LEU A CG  1 
ATOM 126  C CD1 . LEU A 1 16  ? 17.004  -30.553 -3.748  1.00 10.29  ? 328 LEU A CD1 1 
ATOM 127  C CD2 . LEU A 1 16  ? 17.587  -28.166 -3.303  1.00 12.30  ? 328 LEU A CD2 1 
ATOM 128  N N   . SER A 1 17  ? 12.712  -27.828 -1.317  1.00 25.39  ? 329 SER A N   1 
ATOM 129  C CA  . SER A 1 17  ? 11.427  -27.145 -1.470  1.00 26.42  ? 329 SER A CA  1 
ATOM 130  C C   . SER A 1 17  ? 11.405  -25.919 -0.578  1.00 26.20  ? 329 SER A C   1 
ATOM 131  O O   . SER A 1 17  ? 11.175  -24.807 -1.038  1.00 27.51  ? 329 SER A O   1 
ATOM 132  C CB  . SER A 1 17  ? 10.273  -28.058 -1.050  1.00 28.93  ? 329 SER A CB  1 
ATOM 133  O OG  . SER A 1 17  ? 10.076  -29.126 -1.963  1.00 34.54  ? 329 SER A OG  1 
ATOM 134  N N   . VAL A 1 18  ? 11.628  -26.146 0.712   1.00 26.24  ? 330 VAL A N   1 
ATOM 135  C CA  . VAL A 1 18  ? 11.657  -25.075 1.705   1.00 26.42  ? 330 VAL A CA  1 
ATOM 136  C C   . VAL A 1 18  ? 12.588  -23.975 1.249   1.00 27.10  ? 330 VAL A C   1 
ATOM 137  O O   . VAL A 1 18  ? 12.185  -22.823 1.133   1.00 28.67  ? 330 VAL A O   1 
ATOM 138  C CB  . VAL A 1 18  ? 12.152  -25.596 3.060   1.00 25.76  ? 330 VAL A CB  1 
ATOM 139  C CG1 . VAL A 1 18  ? 12.407  -24.439 3.995   1.00 25.72  ? 330 VAL A CG1 1 
ATOM 140  C CG2 . VAL A 1 18  ? 11.131  -26.549 3.646   1.00 23.64  ? 330 VAL A CG2 1 
ATOM 141  N N   . HIS A 1 19  ? 13.841  -24.339 1.001   1.00 28.40  ? 331 HIS A N   1 
ATOM 142  C CA  . HIS A 1 19  ? 14.851  -23.394 0.534   1.00 29.21  ? 331 HIS A CA  1 
ATOM 143  C C   . HIS A 1 19  ? 14.313  -22.486 -0.587  1.00 30.58  ? 331 HIS A C   1 
ATOM 144  O O   . HIS A 1 19  ? 14.577  -21.279 -0.593  1.00 29.78  ? 331 HIS A O   1 
ATOM 145  C CB  . HIS A 1 19  ? 16.077  -24.162 0.034   1.00 28.18  ? 331 HIS A CB  1 
ATOM 146  C CG  . HIS A 1 19  ? 17.025  -24.588 1.119   1.00 27.29  ? 331 HIS A CG  1 
ATOM 147  N ND1 . HIS A 1 19  ? 16.683  -24.598 2.454   1.00 28.83  ? 331 HIS A ND1 1 
ATOM 148  C CD2 . HIS A 1 19  ? 18.296  -25.053 1.057   1.00 26.00  ? 331 HIS A CD2 1 
ATOM 149  C CE1 . HIS A 1 19  ? 17.699  -25.052 3.168   1.00 26.10  ? 331 HIS A CE1 1 
ATOM 150  N NE2 . HIS A 1 19  ? 18.689  -25.336 2.343   1.00 26.05  ? 331 HIS A NE2 1 
ATOM 151  N N   . ASP A 1 20  ? 13.559  -23.066 -1.526  1.00 31.34  ? 332 ASP A N   1 
ATOM 152  C CA  . ASP A 1 20  ? 12.991  -22.297 -2.634  1.00 32.01  ? 332 ASP A CA  1 
ATOM 153  C C   . ASP A 1 20  ? 12.059  -21.197 -2.171  1.00 32.15  ? 332 ASP A C   1 
ATOM 154  O O   . ASP A 1 20  ? 12.071  -20.096 -2.722  1.00 33.79  ? 332 ASP A O   1 
ATOM 155  C CB  . ASP A 1 20  ? 12.227  -23.201 -3.593  1.00 34.86  ? 332 ASP A CB  1 
ATOM 156  C CG  . ASP A 1 20  ? 12.996  -23.474 -4.868  1.00 37.38  ? 332 ASP A CG  1 
ATOM 157  O OD1 . ASP A 1 20  ? 13.375  -22.510 -5.563  1.00 37.81  ? 332 ASP A OD1 1 
ATOM 158  O OD2 . ASP A 1 20  ? 13.224  -24.659 -5.179  1.00 40.79  ? 332 ASP A OD2 1 
ATOM 159  N N   . ILE A 1 21  ? 11.228  -21.496 -1.183  1.00 30.91  ? 333 ILE A N   1 
ATOM 160  C CA  . ILE A 1 21  ? 10.322  -20.486 -0.663  1.00 31.54  ? 333 ILE A CA  1 
ATOM 161  C C   . ILE A 1 21  ? 11.168  -19.442 0.071   1.00 32.51  ? 333 ILE A C   1 
ATOM 162  O O   . ILE A 1 21  ? 11.034  -18.232 -0.158  1.00 33.07  ? 333 ILE A O   1 
ATOM 163  C CB  . ILE A 1 21  ? 9.298   -21.087 0.316   1.00 31.59  ? 333 ILE A CB  1 
ATOM 164  C CG1 . ILE A 1 21  ? 8.196   -21.830 -0.458  1.00 31.36  ? 333 ILE A CG1 1 
ATOM 165  C CG2 . ILE A 1 21  ? 8.707   -19.974 1.184   1.00 30.42  ? 333 ILE A CG2 1 
ATOM 166  C CD1 . ILE A 1 21  ? 8.597   -23.175 -1.042  1.00 31.39  ? 333 ILE A CD1 1 
ATOM 167  N N   . ARG A 1 22  ? 12.038  -19.916 0.958   1.00 31.05  ? 334 ARG A N   1 
ATOM 168  C CA  . ARG A 1 22  ? 12.920  -19.030 1.697   1.00 30.60  ? 334 ARG A CA  1 
ATOM 169  C C   . ARG A 1 22  ? 13.533  -18.046 0.702   1.00 30.30  ? 334 ARG A C   1 
ATOM 170  O O   . ARG A 1 22  ? 13.515  -16.837 0.922   1.00 31.50  ? 334 ARG A O   1 
ATOM 171  C CB  . ARG A 1 22  ? 14.016  -19.845 2.374   1.00 31.56  ? 334 ARG A CB  1 
ATOM 172  C CG  . ARG A 1 22  ? 13.492  -20.810 3.417   1.00 33.94  ? 334 ARG A CG  1 
ATOM 173  C CD  . ARG A 1 22  ? 13.745  -20.278 4.811   1.00 35.45  ? 334 ARG A CD  1 
ATOM 174  N NE  . ARG A 1 22  ? 15.067  -20.655 5.308   1.00 37.20  ? 334 ARG A NE  1 
ATOM 175  C CZ  . ARG A 1 22  ? 15.806  -19.895 6.110   1.00 39.03  ? 334 ARG A CZ  1 
ATOM 176  N NH1 . ARG A 1 22  ? 15.350  -18.705 6.496   1.00 39.31  ? 334 ARG A NH1 1 
ATOM 177  N NH2 . ARG A 1 22  ? 16.987  -20.331 6.550   1.00 38.13  ? 334 ARG A NH2 1 
ATOM 178  N N   . LEU A 1 23  ? 14.056  -18.564 -0.402  1.00 28.63  ? 335 LEU A N   1 
ATOM 179  C CA  . LEU A 1 23  ? 14.663  -17.717 -1.417  1.00 30.14  ? 335 LEU A CA  1 
ATOM 180  C C   . LEU A 1 23  ? 13.678  -16.721 -2.013  1.00 32.84  ? 335 LEU A C   1 
ATOM 181  O O   . LEU A 1 23  ? 13.962  -15.521 -2.054  1.00 33.79  ? 335 LEU A O   1 
ATOM 182  C CB  . LEU A 1 23  ? 15.276  -18.575 -2.523  1.00 29.07  ? 335 LEU A CB  1 
ATOM 183  C CG  . LEU A 1 23  ? 16.668  -19.129 -2.201  1.00 28.61  ? 335 LEU A CG  1 
ATOM 184  C CD1 . LEU A 1 23  ? 16.955  -20.302 -3.082  1.00 29.87  ? 335 LEU A CD1 1 
ATOM 185  C CD2 . LEU A 1 23  ? 17.728  -18.049 -2.379  1.00 27.19  ? 335 LEU A CD2 1 
ATOM 186  N N   . ALA A 1 24  ? 12.526  -17.219 -2.471  1.00 34.47  ? 336 ALA A N   1 
ATOM 187  C CA  . ALA A 1 24  ? 11.480  -16.378 -3.062  1.00 34.62  ? 336 ALA A CA  1 
ATOM 188  C C   . ALA A 1 24  ? 11.126  -15.249 -2.104  1.00 36.22  ? 336 ALA A C   1 
ATOM 189  O O   . ALA A 1 24  ? 11.116  -14.069 -2.475  1.00 36.24  ? 336 ALA A O   1 
ATOM 190  C CB  . ALA A 1 24  ? 10.243  -17.214 -3.351  1.00 32.81  ? 336 ALA A CB  1 
ATOM 191  N N   . ASP A 1 25  ? 10.833  -15.625 -0.862  1.00 37.25  ? 337 ASP A N   1 
ATOM 192  C CA  . ASP A 1 25  ? 10.493  -14.656 0.165   1.00 37.92  ? 337 ASP A CA  1 
ATOM 193  C C   . ASP A 1 25  ? 11.526  -13.543 0.205   1.00 37.38  ? 337 ASP A C   1 
ATOM 194  O O   . ASP A 1 25  ? 11.167  -12.374 0.159   1.00 39.19  ? 337 ASP A O   1 
ATOM 195  C CB  . ASP A 1 25  ? 10.412  -15.341 1.527   1.00 38.38  ? 337 ASP A CB  1 
ATOM 196  C CG  . ASP A 1 25  ? 9.311   -16.376 1.581   1.00 40.38  ? 337 ASP A CG  1 
ATOM 197  O OD1 . ASP A 1 25  ? 8.583   -16.515 0.574   1.00 41.34  ? 337 ASP A OD1 1 
ATOM 198  O OD2 . ASP A 1 25  ? 9.165   -17.045 2.624   1.00 42.59  ? 337 ASP A OD2 1 
ATOM 199  N N   . MET A 1 26  ? 12.803  -13.901 0.267   1.00 35.21  ? 338 MET A N   1 
ATOM 200  C CA  . MET A 1 26  ? 13.848  -12.895 0.321   1.00 35.37  ? 338 MET A CA  1 
ATOM 201  C C   . MET A 1 26  ? 13.862  -11.971 -0.881  1.00 35.35  ? 338 MET A C   1 
ATOM 202  O O   . MET A 1 26  ? 14.177  -10.793 -0.747  1.00 33.53  ? 338 MET A O   1 
ATOM 203  C CB  . MET A 1 26  ? 15.203  -13.557 0.482   1.00 36.89  ? 338 MET A CB  1 
ATOM 204  C CG  . MET A 1 26  ? 15.234  -14.487 1.659   1.00 39.18  ? 338 MET A CG  1 
ATOM 205  S SD  . MET A 1 26  ? 16.860  -15.106 2.040   1.00 41.41  ? 338 MET A SD  1 
ATOM 206  C CE  . MET A 1 26  ? 17.076  -14.417 3.707   1.00 42.41  ? 338 MET A CE  1 
ATOM 207  N N   . ASP A 1 27  ? 13.531  -12.494 -2.057  1.00 37.08  ? 339 ASP A N   1 
ATOM 208  C CA  . ASP A 1 27  ? 13.498  -11.656 -3.251  1.00 38.56  ? 339 ASP A CA  1 
ATOM 209  C C   . ASP A 1 27  ? 12.460  -10.577 -2.989  1.00 38.28  ? 339 ASP A C   1 
ATOM 210  O O   . ASP A 1 27  ? 12.671  -9.395  -3.273  1.00 37.67  ? 339 ASP A O   1 
ATOM 211  C CB  . ASP A 1 27  ? 13.098  -12.466 -4.484  1.00 41.47  ? 339 ASP A CB  1 
ATOM 212  C CG  . ASP A 1 27  ? 14.158  -13.481 -4.894  1.00 46.41  ? 339 ASP A CG  1 
ATOM 213  O OD1 . ASP A 1 27  ? 15.358  -13.110 -4.966  1.00 48.63  ? 339 ASP A OD1 1 
ATOM 214  O OD2 . ASP A 1 27  ? 13.788  -14.652 -5.157  1.00 48.01  ? 339 ASP A OD2 1 
ATOM 215  N N   . LEU A 1 28  ? 11.331  -11.001 -2.435  1.00 37.67  ? 340 LEU A N   1 
ATOM 216  C CA  . LEU A 1 28  ? 10.253  -10.086 -2.105  1.00 37.83  ? 340 LEU A CA  1 
ATOM 217  C C   . LEU A 1 28  ? 10.726  -9.072  -1.074  1.00 37.51  ? 340 LEU A C   1 
ATOM 218  O O   . LEU A 1 28  ? 10.519  -7.867  -1.228  1.00 38.23  ? 340 LEU A O   1 
ATOM 219  C CB  . LEU A 1 28  ? 9.065   -10.873 -1.558  1.00 39.28  ? 340 LEU A CB  1 
ATOM 220  C CG  . LEU A 1 28  ? 7.963   -11.147 -2.588  1.00 41.34  ? 340 LEU A CG  1 
ATOM 221  C CD1 . LEU A 1 28  ? 7.100   -12.347 -2.171  1.00 39.79  ? 340 LEU A CD1 1 
ATOM 222  C CD2 . LEU A 1 28  ? 7.134   -9.866  -2.751  1.00 41.29  ? 340 LEU A CD2 1 
ATOM 223  N N   . ARG A 1 29  ? 11.370  -9.581  -0.027  1.00 37.16  ? 341 ARG A N   1 
ATOM 224  C CA  . ARG A 1 29  ? 11.900  -8.776  1.067   1.00 35.96  ? 341 ARG A CA  1 
ATOM 225  C C   . ARG A 1 29  ? 12.915  -7.750  0.551   1.00 35.86  ? 341 ARG A C   1 
ATOM 226  O O   . ARG A 1 29  ? 12.955  -6.613  1.020   1.00 34.10  ? 341 ARG A O   1 
ATOM 227  C CB  . ARG A 1 29  ? 12.546  -9.707  2.094   1.00 36.39  ? 341 ARG A CB  1 
ATOM 228  C CG  . ARG A 1 29  ? 12.788  -9.102  3.468   1.00 38.52  ? 341 ARG A CG  1 
ATOM 229  C CD  . ARG A 1 29  ? 13.290  -10.175 4.437   1.00 39.29  ? 341 ARG A CD  1 
ATOM 230  N NE  . ARG A 1 29  ? 13.518  -9.651  5.784   1.00 40.85  ? 341 ARG A NE  1 
ATOM 231  C CZ  . ARG A 1 29  ? 14.004  -10.371 6.794   1.00 41.51  ? 341 ARG A CZ  1 
ATOM 232  N NH1 . ARG A 1 29  ? 14.315  -11.657 6.614   1.00 42.55  ? 341 ARG A NH1 1 
ATOM 233  N NH2 . ARG A 1 29  ? 14.184  -9.807  7.979   1.00 38.23  ? 341 ARG A NH2 1 
ATOM 234  N N   . PHE A 1 30  ? 13.740  -8.151  -0.413  1.00 36.55  ? 342 PHE A N   1 
ATOM 235  C CA  . PHE A 1 30  ? 14.716  -7.231  -0.988  1.00 37.20  ? 342 PHE A CA  1 
ATOM 236  C C   . PHE A 1 30  ? 13.970  -6.073  -1.594  1.00 37.80  ? 342 PHE A C   1 
ATOM 237  O O   . PHE A 1 30  ? 14.220  -4.919  -1.271  1.00 37.73  ? 342 PHE A O   1 
ATOM 238  C CB  . PHE A 1 30  ? 15.531  -7.910  -2.079  1.00 37.21  ? 342 PHE A CB  1 
ATOM 239  C CG  . PHE A 1 30  ? 16.918  -8.261  -1.653  1.00 39.05  ? 342 PHE A CG  1 
ATOM 240  C CD1 . PHE A 1 30  ? 17.336  -9.585  -1.619  1.00 39.75  ? 342 PHE A CD1 1 
ATOM 241  C CD2 . PHE A 1 30  ? 17.804  -7.262  -1.257  1.00 39.16  ? 342 PHE A CD2 1 
ATOM 242  C CE1 . PHE A 1 30  ? 18.617  -9.912  -1.193  1.00 41.45  ? 342 PHE A CE1 1 
ATOM 243  C CE2 . PHE A 1 30  ? 19.083  -7.575  -0.830  1.00 39.97  ? 342 PHE A CE2 1 
ATOM 244  C CZ  . PHE A 1 30  ? 19.495  -8.900  -0.796  1.00 41.32  ? 342 PHE A CZ  1 
ATOM 245  N N   . GLN A 1 31  ? 13.035  -6.417  -2.474  1.00 39.89  ? 343 GLN A N   1 
ATOM 246  C CA  . GLN A 1 31  ? 12.185  -5.470  -3.183  1.00 41.00  ? 343 GLN A CA  1 
ATOM 247  C C   . GLN A 1 31  ? 11.548  -4.437  -2.263  1.00 39.98  ? 343 GLN A C   1 
ATOM 248  O O   . GLN A 1 31  ? 11.604  -3.235  -2.518  1.00 39.59  ? 343 GLN A O   1 
ATOM 249  C CB  . GLN A 1 31  ? 11.106  -6.254  -3.913  1.00 43.79  ? 343 GLN A CB  1 
ATOM 250  C CG  . GLN A 1 31  ? 10.111  -5.424  -4.677  1.00 48.48  ? 343 GLN A CG  1 
ATOM 251  C CD  . GLN A 1 31  ? 9.193   -6.297  -5.514  1.00 52.18  ? 343 GLN A CD  1 
ATOM 252  O OE1 . GLN A 1 31  ? 8.206   -5.820  -6.079  1.00 54.70  ? 343 GLN A OE1 1 
ATOM 253  N NE2 . GLN A 1 31  ? 9.520   -7.589  -5.605  1.00 53.23  ? 343 GLN A NE2 1 
ATOM 254  N N   . VAL A 1 32  ? 10.932  -4.913  -1.194  1.00 39.74  ? 344 VAL A N   1 
ATOM 255  C CA  . VAL A 1 32  ? 10.301  -4.029  -0.234  1.00 40.00  ? 344 VAL A CA  1 
ATOM 256  C C   . VAL A 1 32  ? 11.323  -3.005  0.245   1.00 39.85  ? 344 VAL A C   1 
ATOM 257  O O   . VAL A 1 32  ? 11.087  -1.805  0.174   1.00 41.36  ? 344 VAL A O   1 
ATOM 258  C CB  . VAL A 1 32  ? 9.774   -4.824  0.976   1.00 40.06  ? 344 VAL A CB  1 
ATOM 259  C CG1 . VAL A 1 32  ? 9.159   -3.889  1.986   1.00 40.50  ? 344 VAL A CG1 1 
ATOM 260  C CG2 . VAL A 1 32  ? 8.758   -5.846  0.516   1.00 38.99  ? 344 VAL A CG2 1 
ATOM 261  N N   . LEU A 1 33  ? 12.460  -3.489  0.729   1.00 40.14  ? 345 LEU A N   1 
ATOM 262  C CA  . LEU A 1 33  ? 13.527  -2.621  1.221   1.00 40.68  ? 345 LEU A CA  1 
ATOM 263  C C   . LEU A 1 33  ? 14.017  -1.630  0.177   1.00 39.57  ? 345 LEU A C   1 
ATOM 264  O O   . LEU A 1 33  ? 14.067  -0.430  0.417   1.00 39.96  ? 345 LEU A O   1 
ATOM 265  C CB  . LEU A 1 33  ? 14.730  -3.448  1.681   1.00 42.47  ? 345 LEU A CB  1 
ATOM 266  C CG  . LEU A 1 33  ? 14.863  -3.773  3.165   1.00 43.97  ? 345 LEU A CG  1 
ATOM 267  C CD1 . LEU A 1 33  ? 13.904  -4.898  3.545   1.00 46.08  ? 345 LEU A CD1 1 
ATOM 268  C CD2 . LEU A 1 33  ? 16.298  -4.181  3.449   1.00 44.91  ? 345 LEU A CD2 1 
ATOM 269  N N   . GLU A 1 34  ? 14.391  -2.143  -0.981  1.00 38.50  ? 346 GLU A N   1 
ATOM 270  C CA  . GLU A 1 34  ? 14.896  -1.302  -2.049  1.00 39.15  ? 346 GLU A CA  1 
ATOM 271  C C   . GLU A 1 34  ? 13.966  -0.157  -2.394  1.00 38.49  ? 346 GLU A C   1 
ATOM 272  O O   . GLU A 1 34  ? 14.399  0.830   -2.993  1.00 40.36  ? 346 GLU A O   1 
ATOM 273  C CB  . GLU A 1 34  ? 15.148  -2.146  -3.290  1.00 40.32  ? 346 GLU A CB  1 
ATOM 274  C CG  . GLU A 1 34  ? 16.045  -3.323  -3.010  1.00 45.12  ? 346 GLU A CG  1 
ATOM 275  C CD  . GLU A 1 34  ? 16.148  -4.257  -4.182  1.00 48.82  ? 346 GLU A CD  1 
ATOM 276  O OE1 . GLU A 1 34  ? 15.124  -4.423  -4.883  1.00 50.60  ? 346 GLU A OE1 1 
ATOM 277  O OE2 . GLU A 1 34  ? 17.242  -4.831  -4.390  1.00 51.61  ? 346 GLU A OE2 1 
ATOM 278  N N   . THR A 1 35  ? 12.697  -0.276  -2.008  1.00 36.28  ? 347 THR A N   1 
ATOM 279  C CA  . THR A 1 35  ? 11.714  0.755   -2.305  1.00 33.21  ? 347 THR A CA  1 
ATOM 280  C C   . THR A 1 35  ? 11.219  1.514   -1.079  1.00 32.21  ? 347 THR A C   1 
ATOM 281  O O   . THR A 1 35  ? 10.266  2.287   -1.171  1.00 31.37  ? 347 THR A O   1 
ATOM 282  C CB  . THR A 1 35  ? 10.505  0.148   -3.025  1.00 34.72  ? 347 THR A CB  1 
ATOM 283  O OG1 . THR A 1 35  ? 9.930   -0.882  -2.209  1.00 36.25  ? 347 THR A OG1 1 
ATOM 284  C CG2 . THR A 1 35  ? 10.931  -0.455  -4.354  1.00 32.48  ? 347 THR A CG2 1 
ATOM 285  N N   . ALA A 1 36  ? 11.874  1.301   0.062   1.00 31.88  ? 348 ALA A N   1 
ATOM 286  C CA  . ALA A 1 36  ? 11.505  1.969   1.320   1.00 31.78  ? 348 ALA A CA  1 
ATOM 287  C C   . ALA A 1 36  ? 11.847  3.464   1.311   1.00 30.24  ? 348 ALA A C   1 
ATOM 288  O O   . ALA A 1 36  ? 12.711  3.908   0.556   1.00 30.70  ? 348 ALA A O   1 
ATOM 289  C CB  . ALA A 1 36  ? 12.192  1.285   2.499   1.00 31.87  ? 348 ALA A CB  1 
ATOM 290  N N   . SER A 1 37  ? 11.175  4.222   2.172   1.00 27.95  ? 349 SER A N   1 
ATOM 291  C CA  . SER A 1 37  ? 11.348  5.672   2.270   1.00 26.15  ? 349 SER A CA  1 
ATOM 292  C C   . SER A 1 37  ? 11.205  6.130   3.730   1.00 24.65  ? 349 SER A C   1 
ATOM 293  O O   . SER A 1 37  ? 10.337  5.639   4.445   1.00 26.49  ? 349 SER A O   1 
ATOM 294  C CB  . SER A 1 37  ? 10.283  6.343   1.401   1.00 27.03  ? 349 SER A CB  1 
ATOM 295  O OG  . SER A 1 37  ? 10.074  7.685   1.789   1.00 30.47  ? 349 SER A OG  1 
ATOM 296  N N   . TYR A 1 38  ? 12.034  7.069   4.178   1.00 22.61  ? 350 TYR A N   1 
ATOM 297  C CA  . TYR A 1 38  ? 11.954  7.514   5.570   1.00 22.61  ? 350 TYR A CA  1 
ATOM 298  C C   . TYR A 1 38  ? 11.780  9.009   5.775   1.00 23.52  ? 350 TYR A C   1 
ATOM 299  O O   . TYR A 1 38  ? 12.276  9.574   6.750   1.00 23.48  ? 350 TYR A O   1 
ATOM 300  C CB  . TYR A 1 38  ? 13.189  7.054   6.340   1.00 21.61  ? 350 TYR A CB  1 
ATOM 301  C CG  . TYR A 1 38  ? 13.458  5.587   6.177   1.00 22.31  ? 350 TYR A CG  1 
ATOM 302  C CD1 . TYR A 1 38  ? 14.177  5.108   5.082   1.00 20.30  ? 350 TYR A CD1 1 
ATOM 303  C CD2 . TYR A 1 38  ? 12.904  4.660   7.066   1.00 23.62  ? 350 TYR A CD2 1 
ATOM 304  C CE1 . TYR A 1 38  ? 14.327  3.747   4.872   1.00 20.75  ? 350 TYR A CE1 1 
ATOM 305  C CE2 . TYR A 1 38  ? 13.051  3.295   6.866   1.00 21.39  ? 350 TYR A CE2 1 
ATOM 306  C CZ  . TYR A 1 38  ? 13.756  2.848   5.768   1.00 21.48  ? 350 TYR A CZ  1 
ATOM 307  O OH  . TYR A 1 38  ? 13.866  1.498   5.557   1.00 22.22  ? 350 TYR A OH  1 
ATOM 308  N N   . ASN A 1 39  ? 11.065  9.648   4.862   1.00 24.42  ? 351 ASN A N   1 
ATOM 309  C CA  . ASN A 1 39  ? 10.830  11.074  4.959   1.00 24.61  ? 351 ASN A CA  1 
ATOM 310  C C   . ASN A 1 39  ? 9.325   11.335  4.881   1.00 25.78  ? 351 ASN A C   1 
ATOM 311  O O   . ASN A 1 39  ? 8.887   12.463  4.646   1.00 28.00  ? 351 ASN A O   1 
ATOM 312  C CB  . ASN A 1 39  ? 11.567  11.790  3.833   1.00 24.36  ? 351 ASN A CB  1 
ATOM 313  C CG  . ASN A 1 39  ? 11.210  11.241  2.472   1.00 28.02  ? 351 ASN A CG  1 
ATOM 314  O OD1 . ASN A 1 39  ? 11.848  11.550  1.472   1.00 29.16  ? 351 ASN A OD1 1 
ATOM 315  N ND2 . ASN A 1 39  ? 10.173  10.419  2.425   1.00 32.10  ? 351 ASN A ND2 1 
ATOM 316  N N   . GLY A 1 40  ? 8.537   10.280  5.081   1.00 24.74  ? 352 GLY A N   1 
ATOM 317  C CA  . GLY A 1 40  ? 7.089   10.416  5.055   1.00 24.89  ? 352 GLY A CA  1 
ATOM 318  C C   . GLY A 1 40  ? 6.462   10.597  3.685   1.00 24.14  ? 352 GLY A C   1 
ATOM 319  O O   . GLY A 1 40  ? 5.333   11.064  3.574   1.00 23.91  ? 352 GLY A O   1 
ATOM 320  N N   . VAL A 1 41  ? 7.192   10.221  2.640   1.00 25.57  ? 353 VAL A N   1 
ATOM 321  C CA  . VAL A 1 41  ? 6.704   10.345  1.269   1.00 24.89  ? 353 VAL A CA  1 
ATOM 322  C C   . VAL A 1 41  ? 6.801   9.022   0.537   1.00 25.45  ? 353 VAL A C   1 
ATOM 323  O O   . VAL A 1 41  ? 7.842   8.359   0.554   1.00 24.64  ? 353 VAL A O   1 
ATOM 324  C CB  . VAL A 1 41  ? 7.492   11.403  0.487   1.00 22.53  ? 353 VAL A CB  1 
ATOM 325  C CG1 . VAL A 1 41  ? 7.046   11.419  -0.969  1.00 21.20  ? 353 VAL A CG1 1 
ATOM 326  C CG2 . VAL A 1 41  ? 7.263   12.754  1.115   1.00 19.75  ? 353 VAL A CG2 1 
ATOM 327  N N   . LEU A 1 42  ? 5.704   8.649   -0.112  1.00 26.56  ? 354 LEU A N   1 
ATOM 328  C CA  . LEU A 1 42  ? 5.633   7.389   -0.835  1.00 27.69  ? 354 LEU A CA  1 
ATOM 329  C C   . LEU A 1 42  ? 5.363   7.644   -2.301  1.00 28.40  ? 354 LEU A C   1 
ATOM 330  O O   . LEU A 1 42  ? 4.586   8.531   -2.646  1.00 30.13  ? 354 LEU A O   1 
ATOM 331  C CB  . LEU A 1 42  ? 4.511   6.516   -0.225  1.00 27.90  ? 354 LEU A CB  1 
ATOM 332  C CG  . LEU A 1 42  ? 4.150   5.054   -0.581  1.00 28.66  ? 354 LEU A CG  1 
ATOM 333  C CD1 . LEU A 1 42  ? 3.011   5.004   -1.570  1.00 28.13  ? 354 LEU A CD1 1 
ATOM 334  C CD2 . LEU A 1 42  ? 5.359   4.322   -1.117  1.00 29.90  ? 354 LEU A CD2 1 
ATOM 335  N N   . ILE A 1 43  ? 6.058   6.907   -3.159  1.00 28.76  ? 355 ILE A N   1 
ATOM 336  C CA  . ILE A 1 43  ? 5.830   6.975   -4.595  1.00 29.30  ? 355 ILE A CA  1 
ATOM 337  C C   . ILE A 1 43  ? 5.604   5.514   -4.916  1.00 31.25  ? 355 ILE A C   1 
ATOM 338  O O   . ILE A 1 43  ? 6.538   4.709   -4.877  1.00 31.09  ? 355 ILE A O   1 
ATOM 339  C CB  . ILE A 1 43  ? 7.040   7.473   -5.407  1.00 28.71  ? 355 ILE A CB  1 
ATOM 340  C CG1 . ILE A 1 43  ? 7.201   8.990   -5.252  1.00 28.21  ? 355 ILE A CG1 1 
ATOM 341  C CG2 . ILE A 1 43  ? 6.844   7.113   -6.884  1.00 26.28  ? 355 ILE A CG2 1 
ATOM 342  C CD1 . ILE A 1 43  ? 6.076   9.792   -5.863  1.00 26.53  ? 355 ILE A CD1 1 
ATOM 343  N N   . TRP A 1 44  ? 4.349   5.176   -5.194  1.00 32.62  ? 356 TRP A N   1 
ATOM 344  C CA  . TRP A 1 44  ? 3.956   3.807   -5.498  1.00 33.17  ? 356 TRP A CA  1 
ATOM 345  C C   . TRP A 1 44  ? 3.711   3.653   -6.993  1.00 34.52  ? 356 TRP A C   1 
ATOM 346  O O   . TRP A 1 44  ? 2.880   4.352   -7.581  1.00 35.12  ? 356 TRP A O   1 
ATOM 347  C CB  . TRP A 1 44  ? 2.703   3.475   -4.697  1.00 32.90  ? 356 TRP A CB  1 
ATOM 348  C CG  . TRP A 1 44  ? 2.160   2.110   -4.867  1.00 31.42  ? 356 TRP A CG  1 
ATOM 349  C CD1 . TRP A 1 44  ? 2.757   1.046   -5.472  1.00 31.77  ? 356 TRP A CD1 1 
ATOM 350  C CD2 . TRP A 1 44  ? 0.888   1.648   -4.400  1.00 31.83  ? 356 TRP A CD2 1 
ATOM 351  N NE1 . TRP A 1 44  ? 1.930   -0.059  -5.414  1.00 31.70  ? 356 TRP A NE1 1 
ATOM 352  C CE2 . TRP A 1 44  ? 0.778   0.287   -4.760  1.00 31.44  ? 356 TRP A CE2 1 
ATOM 353  C CE3 . TRP A 1 44  ? -0.171  2.255   -3.708  1.00 29.66  ? 356 TRP A CE3 1 
ATOM 354  C CZ2 . TRP A 1 44  ? -0.349  -0.475  -4.455  1.00 31.33  ? 356 TRP A CZ2 1 
ATOM 355  C CZ3 . TRP A 1 44  ? -1.284  1.500   -3.407  1.00 29.31  ? 356 TRP A CZ3 1 
ATOM 356  C CH2 . TRP A 1 44  ? -1.367  0.147   -3.779  1.00 30.92  ? 356 TRP A CH2 1 
ATOM 357  N N   . LYS A 1 45  ? 4.463   2.734   -7.592  1.00 34.90  ? 357 LYS A N   1 
ATOM 358  C CA  . LYS A 1 45  ? 4.399   2.443   -9.017  1.00 34.75  ? 357 LYS A CA  1 
ATOM 359  C C   . LYS A 1 45  ? 3.571   1.183   -9.254  1.00 36.33  ? 357 LYS A C   1 
ATOM 360  O O   . LYS A 1 45  ? 3.867   0.119   -8.707  1.00 35.51  ? 357 LYS A O   1 
ATOM 361  C CB  . LYS A 1 45  ? 5.818   2.232   -9.548  1.00 33.83  ? 357 LYS A CB  1 
ATOM 362  C CG  . LYS A 1 45  ? 5.914   2.025   -11.048 1.00 35.12  ? 357 LYS A CG  1 
ATOM 363  C CD  . LYS A 1 45  ? 7.342   1.748   -11.481 1.00 33.54  ? 357 LYS A CD  1 
ATOM 364  C CE  . LYS A 1 45  ? 7.471   1.893   -12.977 1.00 33.46  ? 357 LYS A CE  1 
ATOM 365  N NZ  . LYS A 1 45  ? 8.791   1.447   -13.475 1.00 32.95  ? 357 LYS A NZ  1 
ATOM 366  N N   . ILE A 1 46  ? 2.540   1.299   -10.085 1.00 37.84  ? 358 ILE A N   1 
ATOM 367  C CA  . ILE A 1 46  ? 1.684   0.155   -10.367 1.00 39.16  ? 358 ILE A CA  1 
ATOM 368  C C   . ILE A 1 46  ? 1.661   -0.230  -11.840 1.00 40.21  ? 358 ILE A C   1 
ATOM 369  O O   . ILE A 1 46  ? 1.003   0.419   -12.648 1.00 38.40  ? 358 ILE A O   1 
ATOM 370  C CB  . ILE A 1 46  ? 0.254   0.438   -9.874  1.00 39.50  ? 358 ILE A CB  1 
ATOM 371  C CG1 . ILE A 1 46  ? 0.292   0.692   -8.362  1.00 38.69  ? 358 ILE A CG1 1 
ATOM 372  C CG2 . ILE A 1 46  ? -0.662  -0.730  -10.211 1.00 39.28  ? 358 ILE A CG2 1 
ATOM 373  C CD1 . ILE A 1 46  ? -1.005  1.146   -7.762  1.00 39.58  ? 358 ILE A CD1 1 
ATOM 374  N N   . ARG A 1 47  ? 2.389   -1.297  -12.170 1.00 43.80  ? 359 ARG A N   1 
ATOM 375  C CA  . ARG A 1 47  ? 2.485   -1.807  -13.539 1.00 47.49  ? 359 ARG A CA  1 
ATOM 376  C C   . ARG A 1 47  ? 1.326   -2.776  -13.826 1.00 48.70  ? 359 ARG A C   1 
ATOM 377  O O   . ARG A 1 47  ? 0.743   -3.333  -12.893 1.00 49.82  ? 359 ARG A O   1 
ATOM 378  C CB  . ARG A 1 47  ? 3.817   -2.553  -13.743 1.00 50.88  ? 359 ARG A CB  1 
ATOM 379  C CG  . ARG A 1 47  ? 5.081   -1.890  -13.165 1.00 55.05  ? 359 ARG A CG  1 
ATOM 380  C CD  . ARG A 1 47  ? 5.440   -2.459  -11.780 1.00 59.43  ? 359 ARG A CD  1 
ATOM 381  N NE  . ARG A 1 47  ? 6.727   -1.966  -11.271 1.00 63.11  ? 359 ARG A NE  1 
ATOM 382  C CZ  . ARG A 1 47  ? 7.226   -2.247  -10.064 1.00 63.74  ? 359 ARG A CZ  1 
ATOM 383  N NH1 . ARG A 1 47  ? 6.550   -3.024  -9.225  1.00 63.44  ? 359 ARG A NH1 1 
ATOM 384  N NH2 . ARG A 1 47  ? 8.400   -1.746  -9.688  1.00 63.39  ? 359 ARG A NH2 1 
ATOM 385  N N   . ASP A 1 48  ? 1.003   -2.974  -15.108 1.00 48.79  ? 360 ASP A N   1 
ATOM 386  C CA  . ASP A 1 48  ? -0.080  -3.877  -15.542 1.00 48.36  ? 360 ASP A CA  1 
ATOM 387  C C   . ASP A 1 48  ? -1.468  -3.373  -15.163 1.00 48.48  ? 360 ASP A C   1 
ATOM 388  O O   . ASP A 1 48  ? -2.301  -4.137  -14.673 1.00 46.50  ? 360 ASP A O   1 
ATOM 389  C CB  . ASP A 1 48  ? 0.093   -5.273  -14.941 1.00 48.82  ? 360 ASP A CB  1 
ATOM 390  C CG  . ASP A 1 48  ? 1.426   -5.891  -15.271 1.00 50.01  ? 360 ASP A CG  1 
ATOM 391  O OD1 . ASP A 1 48  ? 1.656   -7.048  -14.859 1.00 51.72  ? 360 ASP A OD1 1 
ATOM 392  O OD2 . ASP A 1 48  ? 2.244   -5.222  -15.937 1.00 50.66  ? 360 ASP A OD2 1 
ATOM 393  N N   . TYR A 1 49  ? -1.719  -2.091  -15.399 1.00 49.30  ? 361 TYR A N   1 
ATOM 394  C CA  . TYR A 1 49  ? -3.003  -1.504  -15.056 1.00 50.63  ? 361 TYR A CA  1 
ATOM 395  C C   . TYR A 1 49  ? -4.204  -2.256  -15.640 1.00 51.73  ? 361 TYR A C   1 
ATOM 396  O O   . TYR A 1 49  ? -5.187  -2.504  -14.932 1.00 51.70  ? 361 TYR A O   1 
ATOM 397  C CB  . TYR A 1 49  ? -3.035  -0.034  -15.480 1.00 50.70  ? 361 TYR A CB  1 
ATOM 398  C CG  . TYR A 1 49  ? -4.357  0.636   -15.205 1.00 52.38  ? 361 TYR A CG  1 
ATOM 399  C CD1 . TYR A 1 49  ? -5.406  0.550   -16.115 1.00 52.13  ? 361 TYR A CD1 1 
ATOM 400  C CD2 . TYR A 1 49  ? -4.580  1.316   -14.010 1.00 53.44  ? 361 TYR A CD2 1 
ATOM 401  C CE1 . TYR A 1 49  ? -6.644  1.118   -15.842 1.00 52.66  ? 361 TYR A CE1 1 
ATOM 402  C CE2 . TYR A 1 49  ? -5.820  1.889   -13.727 1.00 53.52  ? 361 TYR A CE2 1 
ATOM 403  C CZ  . TYR A 1 49  ? -6.846  1.783   -14.650 1.00 52.88  ? 361 TYR A CZ  1 
ATOM 404  O OH  . TYR A 1 49  ? -8.075  2.336   -14.380 1.00 53.40  ? 361 TYR A OH  1 
ATOM 405  N N   . LYS A 1 50  ? -4.127  -2.617  -16.921 1.00 51.64  ? 362 LYS A N   1 
ATOM 406  C CA  . LYS A 1 50  ? -5.219  -3.341  -17.564 1.00 50.88  ? 362 LYS A CA  1 
ATOM 407  C C   . LYS A 1 50  ? -5.558  -4.640  -16.857 1.00 49.90  ? 362 LYS A C   1 
ATOM 408  O O   . LYS A 1 50  ? -6.687  -4.830  -16.413 1.00 49.73  ? 362 LYS A O   1 
ATOM 409  C CB  . LYS A 1 50  ? -4.893  -3.657  -19.023 1.00 51.70  ? 362 LYS A CB  1 
ATOM 410  C CG  . LYS A 1 50  ? -5.282  -2.564  -20.005 1.00 52.86  ? 362 LYS A CG  1 
ATOM 411  C CD  . LYS A 1 50  ? -5.516  -3.115  -21.417 1.00 53.59  ? 362 LYS A CD  1 
ATOM 412  C CE  . LYS A 1 50  ? -4.259  -3.729  -22.030 1.00 55.20  ? 362 LYS A CE  1 
ATOM 413  N NZ  . LYS A 1 50  ? -3.795  -4.956  -21.310 1.00 55.70  ? 362 LYS A NZ  1 
ATOM 414  N N   . ARG A 1 51  ? -4.583  -5.535  -16.759 1.00 49.41  ? 363 ARG A N   1 
ATOM 415  C CA  . ARG A 1 51  ? -4.808  -6.827  -16.115 1.00 51.03  ? 363 ARG A CA  1 
ATOM 416  C C   . ARG A 1 51  ? -5.324  -6.688  -14.690 1.00 51.60  ? 363 ARG A C   1 
ATOM 417  O O   . ARG A 1 51  ? -6.286  -7.357  -14.293 1.00 52.04  ? 363 ARG A O   1 
ATOM 418  C CB  . ARG A 1 51  ? -3.519  -7.649  -16.090 1.00 52.19  ? 363 ARG A CB  1 
ATOM 419  C CG  . ARG A 1 51  ? -3.714  -9.061  -15.575 1.00 52.98  ? 363 ARG A CG  1 
ATOM 420  C CD  . ARG A 1 51  ? -2.393  -9.703  -15.208 1.00 55.37  ? 363 ARG A CD  1 
ATOM 421  N NE  . ARG A 1 51  ? -1.704  -8.952  -14.162 1.00 58.02  ? 363 ARG A NE  1 
ATOM 422  C CZ  . ARG A 1 51  ? -0.665  -9.410  -13.472 1.00 59.48  ? 363 ARG A CZ  1 
ATOM 423  N NH1 . ARG A 1 51  ? -0.185  -10.623 -13.710 1.00 60.58  ? 363 ARG A NH1 1 
ATOM 424  N NH2 . ARG A 1 51  ? -0.102  -8.655  -12.540 1.00 60.29  ? 363 ARG A NH2 1 
ATOM 425  N N   . ARG A 1 52  ? -4.671  -5.820  -13.924 1.00 51.39  ? 364 ARG A N   1 
ATOM 426  C CA  . ARG A 1 52  ? -5.036  -5.584  -12.536 1.00 50.38  ? 364 ARG A CA  1 
ATOM 427  C C   . ARG A 1 52  ? -6.416  -4.962  -12.399 1.00 49.51  ? 364 ARG A C   1 
ATOM 428  O O   . ARG A 1 52  ? -7.141  -5.261  -11.452 1.00 49.35  ? 364 ARG A O   1 
ATOM 429  C CB  . ARG A 1 52  ? -3.991  -4.691  -11.875 1.00 50.97  ? 364 ARG A CB  1 
ATOM 430  C CG  . ARG A 1 52  ? -2.617  -5.324  -11.811 1.00 50.57  ? 364 ARG A CG  1 
ATOM 431  C CD  . ARG A 1 52  ? -1.609  -4.378  -11.179 1.00 50.90  ? 364 ARG A CD  1 
ATOM 432  N NE  . ARG A 1 52  ? -0.308  -5.019  -11.025 1.00 49.23  ? 364 ARG A NE  1 
ATOM 433  C CZ  . ARG A 1 52  ? -0.068  -6.035  -10.202 1.00 48.93  ? 364 ARG A CZ  1 
ATOM 434  N NH1 . ARG A 1 52  ? -1.043  -6.531  -9.445  1.00 47.40  ? 364 ARG A NH1 1 
ATOM 435  N NH2 . ARG A 1 52  ? 1.146   -6.568  -10.152 1.00 48.68  ? 364 ARG A NH2 1 
ATOM 436  N N   . LYS A 1 53  ? -6.772  -4.091  -13.341 1.00 48.90  ? 365 LYS A N   1 
ATOM 437  C CA  . LYS A 1 53  ? -8.083  -3.449  -13.329 1.00 49.38  ? 365 LYS A CA  1 
ATOM 438  C C   . LYS A 1 53  ? -9.120  -4.545  -13.550 1.00 50.63  ? 365 LYS A C   1 
ATOM 439  O O   . LYS A 1 53  ? -10.120 -4.636  -12.832 1.00 51.17  ? 365 LYS A O   1 
ATOM 440  C CB  . LYS A 1 53  ? -8.184  -2.432  -14.459 1.00 48.67  ? 365 LYS A CB  1 
ATOM 441  C CG  . LYS A 1 53  ? -9.102  -1.258  -14.177 1.00 47.88  ? 365 LYS A CG  1 
ATOM 442  C CD  . LYS A 1 53  ? -10.477 -1.682  -13.700 1.00 45.70  ? 365 LYS A CD  1 
ATOM 443  C CE  . LYS A 1 53  ? -11.370 -0.464  -13.524 1.00 45.12  ? 365 LYS A CE  1 
ATOM 444  N NZ  . LYS A 1 53  ? -11.529 0.297   -14.805 1.00 44.28  ? 365 LYS A NZ  1 
ATOM 445  N N   . GLN A 1 54  ? -8.858  -5.377  -14.554 1.00 51.39  ? 366 GLN A N   1 
ATOM 446  C CA  . GLN A 1 54  ? -9.732  -6.488  -14.892 1.00 51.92  ? 366 GLN A CA  1 
ATOM 447  C C   . GLN A 1 54  ? -9.894  -7.464  -13.742 1.00 50.52  ? 366 GLN A C   1 
ATOM 448  O O   . GLN A 1 54  ? -10.969 -8.006  -13.546 1.00 51.06  ? 366 GLN A O   1 
ATOM 449  C CB  . GLN A 1 54  ? -9.196  -7.233  -16.116 1.00 54.95  ? 366 GLN A CB  1 
ATOM 450  C CG  . GLN A 1 54  ? -9.940  -6.915  -17.408 1.00 59.41  ? 366 GLN A CG  1 
ATOM 451  C CD  . GLN A 1 54  ? -11.380 -7.427  -17.402 1.00 61.67  ? 366 GLN A CD  1 
ATOM 452  O OE1 . GLN A 1 54  ? -11.626 -8.636  -17.496 1.00 62.61  ? 366 GLN A OE1 1 
ATOM 453  N NE2 . GLN A 1 54  ? -12.336 -6.507  -17.284 1.00 61.09  ? 366 GLN A NE2 1 
ATOM 454  N N   . GLU A 1 55  ? -8.835  -7.695  -12.980 1.00 49.13  ? 367 GLU A N   1 
ATOM 455  C CA  . GLU A 1 55  ? -8.933  -8.626  -11.868 1.00 49.63  ? 367 GLU A CA  1 
ATOM 456  C C   . GLU A 1 55  ? -9.740  -8.036  -10.726 1.00 49.50  ? 367 GLU A C   1 
ATOM 457  O O   . GLU A 1 55  ? -10.229 -8.769  -9.863  1.00 48.58  ? 367 GLU A O   1 
ATOM 458  C CB  . GLU A 1 55  ? -7.550  -8.997  -11.364 1.00 51.59  ? 367 GLU A CB  1 
ATOM 459  C CG  . GLU A 1 55  ? -6.634  -9.502  -12.443 1.00 54.46  ? 367 GLU A CG  1 
ATOM 460  C CD  . GLU A 1 55  ? -5.291  -9.908  -11.892 1.00 56.67  ? 367 GLU A CD  1 
ATOM 461  O OE1 . GLU A 1 55  ? -4.408  -10.289 -12.693 1.00 57.94  ? 367 GLU A OE1 1 
ATOM 462  O OE2 . GLU A 1 55  ? -5.123  -9.848  -10.651 1.00 57.49  ? 367 GLU A OE2 1 
ATOM 463  N N   . ALA A 1 56  ? -9.861  -6.709  -10.713 1.00 48.95  ? 368 ALA A N   1 
ATOM 464  C CA  . ALA A 1 56  ? -10.630 -6.016  -9.682  1.00 48.44  ? 368 ALA A CA  1 
ATOM 465  C C   . ALA A 1 56  ? -12.101 -6.247  -10.017 1.00 48.61  ? 368 ALA A C   1 
ATOM 466  O O   . ALA A 1 56  ? -12.924 -6.552  -9.144  1.00 47.96  ? 368 ALA A O   1 
ATOM 467  C CB  . ALA A 1 56  ? -10.311 -4.516  -9.693  1.00 46.07  ? 368 ALA A CB  1 
ATOM 468  N N   . VAL A 1 57  ? -12.415 -6.100  -11.300 1.00 48.03  ? 369 VAL A N   1 
ATOM 469  C CA  . VAL A 1 57  ? -13.764 -6.302  -11.795 1.00 48.02  ? 369 VAL A CA  1 
ATOM 470  C C   . VAL A 1 57  ? -14.174 -7.755  -11.588 1.00 48.88  ? 369 VAL A C   1 
ATOM 471  O O   . VAL A 1 57  ? -15.220 -8.035  -11.012 1.00 49.59  ? 369 VAL A O   1 
ATOM 472  C CB  . VAL A 1 57  ? -13.854 -5.970  -13.298 1.00 46.98  ? 369 VAL A CB  1 
ATOM 473  C CG1 . VAL A 1 57  ? -15.191 -6.413  -13.846 1.00 46.20  ? 369 VAL A CG1 1 
ATOM 474  C CG2 . VAL A 1 57  ? -13.662 -4.480  -13.510 1.00 46.12  ? 369 VAL A CG2 1 
ATOM 475  N N   . MET A 1 58  ? -13.339 -8.677  -12.057 1.00 50.23  ? 370 MET A N   1 
ATOM 476  C CA  . MET A 1 58  ? -13.616 -10.104 -11.937 1.00 51.35  ? 370 MET A CA  1 
ATOM 477  C C   . MET A 1 58  ? -13.645 -10.539 -10.483 1.00 50.30  ? 370 MET A C   1 
ATOM 478  O O   . MET A 1 58  ? -13.942 -11.690 -10.176 1.00 50.34  ? 370 MET A O   1 
ATOM 479  C CB  . MET A 1 58  ? -12.566 -10.923 -12.689 1.00 53.87  ? 370 MET A CB  1 
ATOM 480  C CG  . MET A 1 58  ? -12.367 -10.480 -14.125 1.00 59.99  ? 370 MET A CG  1 
ATOM 481  S SD  . MET A 1 58  ? -13.918 -10.302 -15.066 1.00 66.95  ? 370 MET A SD  1 
ATOM 482  C CE  . MET A 1 58  ? -13.413 -11.019 -16.696 1.00 65.95  ? 370 MET A CE  1 
ATOM 483  N N   . GLY A 1 59  ? -13.332 -9.615  -9.588  1.00 48.89  ? 371 GLY A N   1 
ATOM 484  C CA  . GLY A 1 59  ? -13.339 -9.953  -8.180  1.00 48.90  ? 371 GLY A CA  1 
ATOM 485  C C   . GLY A 1 59  ? -12.216 -10.888 -7.774  1.00 48.22  ? 371 GLY A C   1 
ATOM 486  O O   . GLY A 1 59  ? -12.299 -11.550 -6.739  1.00 46.97  ? 371 GLY A O   1 
ATOM 487  N N   . LYS A 1 60  ? -11.168 -10.952 -8.591  1.00 48.41  ? 372 LYS A N   1 
ATOM 488  C CA  . LYS A 1 60  ? -10.018 -11.798 -8.286  1.00 48.53  ? 372 LYS A CA  1 
ATOM 489  C C   . LYS A 1 60  ? -9.131  -11.087 -7.267  1.00 48.13  ? 372 LYS A C   1 
ATOM 490  O O   . LYS A 1 60  ? -8.617  -11.708 -6.334  1.00 48.39  ? 372 LYS A O   1 
ATOM 491  C CB  . LYS A 1 60  ? -9.213  -12.087 -9.552  1.00 48.75  ? 372 LYS A CB  1 
ATOM 492  C CG  . LYS A 1 60  ? -9.301  -13.528 -10.012 1.00 50.03  ? 372 LYS A CG  1 
ATOM 493  C CD  . LYS A 1 60  ? -8.619  -13.721 -11.356 1.00 52.54  ? 372 LYS A CD  1 
ATOM 494  C CE  . LYS A 1 60  ? -9.337  -12.951 -12.472 1.00 53.96  ? 372 LYS A CE  1 
ATOM 495  N NZ  . LYS A 1 60  ? -10.733 -13.436 -12.700 1.00 53.19  ? 372 LYS A NZ  1 
ATOM 496  N N   . THR A 1 61  ? -8.961  -9.782  -7.450  1.00 46.22  ? 373 THR A N   1 
ATOM 497  C CA  . THR A 1 61  ? -8.151  -8.981  -6.545  1.00 43.84  ? 373 THR A CA  1 
ATOM 498  C C   . THR A 1 61  ? -8.770  -7.601  -6.455  1.00 42.14  ? 373 THR A C   1 
ATOM 499  O O   . THR A 1 61  ? -8.590  -6.775  -7.351  1.00 42.28  ? 373 THR A O   1 
ATOM 500  C CB  . THR A 1 61  ? -6.713  -8.829  -7.060  1.00 44.26  ? 373 THR A CB  1 
ATOM 501  O OG1 . THR A 1 61  ? -6.231  -10.096 -7.518  1.00 43.33  ? 373 THR A OG1 1 
ATOM 502  C CG2 . THR A 1 61  ? -5.804  -8.320  -5.944  1.00 44.38  ? 373 THR A CG2 1 
ATOM 503  N N   . LEU A 1 62  ? -9.496  -7.354  -5.374  1.00 39.82  ? 374 LEU A N   1 
ATOM 504  C CA  . LEU A 1 62  ? -10.156 -6.070  -5.176  1.00 38.63  ? 374 LEU A CA  1 
ATOM 505  C C   . LEU A 1 62  ? -9.219  -4.897  -4.912  1.00 38.30  ? 374 LEU A C   1 
ATOM 506  O O   . LEU A 1 62  ? -9.405  -3.821  -5.482  1.00 40.35  ? 374 LEU A O   1 
ATOM 507  C CB  . LEU A 1 62  ? -11.159 -6.178  -4.029  1.00 37.47  ? 374 LEU A CB  1 
ATOM 508  C CG  . LEU A 1 62  ? -12.145 -7.338  -4.179  1.00 37.40  ? 374 LEU A CG  1 
ATOM 509  C CD1 . LEU A 1 62  ? -13.050 -7.353  -2.948  1.00 36.69  ? 374 LEU A CD1 1 
ATOM 510  C CD2 . LEU A 1 62  ? -12.950 -7.213  -5.476  1.00 31.46  ? 374 LEU A CD2 1 
ATOM 511  N N   . SER A 1 63  ? -8.221  -5.089  -4.052  1.00 36.95  ? 375 SER A N   1 
ATOM 512  C CA  . SER A 1 63  ? -7.295  -4.004  -3.739  1.00 36.71  ? 375 SER A CA  1 
ATOM 513  C C   . SER A 1 63  ? -5.808  -4.373  -3.795  1.00 36.44  ? 375 SER A C   1 
ATOM 514  O O   . SER A 1 63  ? -5.444  -5.544  -3.905  1.00 37.01  ? 375 SER A O   1 
ATOM 515  C CB  . SER A 1 63  ? -7.627  -3.429  -2.364  1.00 35.72  ? 375 SER A CB  1 
ATOM 516  O OG  . SER A 1 63  ? -7.576  -4.438  -1.376  1.00 38.03  ? 375 SER A OG  1 
ATOM 517  N N   . LEU A 1 64  ? -4.955  -3.354  -3.731  1.00 35.28  ? 376 LEU A N   1 
ATOM 518  C CA  . LEU A 1 64  ? -3.512  -3.543  -3.775  1.00 34.34  ? 376 LEU A CA  1 
ATOM 519  C C   . LEU A 1 64  ? -2.872  -2.672  -2.720  1.00 34.90  ? 376 LEU A C   1 
ATOM 520  O O   . LEU A 1 64  ? -3.391  -1.600  -2.398  1.00 36.33  ? 376 LEU A O   1 
ATOM 521  C CB  . LEU A 1 64  ? -2.952  -3.126  -5.134  1.00 33.55  ? 376 LEU A CB  1 
ATOM 522  C CG  . LEU A 1 64  ? -3.536  -3.787  -6.378  1.00 32.64  ? 376 LEU A CG  1 
ATOM 523  C CD1 . LEU A 1 64  ? -2.843  -3.261  -7.611  1.00 31.26  ? 376 LEU A CD1 1 
ATOM 524  C CD2 . LEU A 1 64  ? -3.373  -5.285  -6.279  1.00 33.95  ? 376 LEU A CD2 1 
ATOM 525  N N   . TYR A 1 65  ? -1.740  -3.123  -2.187  1.00 34.50  ? 377 TYR A N   1 
ATOM 526  C CA  . TYR A 1 65  ? -1.027  -2.354  -1.172  1.00 33.67  ? 377 TYR A CA  1 
ATOM 527  C C   . TYR A 1 65  ? 0.346   -1.898  -1.654  1.00 33.54  ? 377 TYR A C   1 
ATOM 528  O O   . TYR A 1 65  ? 1.007   -2.583  -2.443  1.00 34.78  ? 377 TYR A O   1 
ATOM 529  C CB  . TYR A 1 65  ? -0.823  -3.177  0.094   1.00 32.73  ? 377 TYR A CB  1 
ATOM 530  C CG  . TYR A 1 65  ? -2.078  -3.542  0.835   1.00 34.56  ? 377 TYR A CG  1 
ATOM 531  C CD1 . TYR A 1 65  ? -2.916  -4.563  0.380   1.00 35.49  ? 377 TYR A CD1 1 
ATOM 532  C CD2 . TYR A 1 65  ? -2.404  -2.906  2.027   1.00 35.71  ? 377 TYR A CD2 1 
ATOM 533  C CE1 . TYR A 1 65  ? -4.047  -4.944  1.103   1.00 36.27  ? 377 TYR A CE1 1 
ATOM 534  C CE2 . TYR A 1 65  ? -3.526  -3.275  2.755   1.00 37.27  ? 377 TYR A CE2 1 
ATOM 535  C CZ  . TYR A 1 65  ? -4.346  -4.294  2.295   1.00 37.96  ? 377 TYR A CZ  1 
ATOM 536  O OH  . TYR A 1 65  ? -5.457  -4.653  3.043   1.00 39.28  ? 377 TYR A OH  1 
ATOM 537  N N   . SER A 1 66  ? 0.775   -0.737  -1.174  1.00 31.55  ? 378 SER A N   1 
ATOM 538  C CA  . SER A 1 66  ? 2.088   -0.221  -1.516  1.00 28.21  ? 378 SER A CA  1 
ATOM 539  C C   . SER A 1 66  ? 3.025   -0.891  -0.527  1.00 28.40  ? 378 SER A C   1 
ATOM 540  O O   . SER A 1 66  ? 2.576   -1.551  0.412   1.00 28.30  ? 378 SER A O   1 
ATOM 541  C CB  . SER A 1 66  ? 2.149   1.276   -1.261  1.00 27.51  ? 378 SER A CB  1 
ATOM 542  O OG  . SER A 1 66  ? 2.138   1.518   0.138   1.00 24.43  ? 378 SER A OG  1 
ATOM 543  N N   . GLN A 1 67  ? 4.328   -0.731  -0.731  1.00 28.16  ? 379 GLN A N   1 
ATOM 544  C CA  . GLN A 1 67  ? 5.294   -1.273  0.211   1.00 26.22  ? 379 GLN A CA  1 
ATOM 545  C C   . GLN A 1 67  ? 5.179   -0.281  1.373   1.00 24.87  ? 379 GLN A C   1 
ATOM 546  O O   . GLN A 1 67  ? 4.637   0.810   1.201   1.00 24.61  ? 379 GLN A O   1 
ATOM 547  C CB  . GLN A 1 67  ? 6.696   -1.253  -0.396  1.00 26.79  ? 379 GLN A CB  1 
ATOM 548  C CG  . GLN A 1 67  ? 7.242   0.139   -0.754  1.00 29.68  ? 379 GLN A CG  1 
ATOM 549  C CD  . GLN A 1 67  ? 6.481   0.829   -1.886  1.00 30.07  ? 379 GLN A CD  1 
ATOM 550  O OE1 . GLN A 1 67  ? 5.701   0.199   -2.599  1.00 30.58  ? 379 GLN A OE1 1 
ATOM 551  N NE2 . GLN A 1 67  ? 6.722   2.127   -2.059  1.00 28.96  ? 379 GLN A NE2 1 
ATOM 552  N N   . PRO A 1 68  ? 5.656   -0.639  2.572   1.00 24.20  ? 380 PRO A N   1 
ATOM 553  C CA  . PRO A 1 68  ? 5.520   0.344   3.660   1.00 24.24  ? 380 PRO A CA  1 
ATOM 554  C C   . PRO A 1 68  ? 6.481   1.529   3.498   1.00 24.58  ? 380 PRO A C   1 
ATOM 555  O O   . PRO A 1 68  ? 7.502   1.417   2.819   1.00 25.17  ? 380 PRO A O   1 
ATOM 556  C CB  . PRO A 1 68  ? 5.845   -0.469  4.925   1.00 23.25  ? 380 PRO A CB  1 
ATOM 557  C CG  . PRO A 1 68  ? 5.687   -1.913  4.503   1.00 23.11  ? 380 PRO A CG  1 
ATOM 558  C CD  . PRO A 1 68  ? 6.178   -1.921  3.073   1.00 22.59  ? 380 PRO A CD  1 
ATOM 559  N N   . PHE A 1 69  ? 6.135   2.666   4.096   1.00 24.52  ? 381 PHE A N   1 
ATOM 560  C CA  . PHE A 1 69  ? 7.006   3.836   4.064   1.00 25.23  ? 381 PHE A CA  1 
ATOM 561  C C   . PHE A 1 69  ? 6.975   4.456   5.456   1.00 24.87  ? 381 PHE A C   1 
ATOM 562  O O   . PHE A 1 69  ? 6.032   4.217   6.215   1.00 25.27  ? 381 PHE A O   1 
ATOM 563  C CB  . PHE A 1 69  ? 6.597   4.832   2.952   1.00 26.38  ? 381 PHE A CB  1 
ATOM 564  C CG  . PHE A 1 69  ? 5.338   5.612   3.222   1.00 26.14  ? 381 PHE A CG  1 
ATOM 565  C CD1 . PHE A 1 69  ? 4.109   4.977   3.329   1.00 26.12  ? 381 PHE A CD1 1 
ATOM 566  C CD2 . PHE A 1 69  ? 5.381   7.005   3.303   1.00 26.05  ? 381 PHE A CD2 1 
ATOM 567  C CE1 . PHE A 1 69  ? 2.938   5.719   3.509   1.00 24.03  ? 381 PHE A CE1 1 
ATOM 568  C CE2 . PHE A 1 69  ? 4.219   7.747   3.482   1.00 24.20  ? 381 PHE A CE2 1 
ATOM 569  C CZ  . PHE A 1 69  ? 2.998   7.101   3.583   1.00 22.70  ? 381 PHE A CZ  1 
ATOM 570  N N   . TYR A 1 70  ? 8.002   5.227   5.809   1.00 23.50  ? 382 TYR A N   1 
ATOM 571  C CA  . TYR A 1 70  ? 8.076   5.797   7.156   1.00 24.12  ? 382 TYR A CA  1 
ATOM 572  C C   . TYR A 1 70  ? 8.201   7.301   7.215   1.00 26.16  ? 382 TYR A C   1 
ATOM 573  O O   . TYR A 1 70  ? 8.600   7.939   6.245   1.00 26.74  ? 382 TYR A O   1 
ATOM 574  C CB  . TYR A 1 70  ? 9.265   5.183   7.932   1.00 20.51  ? 382 TYR A CB  1 
ATOM 575  C CG  . TYR A 1 70  ? 9.294   3.674   7.875   1.00 17.16  ? 382 TYR A CG  1 
ATOM 576  C CD1 . TYR A 1 70  ? 9.753   3.000   6.740   1.00 17.08  ? 382 TYR A CD1 1 
ATOM 577  C CD2 . TYR A 1 70  ? 8.740   2.921   8.887   1.00 15.63  ? 382 TYR A CD2 1 
ATOM 578  C CE1 . TYR A 1 70  ? 9.641   1.613   6.622   1.00 12.98  ? 382 TYR A CE1 1 
ATOM 579  C CE2 . TYR A 1 70  ? 8.626   1.538   8.776   1.00 14.06  ? 382 TYR A CE2 1 
ATOM 580  C CZ  . TYR A 1 70  ? 9.071   0.895   7.647   1.00 12.56  ? 382 TYR A CZ  1 
ATOM 581  O OH  . TYR A 1 70  ? 8.904   -0.466  7.540   1.00 14.09  ? 382 TYR A OH  1 
ATOM 582  N N   . THR A 1 71  ? 7.852   7.852   8.377   1.00 28.87  ? 383 THR A N   1 
ATOM 583  C CA  . THR A 1 71  ? 7.955   9.287   8.632   1.00 29.76  ? 383 THR A CA  1 
ATOM 584  C C   . THR A 1 71  ? 9.401   9.532   9.074   1.00 29.27  ? 383 THR A C   1 
ATOM 585  O O   . THR A 1 71  ? 9.908   10.651  8.999   1.00 32.46  ? 383 THR A O   1 
ATOM 586  C CB  . THR A 1 71  ? 7.005   9.738   9.772   1.00 32.23  ? 383 THR A CB  1 
ATOM 587  O OG1 . THR A 1 71  ? 7.250   8.935   10.936  1.00 36.51  ? 383 THR A OG1 1 
ATOM 588  C CG2 . THR A 1 71  ? 5.538   9.596   9.357   1.00 31.73  ? 383 THR A CG2 1 
ATOM 589  N N   . GLY A 1 72  ? 10.063  8.478   9.535   1.00 26.27  ? 384 GLY A N   1 
ATOM 590  C CA  . GLY A 1 72  ? 11.439  8.606   9.961   1.00 25.22  ? 384 GLY A CA  1 
ATOM 591  C C   . GLY A 1 72  ? 12.037  7.237   10.189  1.00 26.44  ? 384 GLY A C   1 
ATOM 592  O O   . GLY A 1 72  ? 11.302  6.247   10.195  1.00 25.66  ? 384 GLY A O   1 
ATOM 593  N N   . TYR A 1 73  ? 13.353  7.173   10.393  1.00 26.54  ? 385 TYR A N   1 
ATOM 594  C CA  . TYR A 1 73  ? 14.021  5.898   10.610  1.00 28.74  ? 385 TYR A CA  1 
ATOM 595  C C   . TYR A 1 73  ? 13.315  4.998   11.612  1.00 30.76  ? 385 TYR A C   1 
ATOM 596  O O   . TYR A 1 73  ? 13.222  3.784   11.393  1.00 34.20  ? 385 TYR A O   1 
ATOM 597  C CB  . TYR A 1 73  ? 15.478  6.106   11.038  1.00 28.45  ? 385 TYR A CB  1 
ATOM 598  C CG  . TYR A 1 73  ? 16.385  6.477   9.895   1.00 28.16  ? 385 TYR A CG  1 
ATOM 599  C CD1 . TYR A 1 73  ? 17.261  7.556   9.999   1.00 27.46  ? 385 TYR A CD1 1 
ATOM 600  C CD2 . TYR A 1 73  ? 16.331  5.779   8.684   1.00 27.45  ? 385 TYR A CD2 1 
ATOM 601  C CE1 . TYR A 1 73  ? 18.055  7.940   8.921   1.00 27.91  ? 385 TYR A CE1 1 
ATOM 602  C CE2 . TYR A 1 73  ? 17.118  6.151   7.607   1.00 26.69  ? 385 TYR A CE2 1 
ATOM 603  C CZ  . TYR A 1 73  ? 17.976  7.234   7.730   1.00 27.95  ? 385 TYR A CZ  1 
ATOM 604  O OH  . TYR A 1 73  ? 18.750  7.619   6.661   1.00 30.67  ? 385 TYR A OH  1 
ATOM 605  N N   . PHE A 1 74  ? 12.820  5.565   12.710  1.00 30.23  ? 386 PHE A N   1 
ATOM 606  C CA  . PHE A 1 74  ? 12.120  4.745   13.699  1.00 30.97  ? 386 PHE A CA  1 
ATOM 607  C C   . PHE A 1 74  ? 10.764  5.372   14.040  1.00 32.02  ? 386 PHE A C   1 
ATOM 608  O O   . PHE A 1 74  ? 10.377  5.488   15.208  1.00 31.82  ? 386 PHE A O   1 
ATOM 609  C CB  . PHE A 1 74  ? 12.977  4.582   14.962  1.00 28.76  ? 386 PHE A CB  1 
ATOM 610  C CG  . PHE A 1 74  ? 14.398  4.165   14.685  1.00 27.70  ? 386 PHE A CG  1 
ATOM 611  C CD1 . PHE A 1 74  ? 15.426  5.107   14.672  1.00 24.39  ? 386 PHE A CD1 1 
ATOM 612  C CD2 . PHE A 1 74  ? 14.714  2.824   14.428  1.00 27.80  ? 386 PHE A CD2 1 
ATOM 613  C CE1 . PHE A 1 74  ? 16.746  4.720   14.408  1.00 25.36  ? 386 PHE A CE1 1 
ATOM 614  C CE2 . PHE A 1 74  ? 16.041  2.426   14.162  1.00 26.09  ? 386 PHE A CE2 1 
ATOM 615  C CZ  . PHE A 1 74  ? 17.054  3.371   14.152  1.00 24.43  ? 386 PHE A CZ  1 
ATOM 616  N N   . GLY A 1 75  ? 10.045  5.775   12.998  1.00 32.18  ? 387 GLY A N   1 
ATOM 617  C CA  . GLY A 1 75  ? 8.748   6.393   13.199  1.00 31.39  ? 387 GLY A CA  1 
ATOM 618  C C   . GLY A 1 75  ? 7.606   5.489   12.797  1.00 31.06  ? 387 GLY A C   1 
ATOM 619  O O   . GLY A 1 75  ? 7.741   4.264   12.757  1.00 31.74  ? 387 GLY A O   1 
ATOM 620  N N   . TYR A 1 76  ? 6.469   6.099   12.502  1.00 30.47  ? 388 TYR A N   1 
ATOM 621  C CA  . TYR A 1 76  ? 5.297   5.340   12.095  1.00 29.96  ? 388 TYR A CA  1 
ATOM 622  C C   . TYR A 1 76  ? 5.603   4.554   10.830  1.00 30.65  ? 388 TYR A C   1 
ATOM 623  O O   . TYR A 1 76  ? 6.382   4.995   9.969   1.00 32.00  ? 388 TYR A O   1 
ATOM 624  C CB  . TYR A 1 76  ? 4.127   6.277   11.801  1.00 27.66  ? 388 TYR A CB  1 
ATOM 625  C CG  . TYR A 1 76  ? 3.693   7.130   12.958  1.00 26.32  ? 388 TYR A CG  1 
ATOM 626  C CD1 . TYR A 1 76  ? 2.889   6.605   13.973  1.00 26.29  ? 388 TYR A CD1 1 
ATOM 627  C CD2 . TYR A 1 76  ? 4.069   8.464   13.035  1.00 25.04  ? 388 TYR A CD2 1 
ATOM 628  C CE1 . TYR A 1 76  ? 2.461   7.390   15.034  1.00 25.80  ? 388 TYR A CE1 1 
ATOM 629  C CE2 . TYR A 1 76  ? 3.654   9.256   14.091  1.00 27.27  ? 388 TYR A CE2 1 
ATOM 630  C CZ  . TYR A 1 76  ? 2.847   8.710   15.086  1.00 27.55  ? 388 TYR A CZ  1 
ATOM 631  O OH  . TYR A 1 76  ? 2.428   9.498   16.128  1.00 29.83  ? 388 TYR A OH  1 
ATOM 632  N N   . LYS A 1 77  ? 4.985   3.388   10.727  1.00 29.60  ? 389 LYS A N   1 
ATOM 633  C CA  . LYS A 1 77  ? 5.133   2.551   9.550   1.00 29.06  ? 389 LYS A CA  1 
ATOM 634  C C   . LYS A 1 77  ? 3.755   2.621   8.896   1.00 29.51  ? 389 LYS A C   1 
ATOM 635  O O   . LYS A 1 77  ? 2.750   2.249   9.504   1.00 30.90  ? 389 LYS A O   1 
ATOM 636  C CB  . LYS A 1 77  ? 5.455   1.120   9.957   1.00 26.78  ? 389 LYS A CB  1 
ATOM 637  C CG  . LYS A 1 77  ? 5.629   0.206   8.787   1.00 24.32  ? 389 LYS A CG  1 
ATOM 638  C CD  . LYS A 1 77  ? 5.692   -1.202  9.257   1.00 22.67  ? 389 LYS A CD  1 
ATOM 639  C CE  . LYS A 1 77  ? 5.691   -2.141  8.096   1.00 22.38  ? 389 LYS A CE  1 
ATOM 640  N NZ  . LYS A 1 77  ? 5.611   -3.521  8.626   1.00 24.80  ? 389 LYS A NZ  1 
ATOM 641  N N   . MET A 1 78  ? 3.696   3.112   7.669   1.00 29.21  ? 390 MET A N   1 
ATOM 642  C CA  . MET A 1 78  ? 2.415   3.253   6.997   1.00 27.96  ? 390 MET A CA  1 
ATOM 643  C C   . MET A 1 78  ? 2.477   2.680   5.593   1.00 29.31  ? 390 MET A C   1 
ATOM 644  O O   . MET A 1 78  ? 3.496   2.117   5.187   1.00 30.82  ? 390 MET A O   1 
ATOM 645  C CB  . MET A 1 78  ? 2.056   4.731   6.944   1.00 26.12  ? 390 MET A CB  1 
ATOM 646  C CG  . MET A 1 78  ? 2.491   5.494   8.185   1.00 23.95  ? 390 MET A CG  1 
ATOM 647  S SD  . MET A 1 78  ? 2.938   7.206   7.814   1.00 25.42  ? 390 MET A SD  1 
ATOM 648  C CE  . MET A 1 78  ? 4.640   7.039   7.280   1.00 21.53  ? 390 MET A CE  1 
ATOM 649  N N   . CYS A 1 79  ? 1.378   2.812   4.859   1.00 29.88  ? 391 CYS A N   1 
ATOM 650  C CA  . CYS A 1 79  ? 1.301   2.328   3.483   1.00 30.36  ? 391 CYS A CA  1 
ATOM 651  C C   . CYS A 1 79  ? -0.020  2.744   2.845   1.00 30.67  ? 391 CYS A C   1 
ATOM 652  O O   . CYS A 1 79  ? -0.859  3.395   3.484   1.00 29.53  ? 391 CYS A O   1 
ATOM 653  C CB  . CYS A 1 79  ? 1.440   0.798   3.415   1.00 31.19  ? 391 CYS A CB  1 
ATOM 654  S SG  . CYS A 1 79  ? -0.040  -0.176  3.803   1.00 32.10  ? 391 CYS A SG  1 
ATOM 655  N N   . ALA A 1 80  ? -0.198  2.368   1.581   1.00 29.17  ? 392 ALA A N   1 
ATOM 656  C CA  . ALA A 1 80  ? -1.410  2.710   0.863   1.00 27.53  ? 392 ALA A CA  1 
ATOM 657  C C   . ALA A 1 80  ? -2.110  1.489   0.305   1.00 28.22  ? 392 ALA A C   1 
ATOM 658  O O   . ALA A 1 80  ? -1.502  0.438   0.055   1.00 26.79  ? 392 ALA A O   1 
ATOM 659  C CB  . ALA A 1 80  ? -1.106  3.689   -0.266  1.00 25.92  ? 392 ALA A CB  1 
ATOM 660  N N   . ARG A 1 81  ? -3.411  1.658   0.117   1.00 28.55  ? 393 ARG A N   1 
ATOM 661  C CA  . ARG A 1 81  ? -4.261  0.627   -0.416  1.00 28.78  ? 393 ARG A CA  1 
ATOM 662  C C   . ARG A 1 81  ? -5.091  1.284   -1.502  1.00 28.84  ? 393 ARG A C   1 
ATOM 663  O O   . ARG A 1 81  ? -5.616  2.393   -1.323  1.00 27.43  ? 393 ARG A O   1 
ATOM 664  C CB  . ARG A 1 81  ? -5.166  0.095   0.683   1.00 31.57  ? 393 ARG A CB  1 
ATOM 665  C CG  . ARG A 1 81  ? -6.051  -1.034  0.259   1.00 33.05  ? 393 ARG A CG  1 
ATOM 666  C CD  . ARG A 1 81  ? -6.963  -1.400  1.394   1.00 36.47  ? 393 ARG A CD  1 
ATOM 667  N NE  . ARG A 1 81  ? -7.541  -2.717  1.166   1.00 41.84  ? 393 ARG A NE  1 
ATOM 668  C CZ  . ARG A 1 81  ? -8.389  -3.320  1.991   1.00 42.85  ? 393 ARG A CZ  1 
ATOM 669  N NH1 . ARG A 1 81  ? -8.764  -2.722  3.118   1.00 45.02  ? 393 ARG A NH1 1 
ATOM 670  N NH2 . ARG A 1 81  ? -8.866  -4.518  1.681   1.00 42.49  ? 393 ARG A NH2 1 
ATOM 671  N N   . VAL A 1 82  ? -5.199  0.602   -2.632  1.00 29.30  ? 394 VAL A N   1 
ATOM 672  C CA  . VAL A 1 82  ? -5.967  1.125   -3.744  1.00 29.89  ? 394 VAL A CA  1 
ATOM 673  C C   . VAL A 1 82  ? -6.898  0.043   -4.260  1.00 31.11  ? 394 VAL A C   1 
ATOM 674  O O   . VAL A 1 82  ? -6.568  -1.148  -4.207  1.00 30.04  ? 394 VAL A O   1 
ATOM 675  C CB  . VAL A 1 82  ? -5.050  1.558   -4.913  1.00 28.90  ? 394 VAL A CB  1 
ATOM 676  C CG1 . VAL A 1 82  ? -4.394  0.333   -5.531  1.00 28.17  ? 394 VAL A CG1 1 
ATOM 677  C CG2 . VAL A 1 82  ? -5.851  2.297   -5.965  1.00 27.01  ? 394 VAL A CG2 1 
ATOM 678  N N   . TYR A 1 83  ? -8.070  0.473   -4.730  1.00 31.43  ? 395 TYR A N   1 
ATOM 679  C CA  . TYR A 1 83  ? -9.053  -0.418  -5.328  1.00 31.49  ? 395 TYR A CA  1 
ATOM 680  C C   . TYR A 1 83  ? -9.156  0.127   -6.734  1.00 32.12  ? 395 TYR A C   1 
ATOM 681  O O   . TYR A 1 83  ? -9.714  1.209   -6.935  1.00 32.90  ? 395 TYR A O   1 
ATOM 682  C CB  . TYR A 1 83  ? -10.416 -0.295  -4.662  1.00 31.80  ? 395 TYR A CB  1 
ATOM 683  C CG  . TYR A 1 83  ? -10.491 -0.828  -3.254  1.00 33.29  ? 395 TYR A CG  1 
ATOM 684  C CD1 . TYR A 1 83  ? -9.882  -0.151  -2.195  1.00 33.73  ? 395 TYR A CD1 1 
ATOM 685  C CD2 . TYR A 1 83  ? -11.202 -1.993  -2.968  1.00 32.96  ? 395 TYR A CD2 1 
ATOM 686  C CE1 . TYR A 1 83  ? -9.982  -0.617  -0.893  1.00 32.19  ? 395 TYR A CE1 1 
ATOM 687  C CE2 . TYR A 1 83  ? -11.308 -2.465  -1.664  1.00 32.91  ? 395 TYR A CE2 1 
ATOM 688  C CZ  . TYR A 1 83  ? -10.699 -1.769  -0.634  1.00 32.09  ? 395 TYR A CZ  1 
ATOM 689  O OH  . TYR A 1 83  ? -10.835 -2.204  0.665   1.00 35.56  ? 395 TYR A OH  1 
ATOM 690  N N   . LEU A 1 84  ? -8.603  -0.597  -7.701  1.00 32.21  ? 396 LEU A N   1 
ATOM 691  C CA  . LEU A 1 84  ? -8.636  -0.144  -9.089  1.00 32.52  ? 396 LEU A CA  1 
ATOM 692  C C   . LEU A 1 84  ? -10.042 0.003   -9.634  1.00 32.99  ? 396 LEU A C   1 
ATOM 693  O O   . LEU A 1 84  ? -10.272 0.792   -10.545 1.00 33.11  ? 396 LEU A O   1 
ATOM 694  C CB  . LEU A 1 84  ? -7.850  -1.096  -9.989  1.00 31.82  ? 396 LEU A CB  1 
ATOM 695  C CG  . LEU A 1 84  ? -6.362  -1.175  -9.648  1.00 32.88  ? 396 LEU A CG  1 
ATOM 696  C CD1 . LEU A 1 84  ? -5.655  -2.018  -10.685 1.00 33.25  ? 396 LEU A CD1 1 
ATOM 697  C CD2 . LEU A 1 84  ? -5.765  0.230   -9.594  1.00 31.41  ? 396 LEU A CD2 1 
ATOM 698  N N   . ASN A 1 85  ? -10.983 -0.757  -9.080  1.00 34.31  ? 397 ASN A N   1 
ATOM 699  C CA  . ASN A 1 85  ? -12.356 -0.681  -9.544  1.00 34.69  ? 397 ASN A CA  1 
ATOM 700  C C   . ASN A 1 85  ? -13.291 -0.025  -8.532  1.00 35.84  ? 397 ASN A C   1 
ATOM 701  O O   . ASN A 1 85  ? -14.515 -0.161  -8.630  1.00 37.75  ? 397 ASN A O   1 
ATOM 702  C CB  . ASN A 1 85  ? -12.871 -2.073  -9.896  1.00 35.13  ? 397 ASN A CB  1 
ATOM 703  C CG  . ASN A 1 85  ? -14.226 -2.029  -10.568 1.00 35.57  ? 397 ASN A CG  1 
ATOM 704  O OD1 . ASN A 1 85  ? -14.456 -1.227  -11.484 1.00 34.33  ? 397 ASN A OD1 1 
ATOM 705  N ND2 . ASN A 1 85  ? -15.132 -2.888  -10.122 1.00 34.18  ? 397 ASN A ND2 1 
ATOM 706  N N   . GLY A 1 86  ? -12.713 0.680   -7.560  1.00 34.09  ? 398 GLY A N   1 
ATOM 707  C CA  . GLY A 1 86  ? -13.513 1.355   -6.560  1.00 29.81  ? 398 GLY A CA  1 
ATOM 708  C C   . GLY A 1 86  ? -14.055 0.506   -5.423  1.00 28.92  ? 398 GLY A C   1 
ATOM 709  O O   . GLY A 1 86  ? -14.303 -0.705  -5.547  1.00 26.51  ? 398 GLY A O   1 
ATOM 710  N N   . ASP A 1 87  ? -14.248 1.187   -4.300  1.00 27.76  ? 399 ASP A N   1 
ATOM 711  C CA  . ASP A 1 87  ? -14.765 0.601   -3.082  1.00 27.28  ? 399 ASP A CA  1 
ATOM 712  C C   . ASP A 1 87  ? -15.824 1.554   -2.546  1.00 28.46  ? 399 ASP A C   1 
ATOM 713  O O   . ASP A 1 87  ? -15.768 2.758   -2.818  1.00 30.20  ? 399 ASP A O   1 
ATOM 714  C CB  . ASP A 1 87  ? -13.643 0.479   -2.063  1.00 28.42  ? 399 ASP A CB  1 
ATOM 715  C CG  . ASP A 1 87  ? -14.152 0.173   -0.681  1.00 30.18  ? 399 ASP A CG  1 
ATOM 716  O OD1 . ASP A 1 87  ? -14.689 -0.939  -0.504  1.00 31.70  ? 399 ASP A OD1 1 
ATOM 717  O OD2 . ASP A 1 87  ? -14.024 1.039   0.220   1.00 29.13  ? 399 ASP A OD2 1 
ATOM 718  N N   . GLY A 1 88  ? -16.779 1.024   -1.782  1.00 27.91  ? 400 GLY A N   1 
ATOM 719  C CA  . GLY A 1 88  ? -17.827 1.857   -1.212  1.00 25.35  ? 400 GLY A CA  1 
ATOM 720  C C   . GLY A 1 88  ? -18.644 2.640   -2.222  1.00 25.39  ? 400 GLY A C   1 
ATOM 721  O O   . GLY A 1 88  ? -19.083 2.087   -3.243  1.00 25.03  ? 400 GLY A O   1 
ATOM 722  N N   . MET A 1 89  ? -18.852 3.925   -1.938  1.00 24.76  ? 401 MET A N   1 
ATOM 723  C CA  . MET A 1 89  ? -19.623 4.804   -2.820  1.00 27.00  ? 401 MET A CA  1 
ATOM 724  C C   . MET A 1 89  ? -19.026 5.039   -4.217  1.00 28.10  ? 401 MET A C   1 
ATOM 725  O O   . MET A 1 89  ? -19.715 5.546   -5.117  1.00 28.31  ? 401 MET A O   1 
ATOM 726  C CB  . MET A 1 89  ? -19.846 6.157   -2.148  1.00 27.81  ? 401 MET A CB  1 
ATOM 727  C CG  . MET A 1 89  ? -20.810 6.094   -0.988  1.00 31.22  ? 401 MET A CG  1 
ATOM 728  S SD  . MET A 1 89  ? -22.302 5.210   -1.449  1.00 32.67  ? 401 MET A SD  1 
ATOM 729  C CE  . MET A 1 89  ? -23.127 6.492   -2.428  1.00 33.36  ? 401 MET A CE  1 
ATOM 730  N N   . GLY A 1 90  ? -17.756 4.680   -4.395  1.00 27.36  ? 402 GLY A N   1 
ATOM 731  C CA  . GLY A 1 90  ? -17.110 4.851   -5.683  1.00 27.19  ? 402 GLY A CA  1 
ATOM 732  C C   . GLY A 1 90  ? -16.999 3.534   -6.430  1.00 27.68  ? 402 GLY A C   1 
ATOM 733  O O   . GLY A 1 90  ? -16.598 3.495   -7.596  1.00 27.88  ? 402 GLY A O   1 
ATOM 734  N N   . LYS A 1 91  ? -17.374 2.450   -5.761  1.00 26.88  ? 403 LYS A N   1 
ATOM 735  C CA  . LYS A 1 91  ? -17.298 1.127   -6.355  1.00 27.62  ? 403 LYS A CA  1 
ATOM 736  C C   . LYS A 1 91  ? -17.844 1.068   -7.784  1.00 29.05  ? 403 LYS A C   1 
ATOM 737  O O   . LYS A 1 91  ? -18.935 1.553   -8.067  1.00 30.86  ? 403 LYS A O   1 
ATOM 738  C CB  . LYS A 1 91  ? -18.028 0.125   -5.461  1.00 26.57  ? 403 LYS A CB  1 
ATOM 739  C CG  . LYS A 1 91  ? -17.820 -1.319  -5.875  1.00 25.47  ? 403 LYS A CG  1 
ATOM 740  C CD  . LYS A 1 91  ? -18.137 -2.256  -4.721  1.00 27.08  ? 403 LYS A CD  1 
ATOM 741  C CE  . LYS A 1 91  ? -17.776 -3.688  -5.087  1.00 29.10  ? 403 LYS A CE  1 
ATOM 742  N NZ  . LYS A 1 91  ? -18.030 -4.650  -3.985  1.00 31.59  ? 403 LYS A NZ  1 
ATOM 743  N N   . GLY A 1 92  ? -17.070 0.473   -8.683  1.00 30.17  ? 404 GLY A N   1 
ATOM 744  C CA  . GLY A 1 92  ? -17.491 0.354   -10.066 1.00 31.10  ? 404 GLY A CA  1 
ATOM 745  C C   . GLY A 1 92  ? -17.424 1.647   -10.858 1.00 33.80  ? 404 GLY A C   1 
ATOM 746  O O   . GLY A 1 92  ? -17.356 1.626   -12.088 1.00 34.62  ? 404 GLY A O   1 
ATOM 747  N N   . THR A 1 93  ? -17.431 2.784   -10.172 1.00 35.12  ? 405 THR A N   1 
ATOM 748  C CA  . THR A 1 93  ? -17.390 4.065   -10.874 1.00 37.70  ? 405 THR A CA  1 
ATOM 749  C C   . THR A 1 93  ? -16.053 4.798   -10.769 1.00 38.09  ? 405 THR A C   1 
ATOM 750  O O   . THR A 1 93  ? -15.615 5.443   -11.723 1.00 38.63  ? 405 THR A O   1 
ATOM 751  C CB  . THR A 1 93  ? -18.493 5.019   -10.350 1.00 40.21  ? 405 THR A CB  1 
ATOM 752  O OG1 . THR A 1 93  ? -18.279 5.280   -8.956  1.00 43.48  ? 405 THR A OG1 1 
ATOM 753  C CG2 . THR A 1 93  ? -19.878 4.397   -10.524 1.00 40.15  ? 405 THR A CG2 1 
ATOM 754  N N   . HIS A 1 94  ? -15.414 4.698   -9.605  1.00 38.09  ? 406 HIS A N   1 
ATOM 755  C CA  . HIS A 1 94  ? -14.148 5.376   -9.362  1.00 36.15  ? 406 HIS A CA  1 
ATOM 756  C C   . HIS A 1 94  ? -13.017 4.438   -8.999  1.00 35.49  ? 406 HIS A C   1 
ATOM 757  O O   . HIS A 1 94  ? -13.151 3.211   -9.052  1.00 35.04  ? 406 HIS A O   1 
ATOM 758  C CB  . HIS A 1 94  ? -14.283 6.367   -8.202  1.00 37.21  ? 406 HIS A CB  1 
ATOM 759  C CG  . HIS A 1 94  ? -15.318 7.428   -8.413  1.00 38.82  ? 406 HIS A CG  1 
ATOM 760  N ND1 . HIS A 1 94  ? -15.166 8.713   -7.933  1.00 40.11  ? 406 HIS A ND1 1 
ATOM 761  C CD2 . HIS A 1 94  ? -16.535 7.388   -9.000  1.00 38.05  ? 406 HIS A CD2 1 
ATOM 762  C CE1 . HIS A 1 94  ? -16.246 9.418   -8.215  1.00 38.26  ? 406 HIS A CE1 1 
ATOM 763  N NE2 . HIS A 1 94  ? -17.091 8.638   -8.862  1.00 39.89  ? 406 HIS A NE2 1 
ATOM 764  N N   . LEU A 1 95  ? -11.897 5.061   -8.631  1.00 33.48  ? 407 LEU A N   1 
ATOM 765  C CA  . LEU A 1 95  ? -10.701 4.380   -8.160  1.00 32.42  ? 407 LEU A CA  1 
ATOM 766  C C   . LEU A 1 95  ? -10.629 4.892   -6.724  1.00 31.30  ? 407 LEU A C   1 
ATOM 767  O O   . LEU A 1 95  ? -10.596 6.104   -6.503  1.00 31.01  ? 407 LEU A O   1 
ATOM 768  C CB  . LEU A 1 95  ? -9.459  4.842   -8.934  1.00 34.19  ? 407 LEU A CB  1 
ATOM 769  C CG  . LEU A 1 95  ? -8.059  4.356   -8.483  1.00 33.40  ? 407 LEU A CG  1 
ATOM 770  C CD1 . LEU A 1 95  ? -7.062  4.683   -9.556  1.00 32.24  ? 407 LEU A CD1 1 
ATOM 771  C CD2 . LEU A 1 95  ? -7.617  5.008   -7.174  1.00 32.28  ? 407 LEU A CD2 1 
ATOM 772  N N   . SER A 1 96  ? -10.625 3.988   -5.751  1.00 30.35  ? 408 SER A N   1 
ATOM 773  C CA  . SER A 1 96  ? -10.575 4.403   -4.350  1.00 30.37  ? 408 SER A CA  1 
ATOM 774  C C   . SER A 1 96  ? -9.157  4.295   -3.808  1.00 30.89  ? 408 SER A C   1 
ATOM 775  O O   . SER A 1 96  ? -8.487  3.276   -3.993  1.00 32.27  ? 408 SER A O   1 
ATOM 776  C CB  . SER A 1 96  ? -11.521 3.541   -3.509  1.00 29.98  ? 408 SER A CB  1 
ATOM 777  O OG  . SER A 1 96  ? -12.863 3.647   -3.957  1.00 29.28  ? 408 SER A OG  1 
ATOM 778  N N   . LEU A 1 97  ? -8.699  5.350   -3.146  1.00 30.37  ? 409 LEU A N   1 
ATOM 779  C CA  . LEU A 1 97  ? -7.352  5.373   -2.597  1.00 30.51  ? 409 LEU A CA  1 
ATOM 780  C C   . LEU A 1 97  ? -7.386  5.642   -1.107  1.00 30.89  ? 409 LEU A C   1 
ATOM 781  O O   . LEU A 1 97  ? -7.923  6.664   -0.663  1.00 29.70  ? 409 LEU A O   1 
ATOM 782  C CB  . LEU A 1 97  ? -6.514  6.449   -3.293  1.00 31.19  ? 409 LEU A CB  1 
ATOM 783  C CG  . LEU A 1 97  ? -5.055  6.585   -2.824  1.00 32.47  ? 409 LEU A CG  1 
ATOM 784  C CD1 . LEU A 1 97  ? -4.304  5.262   -3.048  1.00 31.29  ? 409 LEU A CD1 1 
ATOM 785  C CD2 . LEU A 1 97  ? -4.381  7.730   -3.573  1.00 29.77  ? 409 LEU A CD2 1 
ATOM 786  N N   . PHE A 1 98  ? -6.795  4.732   -0.335  1.00 31.12  ? 410 PHE A N   1 
ATOM 787  C CA  . PHE A 1 98  ? -6.775  4.879   1.114   1.00 31.49  ? 410 PHE A CA  1 
ATOM 788  C C   . PHE A 1 98  ? -5.375  4.910   1.740   1.00 31.78  ? 410 PHE A C   1 
ATOM 789  O O   . PHE A 1 98  ? -4.396  4.476   1.133   1.00 30.15  ? 410 PHE A O   1 
ATOM 790  C CB  . PHE A 1 98  ? -7.588  3.751   1.757   1.00 30.53  ? 410 PHE A CB  1 
ATOM 791  C CG  . PHE A 1 98  ? -9.011  3.672   1.272   1.00 30.85  ? 410 PHE A CG  1 
ATOM 792  C CD1 . PHE A 1 98  ? -9.336  2.924   0.149   1.00 30.26  ? 410 PHE A CD1 1 
ATOM 793  C CD2 . PHE A 1 98  ? -10.028 4.358   1.936   1.00 30.41  ? 410 PHE A CD2 1 
ATOM 794  C CE1 . PHE A 1 98  ? -10.649 2.858   -0.304  1.00 29.47  ? 410 PHE A CE1 1 
ATOM 795  C CE2 . PHE A 1 98  ? -11.339 4.299   1.490   1.00 28.37  ? 410 PHE A CE2 1 
ATOM 796  C CZ  . PHE A 1 98  ? -11.650 3.547   0.369   1.00 28.87  ? 410 PHE A CZ  1 
ATOM 797  N N   . PHE A 1 99  ? -5.309  5.431   2.966   1.00 31.93  ? 411 PHE A N   1 
ATOM 798  C CA  . PHE A 1 99  ? -4.076  5.522   3.748   1.00 32.40  ? 411 PHE A CA  1 
ATOM 799  C C   . PHE A 1 99  ? -4.144  4.469   4.865   1.00 33.53  ? 411 PHE A C   1 
ATOM 800  O O   . PHE A 1 99  ? -5.179  4.312   5.506   1.00 34.59  ? 411 PHE A O   1 
ATOM 801  C CB  . PHE A 1 99  ? -3.954  6.922   4.369   1.00 31.56  ? 411 PHE A CB  1 
ATOM 802  C CG  . PHE A 1 99  ? -2.755  7.096   5.285   1.00 32.84  ? 411 PHE A CG  1 
ATOM 803  C CD1 . PHE A 1 99  ? -1.457  7.056   4.786   1.00 31.07  ? 411 PHE A CD1 1 
ATOM 804  C CD2 . PHE A 1 99  ? -2.931  7.328   6.652   1.00 33.06  ? 411 PHE A CD2 1 
ATOM 805  C CE1 . PHE A 1 99  ? -0.365  7.245   5.626   1.00 29.67  ? 411 PHE A CE1 1 
ATOM 806  C CE2 . PHE A 1 99  ? -1.835  7.518   7.498   1.00 30.37  ? 411 PHE A CE2 1 
ATOM 807  C CZ  . PHE A 1 99  ? -0.558  7.477   6.982   1.00 29.68  ? 411 PHE A CZ  1 
ATOM 808  N N   . VAL A 1 100 ? -3.054  3.747   5.104   1.00 34.36  ? 412 VAL A N   1 
ATOM 809  C CA  . VAL A 1 100 ? -3.064  2.747   6.166   1.00 33.37  ? 412 VAL A CA  1 
ATOM 810  C C   . VAL A 1 100 ? -1.941  2.899   7.183   1.00 33.53  ? 412 VAL A C   1 
ATOM 811  O O   . VAL A 1 100 ? -0.805  3.224   6.836   1.00 33.51  ? 412 VAL A O   1 
ATOM 812  C CB  . VAL A 1 100 ? -2.974  1.328   5.612   1.00 32.63  ? 412 VAL A CB  1 
ATOM 813  C CG1 . VAL A 1 100 ? -2.980  0.332   6.766   1.00 31.84  ? 412 VAL A CG1 1 
ATOM 814  C CG2 . VAL A 1 100 ? -4.126  1.072   4.668   1.00 32.53  ? 412 VAL A CG2 1 
ATOM 815  N N   . ILE A 1 101 ? -2.276  2.677   8.447   1.00 33.22  ? 413 ILE A N   1 
ATOM 816  C CA  . ILE A 1 101 ? -1.290  2.740   9.507   1.00 33.09  ? 413 ILE A CA  1 
ATOM 817  C C   . ILE A 1 101 ? -1.018  1.291   9.871   1.00 34.46  ? 413 ILE A C   1 
ATOM 818  O O   . ILE A 1 101 ? -1.933  0.525   10.184  1.00 35.10  ? 413 ILE A O   1 
ATOM 819  C CB  . ILE A 1 101 ? -1.800  3.464   10.760  1.00 31.47  ? 413 ILE A CB  1 
ATOM 820  C CG1 . ILE A 1 101 ? -1.950  4.961   10.495  1.00 32.74  ? 413 ILE A CG1 1 
ATOM 821  C CG2 . ILE A 1 101 ? -0.818  3.263   11.886  1.00 30.00  ? 413 ILE A CG2 1 
ATOM 822  C CD1 . ILE A 1 101 ? -0.640  5.744   10.516  1.00 33.13  ? 413 ILE A CD1 1 
ATOM 823  N N   . MET A 1 102 ? 0.247   0.909   9.809   1.00 34.49  ? 414 MET A N   1 
ATOM 824  C CA  . MET A 1 102 ? 0.627   -0.444  10.135  1.00 33.90  ? 414 MET A CA  1 
ATOM 825  C C   . MET A 1 102 ? 1.226   -0.458  11.531  1.00 35.51  ? 414 MET A C   1 
ATOM 826  O O   . MET A 1 102 ? 1.610   0.593   12.063  1.00 35.97  ? 414 MET A O   1 
ATOM 827  C CB  . MET A 1 102 ? 1.634   -0.938  9.112   1.00 31.73  ? 414 MET A CB  1 
ATOM 828  C CG  . MET A 1 102 ? 1.130   -0.800  7.705   1.00 29.17  ? 414 MET A CG  1 
ATOM 829  S SD  . MET A 1 102 ? 2.254   -1.553  6.541   1.00 30.88  ? 414 MET A SD  1 
ATOM 830  C CE  . MET A 1 102 ? 1.990   -3.267  6.913   1.00 24.30  ? 414 MET A CE  1 
ATOM 831  N N   . ARG A 1 103 ? 1.290   -1.641  12.132  1.00 36.32  ? 415 ARG A N   1 
ATOM 832  C CA  . ARG A 1 103 ? 1.862   -1.767  13.459  1.00 37.54  ? 415 ARG A CA  1 
ATOM 833  C C   . ARG A 1 103 ? 3.362   -1.616  13.308  1.00 36.92  ? 415 ARG A C   1 
ATOM 834  O O   . ARG A 1 103 ? 4.022   -2.468  12.719  1.00 34.11  ? 415 ARG A O   1 
ATOM 835  C CB  . ARG A 1 103 ? 1.539   -3.132  14.056  1.00 40.05  ? 415 ARG A CB  1 
ATOM 836  C CG  . ARG A 1 103 ? 2.053   -3.342  15.475  1.00 41.47  ? 415 ARG A CG  1 
ATOM 837  C CD  . ARG A 1 103 ? 1.540   -4.668  15.998  1.00 41.47  ? 415 ARG A CD  1 
ATOM 838  N NE  . ARG A 1 103 ? 1.822   -5.738  15.048  1.00 42.51  ? 415 ARG A NE  1 
ATOM 839  C CZ  . ARG A 1 103 ? 1.195   -6.913  15.028  1.00 44.72  ? 415 ARG A CZ  1 
ATOM 840  N NH1 . ARG A 1 103 ? 0.242   -7.173  15.916  1.00 45.86  ? 415 ARG A NH1 1 
ATOM 841  N NH2 . ARG A 1 103 ? 1.517   -7.830  14.119  1.00 44.45  ? 415 ARG A NH2 1 
ATOM 842  N N   . GLY A 1 104 ? 3.878   -0.500  13.814  1.00 38.01  ? 416 GLY A N   1 
ATOM 843  C CA  . GLY A 1 104 ? 5.300   -0.238  13.745  1.00 38.94  ? 416 GLY A CA  1 
ATOM 844  C C   . GLY A 1 104 ? 5.970   -0.916  14.918  1.00 39.70  ? 416 GLY A C   1 
ATOM 845  O O   . GLY A 1 104 ? 5.321   -1.219  15.919  1.00 41.43  ? 416 GLY A O   1 
ATOM 846  N N   . GLU A 1 105 ? 7.266   -1.167  14.800  1.00 39.02  ? 417 GLU A N   1 
ATOM 847  C CA  . GLU A 1 105 ? 8.013   -1.822  15.863  1.00 37.83  ? 417 GLU A CA  1 
ATOM 848  C C   . GLU A 1 105 ? 8.383   -0.843  16.991  1.00 35.98  ? 417 GLU A C   1 
ATOM 849  O O   . GLU A 1 105 ? 8.936   -1.244  18.007  1.00 35.00  ? 417 GLU A O   1 
ATOM 850  C CB  . GLU A 1 105 ? 9.282   -2.441  15.272  1.00 38.09  ? 417 GLU A CB  1 
ATOM 851  C CG  . GLU A 1 105 ? 9.885   -3.565  16.089  1.00 41.08  ? 417 GLU A CG  1 
ATOM 852  C CD  . GLU A 1 105 ? 9.286   -4.912  15.755  1.00 42.66  ? 417 GLU A CD  1 
ATOM 853  O OE1 . GLU A 1 105 ? 9.153   -5.209  14.550  1.00 44.95  ? 417 GLU A OE1 1 
ATOM 854  O OE2 . GLU A 1 105 ? 8.963   -5.682  16.683  1.00 44.22  ? 417 GLU A OE2 1 
ATOM 855  N N   . TYR A 1 106 ? 8.065   0.435   16.816  1.00 35.87  ? 418 TYR A N   1 
ATOM 856  C CA  . TYR A 1 106 ? 8.405   1.442   17.822  1.00 36.90  ? 418 TYR A CA  1 
ATOM 857  C C   . TYR A 1 106 ? 7.199   2.277   18.281  1.00 37.88  ? 418 TYR A C   1 
ATOM 858  O O   . TYR A 1 106 ? 7.361   3.373   18.826  1.00 36.80  ? 418 TYR A O   1 
ATOM 859  C CB  . TYR A 1 106 ? 9.488   2.376   17.265  1.00 36.03  ? 418 TYR A CB  1 
ATOM 860  C CG  . TYR A 1 106 ? 10.646  1.645   16.615  1.00 37.33  ? 418 TYR A CG  1 
ATOM 861  C CD1 . TYR A 1 106 ? 10.475  0.942   15.423  1.00 37.70  ? 418 TYR A CD1 1 
ATOM 862  C CD2 . TYR A 1 106 ? 11.910  1.634   17.204  1.00 38.88  ? 418 TYR A CD2 1 
ATOM 863  C CE1 . TYR A 1 106 ? 11.531  0.241   14.831  1.00 37.46  ? 418 TYR A CE1 1 
ATOM 864  C CE2 . TYR A 1 106 ? 12.975  0.938   16.624  1.00 39.08  ? 418 TYR A CE2 1 
ATOM 865  C CZ  . TYR A 1 106 ? 12.777  0.244   15.434  1.00 38.90  ? 418 TYR A CZ  1 
ATOM 866  O OH  . TYR A 1 106 ? 13.826  -0.421  14.844  1.00 35.85  ? 418 TYR A OH  1 
ATOM 867  N N   . ASP A 1 107 ? 5.994   1.753   18.067  1.00 38.46  ? 419 ASP A N   1 
ATOM 868  C CA  . ASP A 1 107 ? 4.777   2.461   18.439  1.00 37.70  ? 419 ASP A CA  1 
ATOM 869  C C   . ASP A 1 107 ? 4.788   2.881   19.894  1.00 37.61  ? 419 ASP A C   1 
ATOM 870  O O   . ASP A 1 107 ? 4.257   3.932   20.251  1.00 37.87  ? 419 ASP A O   1 
ATOM 871  C CB  . ASP A 1 107 ? 3.554   1.590   18.166  1.00 36.93  ? 419 ASP A CB  1 
ATOM 872  C CG  . ASP A 1 107 ? 3.411   1.247   16.706  1.00 37.94  ? 419 ASP A CG  1 
ATOM 873  O OD1 . ASP A 1 107 ? 4.110   1.870   15.883  1.00 38.13  ? 419 ASP A OD1 1 
ATOM 874  O OD2 . ASP A 1 107 ? 2.601   0.358   16.374  1.00 40.19  ? 419 ASP A OD2 1 
ATOM 875  N N   . ALA A 1 108 ? 5.401   2.057   20.732  1.00 37.35  ? 420 ALA A N   1 
ATOM 876  C CA  . ALA A 1 108 ? 5.479   2.341   22.157  1.00 36.43  ? 420 ALA A CA  1 
ATOM 877  C C   . ALA A 1 108 ? 6.085   3.710   22.432  1.00 36.82  ? 420 ALA A C   1 
ATOM 878  O O   . ALA A 1 108 ? 5.876   4.278   23.501  1.00 37.35  ? 420 ALA A O   1 
ATOM 879  C CB  . ALA A 1 108 ? 6.289   1.270   22.851  1.00 35.70  ? 420 ALA A CB  1 
ATOM 880  N N   . LEU A 1 109 ? 6.823   4.246   21.465  1.00 37.26  ? 421 LEU A N   1 
ATOM 881  C CA  . LEU A 1 109 ? 7.462   5.552   21.631  1.00 37.74  ? 421 LEU A CA  1 
ATOM 882  C C   . LEU A 1 109 ? 6.828   6.653   20.782  1.00 37.49  ? 421 LEU A C   1 
ATOM 883  O O   . LEU A 1 109 ? 7.189   7.824   20.891  1.00 35.63  ? 421 LEU A O   1 
ATOM 884  C CB  . LEU A 1 109 ? 8.952   5.446   21.288  1.00 37.39  ? 421 LEU A CB  1 
ATOM 885  C CG  . LEU A 1 109 ? 9.732   4.377   22.045  1.00 37.42  ? 421 LEU A CG  1 
ATOM 886  C CD1 . LEU A 1 109 ? 11.178  4.373   21.578  1.00 37.95  ? 421 LEU A CD1 1 
ATOM 887  C CD2 . LEU A 1 109 ? 9.641   4.652   23.536  1.00 37.27  ? 421 LEU A CD2 1 
ATOM 888  N N   . LEU A 1 110 ? 5.885   6.274   19.932  1.00 39.12  ? 422 LEU A N   1 
ATOM 889  C CA  . LEU A 1 110 ? 5.224   7.239   19.065  1.00 40.63  ? 422 LEU A CA  1 
ATOM 890  C C   . LEU A 1 110 ? 3.929   7.776   19.680  1.00 41.75  ? 422 LEU A C   1 
ATOM 891  O O   . LEU A 1 110 ? 3.271   7.098   20.473  1.00 41.90  ? 422 LEU A O   1 
ATOM 892  C CB  . LEU A 1 110 ? 4.933   6.589   17.699  1.00 39.38  ? 422 LEU A CB  1 
ATOM 893  C CG  . LEU A 1 110 ? 6.087   6.316   16.724  1.00 36.76  ? 422 LEU A CG  1 
ATOM 894  C CD1 . LEU A 1 110 ? 7.408   6.378   17.452  1.00 37.06  ? 422 LEU A CD1 1 
ATOM 895  C CD2 . LEU A 1 110 ? 5.904   4.957   16.059  1.00 34.08  ? 422 LEU A CD2 1 
ATOM 896  N N   . PRO A 1 111 ? 3.559   9.018   19.335  1.00 42.96  ? 423 PRO A N   1 
ATOM 897  C CA  . PRO A 1 111 ? 2.335   9.644   19.848  1.00 44.55  ? 423 PRO A CA  1 
ATOM 898  C C   . PRO A 1 111 ? 1.083   9.023   19.205  1.00 46.12  ? 423 PRO A C   1 
ATOM 899  O O   . PRO A 1 111 ? 1.064   8.747   18.002  1.00 47.33  ? 423 PRO A O   1 
ATOM 900  C CB  . PRO A 1 111 ? 2.496   11.112  19.439  1.00 43.96  ? 423 PRO A CB  1 
ATOM 901  C CG  . PRO A 1 111 ? 3.986   11.285  19.272  1.00 43.08  ? 423 PRO A CG  1 
ATOM 902  C CD  . PRO A 1 111 ? 4.388   10.002  18.616  1.00 42.91  ? 423 PRO A CD  1 
ATOM 903  N N   . TRP A 1 112 ? 0.045   8.791   20.004  1.00 46.55  ? 424 TRP A N   1 
ATOM 904  C CA  . TRP A 1 112 ? -1.201  8.241   19.484  1.00 46.19  ? 424 TRP A CA  1 
ATOM 905  C C   . TRP A 1 112 ? -2.375  9.031   20.050  1.00 46.83  ? 424 TRP A C   1 
ATOM 906  O O   . TRP A 1 112 ? -2.316  9.523   21.178  1.00 47.04  ? 424 TRP A O   1 
ATOM 907  C CB  . TRP A 1 112 ? -1.347  6.765   19.834  1.00 45.11  ? 424 TRP A CB  1 
ATOM 908  C CG  . TRP A 1 112 ? -0.225  5.949   19.312  1.00 48.23  ? 424 TRP A CG  1 
ATOM 909  C CD1 . TRP A 1 112 ? 0.902   5.567   19.988  1.00 48.85  ? 424 TRP A CD1 1 
ATOM 910  C CD2 . TRP A 1 112 ? -0.075  5.461   17.978  1.00 49.60  ? 424 TRP A CD2 1 
ATOM 911  N NE1 . TRP A 1 112 ? 1.745   4.872   19.155  1.00 49.04  ? 424 TRP A NE1 1 
ATOM 912  C CE2 . TRP A 1 112 ? 1.171   4.791   17.914  1.00 49.85  ? 424 TRP A CE2 1 
ATOM 913  C CE3 . TRP A 1 112 ? -0.872  5.524   16.825  1.00 49.61  ? 424 TRP A CE3 1 
ATOM 914  C CZ2 . TRP A 1 112 ? 1.638   4.190   16.742  1.00 50.02  ? 424 TRP A CZ2 1 
ATOM 915  C CZ3 . TRP A 1 112 ? -0.405  4.925   15.659  1.00 49.03  ? 424 TRP A CZ3 1 
ATOM 916  C CH2 . TRP A 1 112 ? 0.838   4.268   15.628  1.00 49.40  ? 424 TRP A CH2 1 
ATOM 917  N N   . PRO A 1 113 ? -3.450  9.183   19.256  1.00 46.79  ? 425 PRO A N   1 
ATOM 918  C CA  . PRO A 1 113 ? -3.546  8.637   17.901  1.00 45.93  ? 425 PRO A CA  1 
ATOM 919  C C   . PRO A 1 113 ? -2.669  9.399   16.903  1.00 44.40  ? 425 PRO A C   1 
ATOM 920  O O   . PRO A 1 113 ? -2.074  10.426  17.236  1.00 43.55  ? 425 PRO A O   1 
ATOM 921  C CB  . PRO A 1 113 ? -5.031  8.774   17.596  1.00 46.14  ? 425 PRO A CB  1 
ATOM 922  C CG  . PRO A 1 113 ? -5.351  10.072  18.233  1.00 45.65  ? 425 PRO A CG  1 
ATOM 923  C CD  . PRO A 1 113 ? -4.655  9.965   19.580  1.00 45.77  ? 425 PRO A CD  1 
ATOM 924  N N   . PHE A 1 114 ? -2.590  8.875   15.684  1.00 43.76  ? 426 PHE A N   1 
ATOM 925  C CA  . PHE A 1 114 ? -1.816  9.486   14.605  1.00 42.97  ? 426 PHE A CA  1 
ATOM 926  C C   . PHE A 1 114 ? -2.470  10.837  14.260  1.00 42.28  ? 426 PHE A C   1 
ATOM 927  O O   . PHE A 1 114 ? -3.688  10.917  14.073  1.00 42.58  ? 426 PHE A O   1 
ATOM 928  C CB  . PHE A 1 114 ? -1.810  8.523   13.407  1.00 41.62  ? 426 PHE A CB  1 
ATOM 929  C CG  . PHE A 1 114 ? -1.023  9.011   12.226  1.00 42.06  ? 426 PHE A CG  1 
ATOM 930  C CD1 . PHE A 1 114 ? -1.632  9.767   11.229  1.00 40.79  ? 426 PHE A CD1 1 
ATOM 931  C CD2 . PHE A 1 114 ? 0.331   8.706   12.104  1.00 42.86  ? 426 PHE A CD2 1 
ATOM 932  C CE1 . PHE A 1 114 ? -0.914  10.212  10.132  1.00 39.53  ? 426 PHE A CE1 1 
ATOM 933  C CE2 . PHE A 1 114 ? 1.065   9.147   11.006  1.00 41.27  ? 426 PHE A CE2 1 
ATOM 934  C CZ  . PHE A 1 114 ? 0.438   9.901   10.020  1.00 42.34  ? 426 PHE A CZ  1 
ATOM 935  N N   . LYS A 1 115 ? -1.675  11.898  14.186  1.00 40.92  ? 427 LYS A N   1 
ATOM 936  C CA  . LYS A 1 115 ? -2.233  13.217  13.899  1.00 41.60  ? 427 LYS A CA  1 
ATOM 937  C C   . LYS A 1 115 ? -1.592  13.951  12.709  1.00 41.70  ? 427 LYS A C   1 
ATOM 938  O O   . LYS A 1 115 ? -1.953  15.084  12.404  1.00 41.33  ? 427 LYS A O   1 
ATOM 939  C CB  . LYS A 1 115 ? -2.123  14.083  15.157  1.00 42.58  ? 427 LYS A CB  1 
ATOM 940  C CG  . LYS A 1 115 ? -0.686  14.423  15.534  1.00 46.35  ? 427 LYS A CG  1 
ATOM 941  C CD  . LYS A 1 115 ? -0.558  14.994  16.947  1.00 49.75  ? 427 LYS A CD  1 
ATOM 942  C CE  . LYS A 1 115 ? -0.678  13.914  18.036  1.00 51.75  ? 427 LYS A CE  1 
ATOM 943  N NZ  . LYS A 1 115 ? -2.045  13.307  18.153  1.00 53.00  ? 427 LYS A NZ  1 
ATOM 944  N N   . GLN A 1 116 ? -0.647  13.304  12.035  1.00 41.91  ? 428 GLN A N   1 
ATOM 945  C CA  . GLN A 1 116 ? 0.037   13.917  10.898  1.00 40.51  ? 428 GLN A CA  1 
ATOM 946  C C   . GLN A 1 116 ? -0.875  14.072  9.671   1.00 39.97  ? 428 GLN A C   1 
ATOM 947  O O   . GLN A 1 116 ? -1.644  13.170  9.337   1.00 39.51  ? 428 GLN A O   1 
ATOM 948  C CB  . GLN A 1 116 ? 1.271   13.086  10.513  1.00 40.24  ? 428 GLN A CB  1 
ATOM 949  C CG  . GLN A 1 116 ? 2.190   12.710  11.672  1.00 38.03  ? 428 GLN A CG  1 
ATOM 950  C CD  . GLN A 1 116 ? 2.468   13.871  12.602  1.00 38.66  ? 428 GLN A CD  1 
ATOM 951  O OE1 . GLN A 1 116 ? 1.951   13.915  13.719  1.00 39.14  ? 428 GLN A OE1 1 
ATOM 952  N NE2 . GLN A 1 116 ? 3.275   14.828  12.143  1.00 36.07  ? 428 GLN A NE2 1 
ATOM 953  N N   . LYS A 1 117 ? -0.775  15.215  8.998   1.00 38.58  ? 429 LYS A N   1 
ATOM 954  C CA  . LYS A 1 117 ? -1.584  15.468  7.811   1.00 36.91  ? 429 LYS A CA  1 
ATOM 955  C C   . LYS A 1 117 ? -1.173  14.523  6.690   1.00 37.92  ? 429 LYS A C   1 
ATOM 956  O O   . LYS A 1 117 ? 0.016   14.247  6.504   1.00 39.85  ? 429 LYS A O   1 
ATOM 957  C CB  . LYS A 1 117 ? -1.404  16.905  7.361   1.00 34.67  ? 429 LYS A CB  1 
ATOM 958  C CG  . LYS A 1 117 ? -2.193  17.257  6.137   1.00 35.30  ? 429 LYS A CG  1 
ATOM 959  C CD  . LYS A 1 117 ? -1.817  18.649  5.657   1.00 34.41  ? 429 LYS A CD  1 
ATOM 960  C CE  . LYS A 1 117 ? -2.362  18.921  4.265   1.00 33.79  ? 429 LYS A CE  1 
ATOM 961  N NZ  . LYS A 1 117 ? -1.834  20.206  3.722   1.00 35.20  ? 429 LYS A NZ  1 
ATOM 962  N N   . VAL A 1 118 ? -2.154  14.026  5.943   1.00 36.72  ? 430 VAL A N   1 
ATOM 963  C CA  . VAL A 1 118 ? -1.881  13.096  4.852   1.00 35.18  ? 430 VAL A CA  1 
ATOM 964  C C   . VAL A 1 118 ? -2.348  13.634  3.523   1.00 34.51  ? 430 VAL A C   1 
ATOM 965  O O   . VAL A 1 118 ? -3.454  14.140  3.403   1.00 34.30  ? 430 VAL A O   1 
ATOM 966  C CB  . VAL A 1 118 ? -2.573  11.737  5.074   1.00 35.84  ? 430 VAL A CB  1 
ATOM 967  C CG1 . VAL A 1 118 ? -2.521  10.913  3.793   1.00 35.72  ? 430 VAL A CG1 1 
ATOM 968  C CG2 . VAL A 1 118 ? -1.900  10.987  6.220   1.00 34.93  ? 430 VAL A CG2 1 
ATOM 969  N N   . THR A 1 119 ? -1.510  13.503  2.507   1.00 34.50  ? 431 THR A N   1 
ATOM 970  C CA  . THR A 1 119 ? -1.881  13.999  1.200   1.00 32.51  ? 431 THR A CA  1 
ATOM 971  C C   . THR A 1 119 ? -1.780  12.904  0.161   1.00 32.62  ? 431 THR A C   1 
ATOM 972  O O   . THR A 1 119 ? -0.692  12.471  -0.206  1.00 32.22  ? 431 THR A O   1 
ATOM 973  C CB  . THR A 1 119 ? -0.998  15.183  0.816   1.00 31.33  ? 431 THR A CB  1 
ATOM 974  O OG1 . THR A 1 119 ? -1.046  16.149  1.874   1.00 27.68  ? 431 THR A OG1 1 
ATOM 975  C CG2 . THR A 1 119 ? -1.483  15.817  -0.482  1.00 28.62  ? 431 THR A CG2 1 
ATOM 976  N N   . LEU A 1 120 ? -2.945  12.465  -0.301  1.00 32.64  ? 432 LEU A N   1 
ATOM 977  C CA  . LEU A 1 120 ? -3.064  11.407  -1.295  1.00 33.25  ? 432 LEU A CA  1 
ATOM 978  C C   . LEU A 1 120 ? -3.090  11.986  -2.686  1.00 33.62  ? 432 LEU A C   1 
ATOM 979  O O   . LEU A 1 120 ? -3.672  13.048  -2.894  1.00 35.57  ? 432 LEU A O   1 
ATOM 980  C CB  . LEU A 1 120 ? -4.367  10.652  -1.088  1.00 31.33  ? 432 LEU A CB  1 
ATOM 981  C CG  . LEU A 1 120 ? -4.553  10.079  0.303   1.00 31.36  ? 432 LEU A CG  1 
ATOM 982  C CD1 . LEU A 1 120 ? -6.024  9.756   0.490   1.00 30.88  ? 432 LEU A CD1 1 
ATOM 983  C CD2 . LEU A 1 120 ? -3.635  8.862   0.493   1.00 26.97  ? 432 LEU A CD2 1 
ATOM 984  N N   . MET A 1 121 ? -2.480  11.292  -3.641  1.00 33.10  ? 433 MET A N   1 
ATOM 985  C CA  . MET A 1 121 ? -2.503  11.776  -5.010  1.00 33.77  ? 433 MET A CA  1 
ATOM 986  C C   . MET A 1 121 ? -2.034  10.813  -6.087  1.00 33.65  ? 433 MET A C   1 
ATOM 987  O O   . MET A 1 121 ? -1.260  9.887   -5.831  1.00 33.54  ? 433 MET A O   1 
ATOM 988  C CB  . MET A 1 121 ? -1.743  13.112  -5.125  1.00 33.43  ? 433 MET A CB  1 
ATOM 989  C CG  . MET A 1 121 ? -0.265  13.091  -4.823  1.00 34.03  ? 433 MET A CG  1 
ATOM 990  S SD  . MET A 1 121 ? 0.315   14.790  -4.450  1.00 34.66  ? 433 MET A SD  1 
ATOM 991  C CE  . MET A 1 121 ? 0.394   15.482  -6.071  1.00 34.74  ? 433 MET A CE  1 
ATOM 992  N N   . LEU A 1 122 ? -2.558  11.034  -7.292  1.00 33.50  ? 434 LEU A N   1 
ATOM 993  C CA  . LEU A 1 122 ? -2.221  10.252  -8.471  1.00 34.37  ? 434 LEU A CA  1 
ATOM 994  C C   . LEU A 1 122 ? -1.481  11.206  -9.401  1.00 34.73  ? 434 LEU A C   1 
ATOM 995  O O   . LEU A 1 122 ? -1.940  12.319  -9.646  1.00 34.09  ? 434 LEU A O   1 
ATOM 996  C CB  . LEU A 1 122 ? -3.485  9.746   -9.159  1.00 35.69  ? 434 LEU A CB  1 
ATOM 997  C CG  . LEU A 1 122 ? -3.281  9.026   -10.498 1.00 37.20  ? 434 LEU A CG  1 
ATOM 998  C CD1 . LEU A 1 122 ? -2.717  7.638   -10.281 1.00 37.78  ? 434 LEU A CD1 1 
ATOM 999  C CD2 . LEU A 1 122 ? -4.605  8.934   -11.212 1.00 39.59  ? 434 LEU A CD2 1 
ATOM 1000 N N   . MET A 1 123 ? -0.339  10.770  -9.918  1.00 34.76  ? 435 MET A N   1 
ATOM 1001 C CA  . MET A 1 123 ? 0.455   11.621  -10.791 1.00 36.23  ? 435 MET A CA  1 
ATOM 1002 C C   . MET A 1 123 ? 0.027   11.615  -12.253 1.00 36.93  ? 435 MET A C   1 
ATOM 1003 O O   . MET A 1 123 ? -0.462  10.607  -12.775 1.00 35.71  ? 435 MET A O   1 
ATOM 1004 C CB  . MET A 1 123 ? 1.934   11.216  -10.717 1.00 35.68  ? 435 MET A CB  1 
ATOM 1005 C CG  . MET A 1 123 ? 2.473   11.028  -9.315  1.00 34.16  ? 435 MET A CG  1 
ATOM 1006 S SD  . MET A 1 123 ? 2.391   12.505  -8.315  1.00 34.93  ? 435 MET A SD  1 
ATOM 1007 C CE  . MET A 1 123 ? 3.727   13.430  -9.024  1.00 32.45  ? 435 MET A CE  1 
ATOM 1008 N N   . ASP A 1 124 ? 0.224   12.758  -12.903 1.00 38.53  ? 436 ASP A N   1 
ATOM 1009 C CA  . ASP A 1 124 ? -0.066  12.905  -14.320 1.00 41.54  ? 436 ASP A CA  1 
ATOM 1010 C C   . ASP A 1 124 ? 1.266   12.760  -15.065 1.00 43.92  ? 436 ASP A C   1 
ATOM 1011 O O   . ASP A 1 124 ? 2.202   13.540  -14.856 1.00 43.57  ? 436 ASP A O   1 
ATOM 1012 C CB  . ASP A 1 124 ? -0.681  14.277  -14.615 1.00 41.46  ? 436 ASP A CB  1 
ATOM 1013 C CG  . ASP A 1 124 ? -0.787  14.560  -16.113 1.00 41.00  ? 436 ASP A CG  1 
ATOM 1014 O OD1 . ASP A 1 124 ? -0.923  13.588  -16.895 1.00 39.80  ? 436 ASP A OD1 1 
ATOM 1015 O OD2 . ASP A 1 124 ? -0.748  15.749  -16.503 1.00 39.00  ? 436 ASP A OD2 1 
ATOM 1016 N N   . GLN A 1 125 ? 1.353   11.751  -15.925 1.00 46.01  ? 437 GLN A N   1 
ATOM 1017 C CA  . GLN A 1 125 ? 2.572   11.511  -16.677 1.00 48.37  ? 437 GLN A CA  1 
ATOM 1018 C C   . GLN A 1 125 ? 2.646   12.370  -17.944 1.00 50.50  ? 437 GLN A C   1 
ATOM 1019 O O   . GLN A 1 125 ? 3.666   12.395  -18.632 1.00 50.94  ? 437 GLN A O   1 
ATOM 1020 C CB  . GLN A 1 125 ? 2.687   10.020  -17.002 1.00 46.59  ? 437 GLN A CB  1 
ATOM 1021 C CG  . GLN A 1 125 ? 2.729   9.163   -15.758 1.00 44.55  ? 437 GLN A CG  1 
ATOM 1022 C CD  . GLN A 1 125 ? 2.888   7.687   -16.057 1.00 46.88  ? 437 GLN A CD  1 
ATOM 1023 O OE1 . GLN A 1 125 ? 3.919   7.253   -16.572 1.00 46.97  ? 437 GLN A OE1 1 
ATOM 1024 N NE2 . GLN A 1 125 ? 1.862   6.900   -15.732 1.00 46.85  ? 437 GLN A NE2 1 
ATOM 1025 N N   . GLY A 1 126 ? 1.560   13.074  -18.251 1.00 52.41  ? 438 GLY A N   1 
ATOM 1026 C CA  . GLY A 1 126 ? 1.567   13.944  -19.410 1.00 54.73  ? 438 GLY A CA  1 
ATOM 1027 C C   . GLY A 1 126 ? 2.490   15.106  -19.078 1.00 56.05  ? 438 GLY A C   1 
ATOM 1028 O O   . GLY A 1 126 ? 2.755   15.366  -17.907 1.00 55.92  ? 438 GLY A O   1 
ATOM 1029 N N   . SER A 1 127 ? 2.978   15.811  -20.093 1.00 57.60  ? 439 SER A N   1 
ATOM 1030 C CA  . SER A 1 127 ? 3.890   16.927  -19.864 1.00 58.22  ? 439 SER A CA  1 
ATOM 1031 C C   . SER A 1 127 ? 3.252   18.148  -19.193 1.00 58.66  ? 439 SER A C   1 
ATOM 1032 O O   . SER A 1 127 ? 3.963   19.041  -18.725 1.00 58.17  ? 439 SER A O   1 
ATOM 1033 C CB  . SER A 1 127 ? 4.549   17.335  -21.185 1.00 57.59  ? 439 SER A CB  1 
ATOM 1034 O OG  . SER A 1 127 ? 3.578   17.509  -22.201 1.00 58.31  ? 439 SER A OG  1 
ATOM 1035 N N   . SER A 1 128 ? 1.923   18.190  -19.136 1.00 59.52  ? 440 SER A N   1 
ATOM 1036 C CA  . SER A 1 128 ? 1.231   19.318  -18.507 1.00 60.89  ? 440 SER A CA  1 
ATOM 1037 C C   . SER A 1 128 ? 1.205   19.156  -16.988 1.00 61.73  ? 440 SER A C   1 
ATOM 1038 O O   . SER A 1 128 ? 0.814   20.074  -16.259 1.00 61.71  ? 440 SER A O   1 
ATOM 1039 C CB  . SER A 1 128 ? -0.201  19.433  -19.030 1.00 60.93  ? 440 SER A CB  1 
ATOM 1040 O OG  . SER A 1 128 ? -0.942  18.267  -18.718 1.00 62.79  ? 440 SER A OG  1 
ATOM 1041 N N   . ARG A 1 129 ? 1.623   17.979  -16.526 1.00 61.98  ? 441 ARG A N   1 
ATOM 1042 C CA  . ARG A 1 129 ? 1.680   17.655  -15.102 1.00 61.24  ? 441 ARG A CA  1 
ATOM 1043 C C   . ARG A 1 129 ? 0.507   18.180  -14.272 1.00 60.69  ? 441 ARG A C   1 
ATOM 1044 O O   . ARG A 1 129 ? 0.689   18.993  -13.362 1.00 61.09  ? 441 ARG A O   1 
ATOM 1045 C CB  . ARG A 1 129 ? 2.998   18.155  -14.502 1.00 61.16  ? 441 ARG A CB  1 
ATOM 1046 C CG  . ARG A 1 129 ? 4.078   17.089  -14.403 1.00 61.69  ? 441 ARG A CG  1 
ATOM 1047 C CD  . ARG A 1 129 ? 4.666   16.689  -15.750 1.00 62.22  ? 441 ARG A CD  1 
ATOM 1048 N NE  . ARG A 1 129 ? 5.403   15.428  -15.639 1.00 63.99  ? 441 ARG A NE  1 
ATOM 1049 C CZ  . ARG A 1 129 ? 6.276   14.967  -16.534 1.00 64.42  ? 441 ARG A CZ  1 
ATOM 1050 N NH1 . ARG A 1 129 ? 6.548   15.661  -17.637 1.00 65.43  ? 441 ARG A NH1 1 
ATOM 1051 N NH2 . ARG A 1 129 ? 6.866   13.796  -16.328 1.00 62.50  ? 441 ARG A NH2 1 
ATOM 1052 N N   . ARG A 1 130 ? -0.694  17.701  -14.582 1.00 58.97  ? 442 ARG A N   1 
ATOM 1053 C CA  . ARG A 1 130 ? -1.885  18.113  -13.855 1.00 57.87  ? 442 ARG A CA  1 
ATOM 1054 C C   . ARG A 1 130 ? -2.264  16.990  -12.888 1.00 55.63  ? 442 ARG A C   1 
ATOM 1055 O O   . ARG A 1 130 ? -3.277  16.307  -13.061 1.00 55.13  ? 442 ARG A O   1 
ATOM 1056 C CB  . ARG A 1 130 ? -3.023  18.383  -14.841 1.00 61.38  ? 442 ARG A CB  1 
ATOM 1057 C CG  . ARG A 1 130 ? -4.029  19.430  -14.376 1.00 65.21  ? 442 ARG A CG  1 
ATOM 1058 C CD  . ARG A 1 130 ? -4.752  20.033  -15.575 1.00 69.07  ? 442 ARG A CD  1 
ATOM 1059 N NE  . ARG A 1 130 ? -3.809  20.579  -16.560 1.00 72.76  ? 442 ARG A NE  1 
ATOM 1060 C CZ  . ARG A 1 130 ? -3.127  21.716  -16.419 1.00 73.23  ? 442 ARG A CZ  1 
ATOM 1061 N NH1 . ARG A 1 130 ? -3.275  22.459  -15.329 1.00 73.05  ? 442 ARG A NH1 1 
ATOM 1062 N NH2 . ARG A 1 130 ? -2.284  22.105  -17.368 1.00 73.04  ? 442 ARG A NH2 1 
ATOM 1063 N N   . HIS A 1 131 ? -1.427  16.806  -11.873 1.00 52.05  ? 443 HIS A N   1 
ATOM 1064 C CA  . HIS A 1 131 ? -1.629  15.770  -10.871 1.00 48.92  ? 443 HIS A CA  1 
ATOM 1065 C C   . HIS A 1 131 ? -2.910  15.924  -10.083 1.00 47.70  ? 443 HIS A C   1 
ATOM 1066 O O   . HIS A 1 131 ? -3.366  17.040  -9.829  1.00 47.84  ? 443 HIS A O   1 
ATOM 1067 C CB  . HIS A 1 131 ? -0.474  15.760  -9.879  1.00 47.76  ? 443 HIS A CB  1 
ATOM 1068 C CG  . HIS A 1 131 ? 0.871   15.778  -10.523 1.00 46.65  ? 443 HIS A CG  1 
ATOM 1069 N ND1 . HIS A 1 131 ? 1.174   15.017  -11.630 1.00 46.80  ? 443 HIS A ND1 1 
ATOM 1070 C CD2 . HIS A 1 131 ? 2.005   16.443  -10.198 1.00 44.72  ? 443 HIS A CD2 1 
ATOM 1071 C CE1 . HIS A 1 131 ? 2.438   15.211  -11.959 1.00 47.41  ? 443 HIS A CE1 1 
ATOM 1072 N NE2 . HIS A 1 131 ? 2.964   16.072  -11.105 1.00 46.25  ? 443 HIS A NE2 1 
ATOM 1073 N N   . LEU A 1 132 ? -3.469  14.789  -9.676  1.00 46.12  ? 444 LEU A N   1 
ATOM 1074 C CA  . LEU A 1 132 ? -4.698  14.765  -8.885  1.00 44.09  ? 444 LEU A CA  1 
ATOM 1075 C C   . LEU A 1 132 ? -4.393  14.377  -7.450  1.00 42.04  ? 444 LEU A C   1 
ATOM 1076 O O   . LEU A 1 132 ? -3.688  13.397  -7.209  1.00 41.94  ? 444 LEU A O   1 
ATOM 1077 C CB  . LEU A 1 132 ? -5.684  13.746  -9.447  1.00 43.65  ? 444 LEU A CB  1 
ATOM 1078 C CG  . LEU A 1 132 ? -6.324  14.050  -10.785 1.00 42.24  ? 444 LEU A CG  1 
ATOM 1079 C CD1 . LEU A 1 132 ? -7.258  12.904  -11.149 1.00 42.27  ? 444 LEU A CD1 1 
ATOM 1080 C CD2 . LEU A 1 132 ? -7.061  15.372  -10.697 1.00 39.37  ? 444 LEU A CD2 1 
ATOM 1081 N N   . GLY A 1 133 ? -4.938  15.129  -6.502  1.00 39.31  ? 445 GLY A N   1 
ATOM 1082 C CA  . GLY A 1 133 ? -4.700  14.802  -5.114  1.00 38.11  ? 445 GLY A CA  1 
ATOM 1083 C C   . GLY A 1 133 ? -5.628  15.505  -4.153  1.00 37.63  ? 445 GLY A C   1 
ATOM 1084 O O   . GLY A 1 133 ? -6.342  16.426  -4.526  1.00 35.67  ? 445 GLY A O   1 
ATOM 1085 N N   . ASP A 1 134 ? -5.625  15.048  -2.909  1.00 38.45  ? 446 ASP A N   1 
ATOM 1086 C CA  . ASP A 1 134 ? -6.430  15.654  -1.870  1.00 39.13  ? 446 ASP A CA  1 
ATOM 1087 C C   . ASP A 1 134 ? -5.795  15.252  -0.548  1.00 39.63  ? 446 ASP A C   1 
ATOM 1088 O O   . ASP A 1 134 ? -5.222  14.168  -0.439  1.00 40.36  ? 446 ASP A O   1 
ATOM 1089 C CB  . ASP A 1 134 ? -7.875  15.168  -1.963  1.00 41.62  ? 446 ASP A CB  1 
ATOM 1090 C CG  . ASP A 1 134 ? -8.806  15.911  -1.008  1.00 44.62  ? 446 ASP A CG  1 
ATOM 1091 O OD1 . ASP A 1 134 ? -8.763  17.163  -0.963  1.00 43.89  ? 446 ASP A OD1 1 
ATOM 1092 O OD2 . ASP A 1 134 ? -9.592  15.241  -0.306  1.00 47.41  ? 446 ASP A OD2 1 
ATOM 1093 N N   . ALA A 1 135 ? -5.874  16.134  0.443   1.00 40.01  ? 447 ALA A N   1 
ATOM 1094 C CA  . ALA A 1 135 ? -5.295  15.878  1.758   1.00 40.84  ? 447 ALA A CA  1 
ATOM 1095 C C   . ALA A 1 135 ? -6.344  15.915  2.849   1.00 41.82  ? 447 ALA A C   1 
ATOM 1096 O O   . ALA A 1 135 ? -7.469  16.353  2.626   1.00 43.23  ? 447 ALA A O   1 
ATOM 1097 C CB  . ALA A 1 135 ? -4.233  16.911  2.065   1.00 40.48  ? 447 ALA A CB  1 
ATOM 1098 N N   . PHE A 1 136 ? -5.962  15.451  4.035   1.00 42.00  ? 448 PHE A N   1 
ATOM 1099 C CA  . PHE A 1 136 ? -6.849  15.466  5.187   1.00 41.01  ? 448 PHE A CA  1 
ATOM 1100 C C   . PHE A 1 136 ? -6.067  15.423  6.492   1.00 41.75  ? 448 PHE A C   1 
ATOM 1101 O O   . PHE A 1 136 ? -4.864  15.167  6.506   1.00 40.52  ? 448 PHE A O   1 
ATOM 1102 C CB  . PHE A 1 136 ? -7.879  14.322  5.117   1.00 39.93  ? 448 PHE A CB  1 
ATOM 1103 C CG  . PHE A 1 136 ? -7.292  12.939  5.165   1.00 40.44  ? 448 PHE A CG  1 
ATOM 1104 C CD1 . PHE A 1 136 ? -6.713  12.448  6.329   1.00 41.08  ? 448 PHE A CD1 1 
ATOM 1105 C CD2 . PHE A 1 136 ? -7.373  12.103  4.057   1.00 40.56  ? 448 PHE A CD2 1 
ATOM 1106 C CE1 . PHE A 1 136 ? -6.228  11.140  6.390   1.00 41.27  ? 448 PHE A CE1 1 
ATOM 1107 C CE2 . PHE A 1 136 ? -6.889  10.794  4.107   1.00 41.07  ? 448 PHE A CE2 1 
ATOM 1108 C CZ  . PHE A 1 136 ? -6.318  10.314  5.275   1.00 40.49  ? 448 PHE A CZ  1 
ATOM 1109 N N   . LYS A 1 137 ? -6.760  15.710  7.584   1.00 43.92  ? 449 LYS A N   1 
ATOM 1110 C CA  . LYS A 1 137 ? -6.163  15.711  8.912   1.00 45.96  ? 449 LYS A CA  1 
ATOM 1111 C C   . LYS A 1 137 ? -6.815  14.562  9.669   1.00 47.76  ? 449 LYS A C   1 
ATOM 1112 O O   . LYS A 1 137 ? -8.020  14.584  9.910   1.00 49.31  ? 449 LYS A O   1 
ATOM 1113 C CB  . LYS A 1 137 ? -6.467  17.028  9.623   1.00 45.72  ? 449 LYS A CB  1 
ATOM 1114 C CG  . LYS A 1 137 ? -5.562  17.339  10.795  1.00 46.47  ? 449 LYS A CG  1 
ATOM 1115 C CD  . LYS A 1 137 ? -4.176  17.697  10.309  1.00 48.54  ? 449 LYS A CD  1 
ATOM 1116 C CE  . LYS A 1 137 ? -3.353  18.359  11.398  1.00 50.25  ? 449 LYS A CE  1 
ATOM 1117 N NZ  . LYS A 1 137 ? -3.112  17.439  12.542  1.00 51.71  ? 449 LYS A NZ  1 
ATOM 1118 N N   . PRO A 1 138 ? -6.032  13.540  10.047  1.00 48.93  ? 450 PRO A N   1 
ATOM 1119 C CA  . PRO A 1 138 ? -6.611  12.410  10.774  1.00 50.19  ? 450 PRO A CA  1 
ATOM 1120 C C   . PRO A 1 138 ? -7.637  12.805  11.840  1.00 51.57  ? 450 PRO A C   1 
ATOM 1121 O O   . PRO A 1 138 ? -7.455  13.780  12.572  1.00 50.23  ? 450 PRO A O   1 
ATOM 1122 C CB  . PRO A 1 138 ? -5.379  11.724  11.361  1.00 49.18  ? 450 PRO A CB  1 
ATOM 1123 C CG  . PRO A 1 138 ? -4.373  11.922  10.282  1.00 48.32  ? 450 PRO A CG  1 
ATOM 1124 C CD  . PRO A 1 138 ? -4.573  13.377  9.914   1.00 48.98  ? 450 PRO A CD  1 
ATOM 1125 N N   . ASP A 1 139 ? -8.726  12.046  11.899  1.00 54.15  ? 451 ASP A N   1 
ATOM 1126 C CA  . ASP A 1 139 ? -9.777  12.279  12.880  1.00 57.19  ? 451 ASP A CA  1 
ATOM 1127 C C   . ASP A 1 139 ? -9.363  11.532  14.155  1.00 57.32  ? 451 ASP A C   1 
ATOM 1128 O O   . ASP A 1 139 ? -9.296  10.298  14.161  1.00 57.00  ? 451 ASP A O   1 
ATOM 1129 C CB  . ASP A 1 139 ? -11.108 11.730  12.356  1.00 60.79  ? 451 ASP A CB  1 
ATOM 1130 C CG  . ASP A 1 139 ? -12.267 11.981  13.312  1.00 64.03  ? 451 ASP A CG  1 
ATOM 1131 O OD1 . ASP A 1 139 ? -13.393 11.510  13.025  1.00 65.60  ? 451 ASP A OD1 1 
ATOM 1132 O OD2 . ASP A 1 139 ? -12.054 12.651  14.348  1.00 65.43  ? 451 ASP A OD2 1 
ATOM 1133 N N   . PRO A 1 140 ? -9.082  12.270  15.249  1.00 56.94  ? 452 PRO A N   1 
ATOM 1134 C CA  . PRO A 1 140 ? -8.670  11.658  16.519  1.00 56.83  ? 452 PRO A CA  1 
ATOM 1135 C C   . PRO A 1 140 ? -9.532  10.490  16.985  1.00 57.59  ? 452 PRO A C   1 
ATOM 1136 O O   . PRO A 1 140 ? -9.013  9.501   17.513  1.00 58.28  ? 452 PRO A O   1 
ATOM 1137 C CB  . PRO A 1 140 ? -8.696  12.834  17.497  1.00 55.77  ? 452 PRO A CB  1 
ATOM 1138 C CG  . PRO A 1 140 ? -9.685  13.772  16.887  1.00 55.25  ? 452 PRO A CG  1 
ATOM 1139 C CD  . PRO A 1 140 ? -9.330  13.710  15.434  1.00 55.75  ? 452 PRO A CD  1 
ATOM 1140 N N   . ASN A 1 141 ? -10.842 10.597  16.774  1.00 57.78  ? 453 ASN A N   1 
ATOM 1141 C CA  . ASN A 1 141 ? -11.776 9.552   17.189  1.00 57.20  ? 453 ASN A CA  1 
ATOM 1142 C C   . ASN A 1 141 ? -11.868 8.380   16.209  1.00 55.89  ? 453 ASN A C   1 
ATOM 1143 O O   . ASN A 1 141 ? -12.582 7.411   16.469  1.00 55.60  ? 453 ASN A O   1 
ATOM 1144 C CB  . ASN A 1 141 ? -13.179 10.146  17.408  1.00 58.39  ? 453 ASN A CB  1 
ATOM 1145 C CG  . ASN A 1 141 ? -13.182 11.328  18.380  1.00 59.48  ? 453 ASN A CG  1 
ATOM 1146 O OD1 . ASN A 1 141 ? -12.871 12.463  18.005  1.00 59.43  ? 453 ASN A OD1 1 
ATOM 1147 N ND2 . ASN A 1 141 ? -13.526 11.059  19.634  1.00 58.53  ? 453 ASN A ND2 1 
ATOM 1148 N N   . SER A 1 142 ? -11.157 8.456   15.087  1.00 53.99  ? 454 SER A N   1 
ATOM 1149 C CA  . SER A 1 142 ? -11.205 7.368   14.118  1.00 52.82  ? 454 SER A CA  1 
ATOM 1150 C C   . SER A 1 142 ? -10.289 6.222   14.530  1.00 52.16  ? 454 SER A C   1 
ATOM 1151 O O   . SER A 1 142 ? -9.144  6.433   14.928  1.00 51.36  ? 454 SER A O   1 
ATOM 1152 C CB  . SER A 1 142 ? -10.821 7.862   12.717  1.00 53.83  ? 454 SER A CB  1 
ATOM 1153 O OG  . SER A 1 142 ? -11.008 6.840   11.741  1.00 53.58  ? 454 SER A OG  1 
ATOM 1154 N N   . SER A 1 143 ? -10.815 5.008   14.420  1.00 51.41  ? 455 SER A N   1 
ATOM 1155 C CA  . SER A 1 143 ? -10.103 3.785   14.769  1.00 50.83  ? 455 SER A CA  1 
ATOM 1156 C C   . SER A 1 143 ? -8.976  3.458   13.796  1.00 51.24  ? 455 SER A C   1 
ATOM 1157 O O   . SER A 1 143 ? -8.328  2.411   13.900  1.00 51.00  ? 455 SER A O   1 
ATOM 1158 C CB  . SER A 1 143 ? -11.090 2.630   14.778  1.00 50.93  ? 455 SER A CB  1 
ATOM 1159 O OG  . SER A 1 143 ? -11.758 2.569   13.529  1.00 50.70  ? 455 SER A OG  1 
ATOM 1160 N N   . SER A 1 144 ? -8.753  4.347   12.838  1.00 51.44  ? 456 SER A N   1 
ATOM 1161 C CA  . SER A 1 144 ? -7.712  4.138   11.849  1.00 51.60  ? 456 SER A CA  1 
ATOM 1162 C C   . SER A 1 144 ? -6.398  4.739   12.313  1.00 51.38  ? 456 SER A C   1 
ATOM 1163 O O   . SER A 1 144 ? -5.323  4.309   11.891  1.00 51.73  ? 456 SER A O   1 
ATOM 1164 C CB  . SER A 1 144 ? -8.117  4.777   10.523  1.00 51.90  ? 456 SER A CB  1 
ATOM 1165 O OG  . SER A 1 144 ? -9.255  4.135   9.977   1.00 53.68  ? 456 SER A OG  1 
ATOM 1166 N N   . PHE A 1 145 ? -6.494  5.717   13.206  1.00 50.33  ? 457 PHE A N   1 
ATOM 1167 C CA  . PHE A 1 145 ? -5.315  6.414   13.689  1.00 49.51  ? 457 PHE A CA  1 
ATOM 1168 C C   . PHE A 1 145 ? -4.915  6.135   15.137  1.00 47.91  ? 457 PHE A C   1 
ATOM 1169 O O   . PHE A 1 145 ? -4.137  6.874   15.731  1.00 46.39  ? 457 PHE A O   1 
ATOM 1170 C CB  . PHE A 1 145 ? -5.522  7.910   13.454  1.00 52.20  ? 457 PHE A CB  1 
ATOM 1171 C CG  . PHE A 1 145 ? -6.001  8.235   12.053  1.00 55.52  ? 457 PHE A CG  1 
ATOM 1172 C CD1 . PHE A 1 145 ? -5.219  7.913   10.940  1.00 55.58  ? 457 PHE A CD1 1 
ATOM 1173 C CD2 . PHE A 1 145 ? -7.247  8.830   11.845  1.00 56.02  ? 457 PHE A CD2 1 
ATOM 1174 C CE1 . PHE A 1 145 ? -5.673  8.175   9.639   1.00 55.96  ? 457 PHE A CE1 1 
ATOM 1175 C CE2 . PHE A 1 145 ? -7.710  9.097   10.550  1.00 56.52  ? 457 PHE A CE2 1 
ATOM 1176 C CZ  . PHE A 1 145 ? -6.921  8.767   9.444   1.00 56.46  ? 457 PHE A CZ  1 
ATOM 1177 N N   . LYS A 1 146 ? -5.430  5.049   15.696  1.00 47.01  ? 458 LYS A N   1 
ATOM 1178 C CA  . LYS A 1 146 ? -5.104  4.676   17.066  1.00 46.29  ? 458 LYS A CA  1 
ATOM 1179 C C   . LYS A 1 146 ? -3.881  3.760   17.059  1.00 45.54  ? 458 LYS A C   1 
ATOM 1180 O O   . LYS A 1 146 ? -3.476  3.301   15.996  1.00 46.17  ? 458 LYS A O   1 
ATOM 1181 C CB  . LYS A 1 146 ? -6.310  3.979   17.707  1.00 45.97  ? 458 LYS A CB  1 
ATOM 1182 C CG  . LYS A 1 146 ? -6.981  2.924   16.837  1.00 43.42  ? 458 LYS A CG  1 
ATOM 1183 C CD  . LYS A 1 146 ? -6.469  1.530   17.148  1.00 43.74  ? 458 LYS A CD  1 
ATOM 1184 C CE  . LYS A 1 146 ? -7.298  0.468   16.432  1.00 43.36  ? 458 LYS A CE  1 
ATOM 1185 N NZ  . LYS A 1 146 ? -7.063  -0.898  16.976  1.00 40.97  ? 458 LYS A NZ  1 
ATOM 1186 N N   . LYS A 1 147 ? -3.286  3.506   18.224  1.00 44.85  ? 459 LYS A N   1 
ATOM 1187 C CA  . LYS A 1 147 ? -2.109  2.637   18.296  1.00 43.79  ? 459 LYS A CA  1 
ATOM 1188 C C   . LYS A 1 147 ? -2.479  1.265   17.744  1.00 42.57  ? 459 LYS A C   1 
ATOM 1189 O O   . LYS A 1 147 ? -3.337  0.580   18.288  1.00 42.14  ? 459 LYS A O   1 
ATOM 1190 C CB  . LYS A 1 147 ? -1.613  2.515   19.742  1.00 44.12  ? 459 LYS A CB  1 
ATOM 1191 C CG  . LYS A 1 147 ? -0.294  1.748   19.901  1.00 45.49  ? 459 LYS A CG  1 
ATOM 1192 C CD  . LYS A 1 147 ? 0.244   1.850   21.334  1.00 45.11  ? 459 LYS A CD  1 
ATOM 1193 C CE  . LYS A 1 147 ? 1.612   1.182   21.502  1.00 43.87  ? 459 LYS A CE  1 
ATOM 1194 N NZ  . LYS A 1 147 ? 1.615   -0.303  21.323  1.00 42.57  ? 459 LYS A NZ  1 
ATOM 1195 N N   . PRO A 1 148 ? -1.844  0.853   16.635  1.00 42.48  ? 460 PRO A N   1 
ATOM 1196 C CA  . PRO A 1 148 ? -2.136  -0.447  16.029  1.00 43.50  ? 460 PRO A CA  1 
ATOM 1197 C C   . PRO A 1 148 ? -2.224  -1.606  17.016  1.00 45.47  ? 460 PRO A C   1 
ATOM 1198 O O   . PRO A 1 148 ? -1.511  -1.645  18.017  1.00 46.42  ? 460 PRO A O   1 
ATOM 1199 C CB  . PRO A 1 148 ? -1.000  -0.612  15.022  1.00 41.36  ? 460 PRO A CB  1 
ATOM 1200 C CG  . PRO A 1 148 ? -0.798  0.770   14.555  1.00 39.67  ? 460 PRO A CG  1 
ATOM 1201 C CD  . PRO A 1 148 ? -0.828  1.571   15.846  1.00 40.43  ? 460 PRO A CD  1 
ATOM 1202 N N   . THR A 1 149 ? -3.114  -2.545  16.711  1.00 47.55  ? 461 THR A N   1 
ATOM 1203 C CA  . THR A 1 149 ? -3.330  -3.739  17.523  1.00 48.45  ? 461 THR A CA  1 
ATOM 1204 C C   . THR A 1 149 ? -2.982  -4.951  16.668  1.00 49.89  ? 461 THR A C   1 
ATOM 1205 O O   . THR A 1 149 ? -2.249  -5.847  17.093  1.00 50.94  ? 461 THR A O   1 
ATOM 1206 C CB  . THR A 1 149 ? -4.793  -3.842  17.956  1.00 48.17  ? 461 THR A CB  1 
ATOM 1207 O OG1 . THR A 1 149 ? -5.053  -2.863  18.967  1.00 46.92  ? 461 THR A OG1 1 
ATOM 1208 C CG2 . THR A 1 149 ? -5.103  -5.234  18.481  1.00 49.77  ? 461 THR A CG2 1 
ATOM 1209 N N   . GLY A 1 150 ? -3.532  -4.974  15.460  1.00 50.66  ? 462 GLY A N   1 
ATOM 1210 C CA  . GLY A 1 150 ? -3.253  -6.056  14.540  1.00 51.31  ? 462 GLY A CA  1 
ATOM 1211 C C   . GLY A 1 150 ? -2.182  -5.528  13.614  1.00 53.09  ? 462 GLY A C   1 
ATOM 1212 O O   . GLY A 1 150 ? -1.622  -4.460  13.864  1.00 53.88  ? 462 GLY A O   1 
ATOM 1213 N N   . GLU A 1 151 ? -1.893  -6.259  12.546  1.00 53.67  ? 463 GLU A N   1 
ATOM 1214 C CA  . GLU A 1 151 ? -0.876  -5.830  11.601  1.00 53.71  ? 463 GLU A CA  1 
ATOM 1215 C C   . GLU A 1 151 ? -1.137  -4.446  11.003  1.00 52.60  ? 463 GLU A C   1 
ATOM 1216 O O   . GLU A 1 151 ? -0.226  -3.621  10.932  1.00 53.46  ? 463 GLU A O   1 
ATOM 1217 C CB  . GLU A 1 151 ? -0.743  -6.870  10.491  1.00 56.46  ? 463 GLU A CB  1 
ATOM 1218 C CG  . GLU A 1 151 ? 0.293   -7.923  10.788  1.00 60.18  ? 463 GLU A CG  1 
ATOM 1219 C CD  . GLU A 1 151 ? 1.699   -7.430  10.494  1.00 63.85  ? 463 GLU A CD  1 
ATOM 1220 O OE1 . GLU A 1 151 ? 2.061   -6.313  10.937  1.00 64.67  ? 463 GLU A OE1 1 
ATOM 1221 O OE2 . GLU A 1 151 ? 2.448   -8.164  9.814   1.00 65.99  ? 463 GLU A OE2 1 
ATOM 1222 N N   . MET A 1 152 ? -2.375  -4.190  10.587  1.00 50.39  ? 464 MET A N   1 
ATOM 1223 C CA  . MET A 1 152 ? -2.743  -2.904  9.989   1.00 48.32  ? 464 MET A CA  1 
ATOM 1224 C C   . MET A 1 152 ? -4.051  -2.420  10.593  1.00 47.09  ? 464 MET A C   1 
ATOM 1225 O O   . MET A 1 152 ? -4.852  -3.223  11.050  1.00 47.24  ? 464 MET A O   1 
ATOM 1226 C CB  . MET A 1 152 ? -2.955  -3.050  8.476   1.00 47.70  ? 464 MET A CB  1 
ATOM 1227 C CG  . MET A 1 152 ? -1.917  -3.881  7.745   1.00 46.60  ? 464 MET A CG  1 
ATOM 1228 S SD  . MET A 1 152 ? -2.266  -3.972  5.973   1.00 45.86  ? 464 MET A SD  1 
ATOM 1229 C CE  . MET A 1 152 ? -3.345  -5.375  5.887   1.00 46.70  ? 464 MET A CE  1 
ATOM 1230 N N   . ASN A 1 153 ? -4.272  -1.111  10.586  1.00 45.82  ? 465 ASN A N   1 
ATOM 1231 C CA  . ASN A 1 153 ? -5.517  -0.552  11.100  1.00 44.90  ? 465 ASN A CA  1 
ATOM 1232 C C   . ASN A 1 153 ? -6.470  -0.397  9.921   1.00 45.75  ? 465 ASN A C   1 
ATOM 1233 O O   . ASN A 1 153 ? -6.118  -0.738  8.791   1.00 46.57  ? 465 ASN A O   1 
ATOM 1234 C CB  . ASN A 1 153 ? -5.278  0.813   11.731  1.00 43.92  ? 465 ASN A CB  1 
ATOM 1235 C CG  . ASN A 1 153 ? -4.656  0.723   13.100  1.00 43.34  ? 465 ASN A CG  1 
ATOM 1236 O OD1 . ASN A 1 153 ? -4.396  1.749   13.737  1.00 40.63  ? 465 ASN A OD1 1 
ATOM 1237 N ND2 . ASN A 1 153 ? -4.416  -0.504  13.569  1.00 43.00  ? 465 ASN A ND2 1 
ATOM 1238 N N   . ILE A 1 154 ? -7.669  0.122   10.179  1.00 45.53  ? 466 ILE A N   1 
ATOM 1239 C CA  . ILE A 1 154 ? -8.660  0.327   9.117   1.00 44.87  ? 466 ILE A CA  1 
ATOM 1240 C C   . ILE A 1 154 ? -8.191  1.426   8.147   1.00 44.33  ? 466 ILE A C   1 
ATOM 1241 O O   . ILE A 1 154 ? -7.857  2.537   8.574   1.00 44.79  ? 466 ILE A O   1 
ATOM 1242 C CB  . ILE A 1 154 ? -10.055 0.730   9.714   1.00 44.97  ? 466 ILE A CB  1 
ATOM 1243 C CG1 . ILE A 1 154 ? -10.705 -0.467  10.414  1.00 43.44  ? 466 ILE A CG1 1 
ATOM 1244 C CG2 . ILE A 1 154 ? -10.973 1.243   8.621   1.00 44.85  ? 466 ILE A CG2 1 
ATOM 1245 C CD1 . ILE A 1 154 ? -10.893 -1.682  9.515   1.00 42.82  ? 466 ILE A CD1 1 
ATOM 1246 N N   . ALA A 1 155 ? -8.163  1.108   6.850   1.00 42.23  ? 467 ALA A N   1 
ATOM 1247 C CA  . ALA A 1 155 ? -7.750  2.064   5.820   1.00 38.55  ? 467 ALA A CA  1 
ATOM 1248 C C   . ALA A 1 155 ? -8.712  3.235   5.819   1.00 37.54  ? 467 ALA A C   1 
ATOM 1249 O O   . ALA A 1 155 ? -9.912  3.046   5.951   1.00 37.03  ? 467 ALA A O   1 
ATOM 1250 C CB  . ALA A 1 155 ? -7.754  1.404   4.461   1.00 38.57  ? 467 ALA A CB  1 
ATOM 1251 N N   . SER A 1 156 ? -8.183  4.441   5.661   1.00 37.41  ? 468 SER A N   1 
ATOM 1252 C CA  . SER A 1 156 ? -9.000  5.652   5.658   1.00 37.53  ? 468 SER A CA  1 
ATOM 1253 C C   . SER A 1 156 ? -8.566  6.596   4.527   1.00 38.17  ? 468 SER A C   1 
ATOM 1254 O O   . SER A 1 156 ? -7.397  6.953   4.421   1.00 39.64  ? 468 SER A O   1 
ATOM 1255 C CB  . SER A 1 156 ? -8.872  6.334   7.026   1.00 36.45  ? 468 SER A CB  1 
ATOM 1256 O OG  . SER A 1 156 ? -9.545  7.576   7.077   1.00 37.00  ? 468 SER A OG  1 
ATOM 1257 N N   . GLY A 1 157 ? -9.501  6.994   3.673   1.00 38.70  ? 469 GLY A N   1 
ATOM 1258 C CA  . GLY A 1 157 ? -9.131  7.875   2.584   1.00 39.00  ? 469 GLY A CA  1 
ATOM 1259 C C   . GLY A 1 157 ? -10.267 8.439   1.752   1.00 40.11  ? 469 GLY A C   1 
ATOM 1260 O O   . GLY A 1 157 ? -11.182 9.084   2.274   1.00 40.38  ? 469 GLY A O   1 
ATOM 1261 N N   . CYS A 1 158 ? -10.212 8.191   0.447   1.00 40.11  ? 470 CYS A N   1 
ATOM 1262 C CA  . CYS A 1 158 ? -11.216 8.713   -0.468  1.00 39.76  ? 470 CYS A CA  1 
ATOM 1263 C C   . CYS A 1 158 ? -11.748 7.660   -1.449  1.00 38.93  ? 470 CYS A C   1 
ATOM 1264 O O   . CYS A 1 158 ? -11.091 7.335   -2.446  1.00 35.94  ? 470 CYS A O   1 
ATOM 1265 C CB  . CYS A 1 158 ? -10.622 9.896   -1.247  1.00 42.07  ? 470 CYS A CB  1 
ATOM 1266 S SG  . CYS A 1 158 ? -9.696  11.115  -0.235  1.00 43.16  ? 470 CYS A SG  1 
ATOM 1267 N N   . PRO A 1 159 ? -12.956 7.121   -1.172  1.00 38.75  ? 471 PRO A N   1 
ATOM 1268 C CA  . PRO A 1 159 ? -13.645 6.103   -1.978  1.00 37.12  ? 471 PRO A CA  1 
ATOM 1269 C C   . PRO A 1 159 ? -13.957 6.622   -3.379  1.00 36.15  ? 471 PRO A C   1 
ATOM 1270 O O   . PRO A 1 159 ? -14.005 5.855   -4.348  1.00 35.74  ? 471 PRO A O   1 
ATOM 1271 C CB  . PRO A 1 159 ? -14.913 5.833   -1.177  1.00 36.27  ? 471 PRO A CB  1 
ATOM 1272 C CG  . PRO A 1 159 ? -14.482 6.105   0.218   1.00 37.14  ? 471 PRO A CG  1 
ATOM 1273 C CD  . PRO A 1 159 ? -13.710 7.380   0.065   1.00 37.38  ? 471 PRO A CD  1 
ATOM 1274 N N   . VAL A 1 160 ? -14.190 7.928   -3.473  1.00 33.97  ? 472 VAL A N   1 
ATOM 1275 C CA  . VAL A 1 160 ? -14.469 8.552   -4.758  1.00 32.83  ? 472 VAL A CA  1 
ATOM 1276 C C   . VAL A 1 160 ? -13.297 9.452   -5.123  1.00 32.47  ? 472 VAL A C   1 
ATOM 1277 O O   . VAL A 1 160 ? -13.478 10.636  -5.401  1.00 32.85  ? 472 VAL A O   1 
ATOM 1278 C CB  . VAL A 1 160 ? -15.765 9.412   -4.729  1.00 30.81  ? 472 VAL A CB  1 
ATOM 1279 C CG1 . VAL A 1 160 ? -16.987 8.524   -4.668  1.00 29.49  ? 472 VAL A CG1 1 
ATOM 1280 C CG2 . VAL A 1 160 ? -15.729 10.355  -3.551  1.00 30.32  ? 472 VAL A CG2 1 
ATOM 1281 N N   . PHE A 1 161 ? -12.091 8.897   -5.131  1.00 31.34  ? 473 PHE A N   1 
ATOM 1282 C CA  . PHE A 1 161 ? -10.937 9.708   -5.459  1.00 30.62  ? 473 PHE A CA  1 
ATOM 1283 C C   . PHE A 1 161 ? -10.990 10.233  -6.889  1.00 31.28  ? 473 PHE A C   1 
ATOM 1284 O O   . PHE A 1 161 ? -10.965 11.440  -7.116  1.00 30.14  ? 473 PHE A O   1 
ATOM 1285 C CB  . PHE A 1 161 ? -9.647  8.928   -5.253  1.00 29.00  ? 473 PHE A CB  1 
ATOM 1286 C CG  . PHE A 1 161 ? -8.461  9.809   -5.016  1.00 28.53  ? 473 PHE A CG  1 
ATOM 1287 C CD1 . PHE A 1 161 ? -8.367  10.559  -3.842  1.00 26.95  ? 473 PHE A CD1 1 
ATOM 1288 C CD2 . PHE A 1 161 ? -7.465  9.943   -5.984  1.00 28.96  ? 473 PHE A CD2 1 
ATOM 1289 C CE1 . PHE A 1 161 ? -7.299  11.435  -3.632  1.00 27.58  ? 473 PHE A CE1 1 
ATOM 1290 C CE2 . PHE A 1 161 ? -6.387  10.819  -5.788  1.00 29.41  ? 473 PHE A CE2 1 
ATOM 1291 C CZ  . PHE A 1 161 ? -6.306  11.568  -4.606  1.00 28.70  ? 473 PHE A CZ  1 
ATOM 1292 N N   . VAL A 1 162 ? -11.058 9.330   -7.856  1.00 33.31  ? 474 VAL A N   1 
ATOM 1293 C CA  . VAL A 1 162 ? -11.110 9.739   -9.253  1.00 35.84  ? 474 VAL A CA  1 
ATOM 1294 C C   . VAL A 1 162 ? -12.133 8.906   -9.998  1.00 36.55  ? 474 VAL A C   1 
ATOM 1295 O O   . VAL A 1 162 ? -12.293 7.722   -9.710  1.00 38.83  ? 474 VAL A O   1 
ATOM 1296 C CB  . VAL A 1 162 ? -9.755  9.531   -9.972  1.00 36.22  ? 474 VAL A CB  1 
ATOM 1297 C CG1 . VAL A 1 162 ? -9.781  10.228  -11.327 1.00 36.20  ? 474 VAL A CG1 1 
ATOM 1298 C CG2 . VAL A 1 162 ? -8.620  10.056  -9.122  1.00 37.45  ? 474 VAL A CG2 1 
ATOM 1299 N N   . ALA A 1 163 ? -12.821 9.526   -10.952 1.00 36.56  ? 475 ALA A N   1 
ATOM 1300 C CA  . ALA A 1 163 ? -13.800 8.816   -11.764 1.00 35.90  ? 475 ALA A CA  1 
ATOM 1301 C C   . ALA A 1 163 ? -12.984 7.904   -12.674 1.00 35.91  ? 475 ALA A C   1 
ATOM 1302 O O   . ALA A 1 163 ? -12.035 8.362   -13.311 1.00 35.68  ? 475 ALA A O   1 
ATOM 1303 C CB  . ALA A 1 163 ? -14.601 9.807   -12.589 1.00 34.68  ? 475 ALA A CB  1 
ATOM 1304 N N   . GLN A 1 164 ? -13.336 6.623   -12.733 1.00 36.63  ? 476 GLN A N   1 
ATOM 1305 C CA  . GLN A 1 164 ? -12.584 5.686   -13.570 1.00 38.24  ? 476 GLN A CA  1 
ATOM 1306 C C   . GLN A 1 164 ? -12.388 6.209   -14.997 1.00 40.55  ? 476 GLN A C   1 
ATOM 1307 O O   . GLN A 1 164 ? -11.336 5.998   -15.601 1.00 39.35  ? 476 GLN A O   1 
ATOM 1308 C CB  . GLN A 1 164 ? -13.275 4.318   -13.604 1.00 35.79  ? 476 GLN A CB  1 
ATOM 1309 C CG  . GLN A 1 164 ? -13.288 3.598   -12.267 1.00 33.69  ? 476 GLN A CG  1 
ATOM 1310 C CD  . GLN A 1 164 ? -13.721 2.151   -12.390 1.00 33.15  ? 476 GLN A CD  1 
ATOM 1311 O OE1 . GLN A 1 164 ? -13.611 1.553   -13.460 1.00 33.44  ? 476 GLN A OE1 1 
ATOM 1312 N NE2 . GLN A 1 164 ? -14.191 1.572   -11.292 1.00 30.57  ? 476 GLN A NE2 1 
ATOM 1313 N N   . THR A 1 165 ? -13.401 6.895   -15.523 1.00 43.31  ? 477 THR A N   1 
ATOM 1314 C CA  . THR A 1 165 ? -13.341 7.456   -16.872 1.00 45.85  ? 477 THR A CA  1 
ATOM 1315 C C   . THR A 1 165 ? -12.218 8.490   -16.924 1.00 46.47  ? 477 THR A C   1 
ATOM 1316 O O   . THR A 1 165 ? -11.274 8.349   -17.701 1.00 47.90  ? 477 THR A O   1 
ATOM 1317 C CB  . THR A 1 165 ? -14.677 8.156   -17.271 1.00 48.27  ? 477 THR A CB  1 
ATOM 1318 O OG1 . THR A 1 165 ? -14.556 9.579   -17.090 1.00 49.81  ? 477 THR A OG1 1 
ATOM 1319 C CG2 . THR A 1 165 ? -15.837 7.644   -16.403 1.00 48.61  ? 477 THR A CG2 1 
ATOM 1320 N N   . VAL A 1 166 ? -12.328 9.526   -16.094 1.00 45.93  ? 478 VAL A N   1 
ATOM 1321 C CA  . VAL A 1 166 ? -11.318 10.580  -16.029 1.00 46.03  ? 478 VAL A CA  1 
ATOM 1322 C C   . VAL A 1 166 ? -9.920  9.967   -16.021 1.00 46.79  ? 478 VAL A C   1 
ATOM 1323 O O   . VAL A 1 166 ? -9.038  10.369  -16.779 1.00 45.95  ? 478 VAL A O   1 
ATOM 1324 C CB  . VAL A 1 166 ? -11.490 11.420  -14.753 1.00 44.94  ? 478 VAL A CB  1 
ATOM 1325 C CG1 . VAL A 1 166 ? -10.278 12.300  -14.539 1.00 44.27  ? 478 VAL A CG1 1 
ATOM 1326 C CG2 . VAL A 1 166 ? -12.732 12.266  -14.859 1.00 43.58  ? 478 VAL A CG2 1 
ATOM 1327 N N   . LEU A 1 167 ? -9.736  8.982   -15.155 1.00 47.42  ? 479 LEU A N   1 
ATOM 1328 C CA  . LEU A 1 167 ? -8.464  8.297   -15.031 1.00 48.79  ? 479 LEU A CA  1 
ATOM 1329 C C   . LEU A 1 167 ? -7.990  7.725   -16.353 1.00 50.03  ? 479 LEU A C   1 
ATOM 1330 O O   . LEU A 1 167 ? -6.897  8.037   -16.823 1.00 50.65  ? 479 LEU A O   1 
ATOM 1331 C CB  . LEU A 1 167 ? -8.585  7.155   -14.024 1.00 48.43  ? 479 LEU A CB  1 
ATOM 1332 C CG  . LEU A 1 167 ? -7.367  6.238   -13.895 1.00 47.31  ? 479 LEU A CG  1 
ATOM 1333 C CD1 . LEU A 1 167 ? -6.200  7.044   -13.373 1.00 47.37  ? 479 LEU A CD1 1 
ATOM 1334 C CD2 . LEU A 1 167 ? -7.676  5.083   -12.954 1.00 46.25  ? 479 LEU A CD2 1 
ATOM 1335 N N   . GLU A 1 168 ? -8.830  6.886   -16.946 1.00 51.51  ? 480 GLU A N   1 
ATOM 1336 C CA  . GLU A 1 168 ? -8.501  6.213   -18.195 1.00 52.56  ? 480 GLU A CA  1 
ATOM 1337 C C   . GLU A 1 168 ? -8.521  7.066   -19.460 1.00 52.20  ? 480 GLU A C   1 
ATOM 1338 O O   . GLU A 1 168 ? -8.048  6.629   -20.503 1.00 51.01  ? 480 GLU A O   1 
ATOM 1339 C CB  . GLU A 1 168 ? -9.406  4.988   -18.353 1.00 53.69  ? 480 GLU A CB  1 
ATOM 1340 C CG  . GLU A 1 168 ? -9.293  4.011   -17.176 1.00 55.66  ? 480 GLU A CG  1 
ATOM 1341 C CD  . GLU A 1 168 ? -10.264 2.844   -17.264 1.00 57.31  ? 480 GLU A CD  1 
ATOM 1342 O OE1 . GLU A 1 168 ? -11.481 3.098   -17.385 1.00 59.27  ? 480 GLU A OE1 1 
ATOM 1343 O OE2 . GLU A 1 168 ? -9.817  1.677   -17.205 1.00 57.92  ? 480 GLU A OE2 1 
ATOM 1344 N N   . ASN A 1 169 ? -9.049  8.282   -19.375 1.00 53.63  ? 481 ASN A N   1 
ATOM 1345 C CA  . ASN A 1 169 ? -9.079  9.161   -20.541 1.00 55.42  ? 481 ASN A CA  1 
ATOM 1346 C C   . ASN A 1 169 ? -7.898  10.128  -20.546 1.00 55.87  ? 481 ASN A C   1 
ATOM 1347 O O   . ASN A 1 169 ? -7.356  10.449  -21.606 1.00 56.96  ? 481 ASN A O   1 
ATOM 1348 C CB  . ASN A 1 169 ? -10.392 9.944   -20.596 1.00 56.60  ? 481 ASN A CB  1 
ATOM 1349 C CG  . ASN A 1 169 ? -11.595 9.043   -20.804 1.00 58.43  ? 481 ASN A CG  1 
ATOM 1350 O OD1 . ASN A 1 169 ? -11.593 8.179   -21.684 1.00 57.98  ? 481 ASN A OD1 1 
ATOM 1351 N ND2 . ASN A 1 169 ? -12.634 9.244   -19.998 1.00 60.07  ? 481 ASN A ND2 1 
ATOM 1352 N N   . GLY A 1 170 ? -7.504  10.584  -19.356 1.00 55.53  ? 482 GLY A N   1 
ATOM 1353 C CA  . GLY A 1 170 ? -6.381  11.499  -19.235 1.00 52.97  ? 482 GLY A CA  1 
ATOM 1354 C C   . GLY A 1 170 ? -5.031  10.836  -19.468 1.00 51.87  ? 482 GLY A C   1 
ATOM 1355 O O   . GLY A 1 170 ? -4.949  9.651   -19.811 1.00 50.38  ? 482 GLY A O   1 
ATOM 1356 N N   . THR A 1 171 ? -3.968  11.612  -19.264 1.00 51.62  ? 483 THR A N   1 
ATOM 1357 C CA  . THR A 1 171 ? -2.593  11.145  -19.453 1.00 50.71  ? 483 THR A CA  1 
ATOM 1358 C C   . THR A 1 171 ? -1.956  10.538  -18.197 1.00 50.26  ? 483 THR A C   1 
ATOM 1359 O O   . THR A 1 171 ? -0.729  10.448  -18.092 1.00 50.35  ? 483 THR A O   1 
ATOM 1360 C CB  . THR A 1 171 ? -1.705  12.297  -19.948 1.00 50.17  ? 483 THR A CB  1 
ATOM 1361 O OG1 . THR A 1 171 ? -1.915  13.455  -19.128 1.00 49.64  ? 483 THR A OG1 1 
ATOM 1362 C CG2 . THR A 1 171 ? -2.053  12.641  -21.374 1.00 49.55  ? 483 THR A CG2 1 
ATOM 1363 N N   . TYR A 1 172 ? -2.804  10.119  -17.262 1.00 48.87  ? 484 TYR A N   1 
ATOM 1364 C CA  . TYR A 1 172 ? -2.376  9.512   -16.006 1.00 47.65  ? 484 TYR A CA  1 
ATOM 1365 C C   . TYR A 1 172 ? -1.765  8.140   -16.237 1.00 48.31  ? 484 TYR A C   1 
ATOM 1366 O O   . TYR A 1 172 ? -0.849  7.720   -15.524 1.00 49.07  ? 484 TYR A O   1 
ATOM 1367 C CB  . TYR A 1 172 ? -3.572  9.397   -15.066 1.00 45.95  ? 484 TYR A CB  1 
ATOM 1368 C CG  . TYR A 1 172 ? -4.152  10.740  -14.722 1.00 45.78  ? 484 TYR A CG  1 
ATOM 1369 C CD1 . TYR A 1 172 ? -3.507  11.576  -13.817 1.00 45.62  ? 484 TYR A CD1 1 
ATOM 1370 C CD2 . TYR A 1 172 ? -5.290  11.220  -15.367 1.00 45.94  ? 484 TYR A CD2 1 
ATOM 1371 C CE1 . TYR A 1 172 ? -3.965  12.852  -13.568 1.00 44.50  ? 484 TYR A CE1 1 
ATOM 1372 C CE2 . TYR A 1 172 ? -5.758  12.503  -15.126 1.00 45.01  ? 484 TYR A CE2 1 
ATOM 1373 C CZ  . TYR A 1 172 ? -5.084  13.311  -14.224 1.00 44.95  ? 484 TYR A CZ  1 
ATOM 1374 O OH  . TYR A 1 172 ? -5.499  14.596  -13.992 1.00 47.31  ? 484 TYR A OH  1 
ATOM 1375 N N   . ILE A 1 173 ? -2.290  7.435   -17.231 1.00 49.33  ? 485 ILE A N   1 
ATOM 1376 C CA  . ILE A 1 173 ? -1.779  6.114   -17.563 1.00 49.73  ? 485 ILE A CA  1 
ATOM 1377 C C   . ILE A 1 173 ? -0.822  6.269   -18.736 1.00 48.96  ? 485 ILE A C   1 
ATOM 1378 O O   . ILE A 1 173 ? -1.060  7.069   -19.639 1.00 49.26  ? 485 ILE A O   1 
ATOM 1379 C CB  . ILE A 1 173 ? -2.916  5.135   -17.963 1.00 49.88  ? 485 ILE A CB  1 
ATOM 1380 C CG1 . ILE A 1 173 ? -4.047  5.199   -16.932 1.00 51.03  ? 485 ILE A CG1 1 
ATOM 1381 C CG2 . ILE A 1 173 ? -2.371  3.707   -18.036 1.00 48.69  ? 485 ILE A CG2 1 
ATOM 1382 C CD1 . ILE A 1 173 ? -5.150  4.180   -17.149 1.00 51.50  ? 485 ILE A CD1 1 
ATOM 1383 N N   . LYS A 1 174 ? 0.275   5.524   -18.699 1.00 48.24  ? 486 LYS A N   1 
ATOM 1384 C CA  . LYS A 1 174 ? 1.263   5.563   -19.761 1.00 47.63  ? 486 LYS A CA  1 
ATOM 1385 C C   . LYS A 1 174 ? 2.086   4.299   -19.648 1.00 47.94  ? 486 LYS A C   1 
ATOM 1386 O O   . LYS A 1 174 ? 2.654   4.005   -18.601 1.00 47.48  ? 486 LYS A O   1 
ATOM 1387 C CB  . LYS A 1 174 ? 2.152   6.803   -19.636 1.00 46.49  ? 486 LYS A CB  1 
ATOM 1388 C CG  . LYS A 1 174 ? 3.107   6.973   -20.802 1.00 47.49  ? 486 LYS A CG  1 
ATOM 1389 C CD  . LYS A 1 174 ? 3.848   8.305   -20.767 1.00 49.18  ? 486 LYS A CD  1 
ATOM 1390 C CE  . LYS A 1 174 ? 2.975   9.475   -21.224 1.00 50.81  ? 486 LYS A CE  1 
ATOM 1391 N NZ  . LYS A 1 174 ? 1.825   9.782   -20.317 1.00 52.86  ? 486 LYS A NZ  1 
ATOM 1392 N N   . ASP A 1 175 ? 2.116   3.536   -20.732 1.00 49.75  ? 487 ASP A N   1 
ATOM 1393 C CA  . ASP A 1 175 ? 2.848   2.279   -20.773 1.00 51.38  ? 487 ASP A CA  1 
ATOM 1394 C C   . ASP A 1 175 ? 2.267   1.260   -19.796 1.00 50.74  ? 487 ASP A C   1 
ATOM 1395 O O   . ASP A 1 175 ? 3.001   0.477   -19.185 1.00 51.33  ? 487 ASP A O   1 
ATOM 1396 C CB  . ASP A 1 175 ? 4.333   2.528   -20.491 1.00 54.21  ? 487 ASP A CB  1 
ATOM 1397 C CG  . ASP A 1 175 ? 4.990   3.393   -21.566 1.00 57.69  ? 487 ASP A CG  1 
ATOM 1398 O OD1 . ASP A 1 175 ? 4.542   4.547   -21.772 1.00 59.13  ? 487 ASP A OD1 1 
ATOM 1399 O OD2 . ASP A 1 175 ? 5.950   2.918   -22.214 1.00 59.37  ? 487 ASP A OD2 1 
ATOM 1400 N N   . ASP A 1 176 ? 0.937   1.284   -19.669 1.00 49.61  ? 488 ASP A N   1 
ATOM 1401 C CA  . ASP A 1 176 ? 0.191   0.374   -18.801 1.00 48.31  ? 488 ASP A CA  1 
ATOM 1402 C C   . ASP A 1 176 ? 0.665   0.455   -17.346 1.00 47.27  ? 488 ASP A C   1 
ATOM 1403 O O   . ASP A 1 176 ? 0.876   -0.567  -16.688 1.00 46.86  ? 488 ASP A O   1 
ATOM 1404 C CB  . ASP A 1 176 ? 0.339   -1.064  -19.317 1.00 49.43  ? 488 ASP A CB  1 
ATOM 1405 C CG  . ASP A 1 176 ? -0.798  -1.973  -18.875 1.00 51.14  ? 488 ASP A CG  1 
ATOM 1406 O OD1 . ASP A 1 176 ? -0.612  -3.211  -18.910 1.00 52.50  ? 488 ASP A OD1 1 
ATOM 1407 O OD2 . ASP A 1 176 ? -1.878  -1.459  -18.508 1.00 51.43  ? 488 ASP A OD2 1 
ATOM 1408 N N   . THR A 1 177 ? 0.828   1.671   -16.842 1.00 45.73  ? 489 THR A N   1 
ATOM 1409 C CA  . THR A 1 177 ? 1.284   1.854   -15.469 1.00 44.69  ? 489 THR A CA  1 
ATOM 1410 C C   . THR A 1 177 ? 0.952   3.245   -14.951 1.00 42.68  ? 489 THR A C   1 
ATOM 1411 O O   . THR A 1 177 ? 1.007   4.231   -15.694 1.00 41.71  ? 489 THR A O   1 
ATOM 1412 C CB  . THR A 1 177 ? 2.837   1.572   -15.341 1.00 46.34  ? 489 THR A CB  1 
ATOM 1413 O OG1 . THR A 1 177 ? 3.411   2.357   -14.283 1.00 45.48  ? 489 THR A OG1 1 
ATOM 1414 C CG2 . THR A 1 177 ? 3.555   1.881   -16.638 1.00 47.36  ? 489 THR A CG2 1 
ATOM 1415 N N   . ILE A 1 178 ? 0.582   3.306   -13.675 1.00 40.41  ? 490 ILE A N   1 
ATOM 1416 C CA  . ILE A 1 178 ? 0.249   4.573   -13.031 1.00 40.41  ? 490 ILE A CA  1 
ATOM 1417 C C   . ILE A 1 178 ? 1.071   4.756   -11.765 1.00 38.42  ? 490 ILE A C   1 
ATOM 1418 O O   . ILE A 1 178 ? 1.605   3.789   -11.216 1.00 38.67  ? 490 ILE A O   1 
ATOM 1419 C CB  . ILE A 1 178 ? -1.249  4.657   -12.665 1.00 42.02  ? 490 ILE A CB  1 
ATOM 1420 C CG1 . ILE A 1 178 ? -1.642  3.440   -11.822 1.00 43.33  ? 490 ILE A CG1 1 
ATOM 1421 C CG2 . ILE A 1 178 ? -2.096  4.766   -13.937 1.00 41.55  ? 490 ILE A CG2 1 
ATOM 1422 C CD1 . ILE A 1 178 ? -3.081  3.474   -11.325 1.00 44.23  ? 490 ILE A CD1 1 
ATOM 1423 N N   . PHE A 1 179 ? 1.175   5.999   -11.305 1.00 36.42  ? 491 PHE A N   1 
ATOM 1424 C CA  . PHE A 1 179 ? 1.951   6.298   -10.112 1.00 35.06  ? 491 PHE A CA  1 
ATOM 1425 C C   . PHE A 1 179 ? 1.137   6.996   -9.026  1.00 33.74  ? 491 PHE A C   1 
ATOM 1426 O O   . PHE A 1 179 ? 0.504   8.030   -9.266  1.00 33.43  ? 491 PHE A O   1 
ATOM 1427 C CB  . PHE A 1 179 ? 3.168   7.165   -10.469 1.00 36.86  ? 491 PHE A CB  1 
ATOM 1428 C CG  . PHE A 1 179 ? 4.226   6.445   -11.275 1.00 38.59  ? 491 PHE A CG  1 
ATOM 1429 C CD1 . PHE A 1 179 ? 4.099   6.303   -12.656 1.00 37.52  ? 491 PHE A CD1 1 
ATOM 1430 C CD2 . PHE A 1 179 ? 5.356   5.913   -10.650 1.00 38.97  ? 491 PHE A CD2 1 
ATOM 1431 C CE1 . PHE A 1 179 ? 5.080   5.640   -13.406 1.00 38.00  ? 491 PHE A CE1 1 
ATOM 1432 C CE2 . PHE A 1 179 ? 6.342   5.248   -11.391 1.00 39.75  ? 491 PHE A CE2 1 
ATOM 1433 C CZ  . PHE A 1 179 ? 6.202   5.111   -12.773 1.00 38.30  ? 491 PHE A CZ  1 
ATOM 1434 N N   . ILE A 1 180 ? 1.169   6.428   -7.826  1.00 31.49  ? 492 ILE A N   1 
ATOM 1435 C CA  . ILE A 1 180 ? 0.453   6.993   -6.692  1.00 30.10  ? 492 ILE A CA  1 
ATOM 1436 C C   . ILE A 1 180 ? 1.449   7.567   -5.686  1.00 30.22  ? 492 ILE A C   1 
ATOM 1437 O O   . ILE A 1 180 ? 2.471   6.939   -5.377  1.00 30.43  ? 492 ILE A O   1 
ATOM 1438 C CB  . ILE A 1 180 ? -0.427  5.916   -6.019  1.00 30.09  ? 492 ILE A CB  1 
ATOM 1439 C CG1 . ILE A 1 180 ? -1.653  5.645   -6.906  1.00 30.22  ? 492 ILE A CG1 1 
ATOM 1440 C CG2 . ILE A 1 180 ? -0.834  6.363   -4.613  1.00 29.18  ? 492 ILE A CG2 1 
ATOM 1441 C CD1 . ILE A 1 180 ? -2.394  4.364   -6.598  1.00 28.98  ? 492 ILE A CD1 1 
ATOM 1442 N N   . LYS A 1 181 ? 1.155   8.761   -5.179  1.00 27.51  ? 493 LYS A N   1 
ATOM 1443 C CA  . LYS A 1 181 ? 2.036   9.404   -4.222  1.00 26.64  ? 493 LYS A CA  1 
ATOM 1444 C C   . LYS A 1 181 ? 1.332   9.832   -2.931  1.00 27.33  ? 493 LYS A C   1 
ATOM 1445 O O   . LYS A 1 181 ? 0.261   10.437  -2.962  1.00 27.82  ? 493 LYS A O   1 
ATOM 1446 C CB  . LYS A 1 181 ? 2.690   10.613  -4.877  1.00 25.72  ? 493 LYS A CB  1 
ATOM 1447 C CG  . LYS A 1 181 ? 3.679   11.360  -4.007  1.00 25.21  ? 493 LYS A CG  1 
ATOM 1448 C CD  . LYS A 1 181 ? 4.299   12.440  -4.840  1.00 26.46  ? 493 LYS A CD  1 
ATOM 1449 C CE  . LYS A 1 181 ? 5.503   13.080  -4.190  1.00 28.42  ? 493 LYS A CE  1 
ATOM 1450 N NZ  . LYS A 1 181 ? 6.210   13.961  -5.190  1.00 26.35  ? 493 LYS A NZ  1 
ATOM 1451 N N   . VAL A 1 182 ? 1.949   9.513   -1.797  1.00 27.09  ? 494 VAL A N   1 
ATOM 1452 C CA  . VAL A 1 182 ? 1.407   9.872   -0.490  1.00 27.24  ? 494 VAL A CA  1 
ATOM 1453 C C   . VAL A 1 182 ? 2.412   10.784  0.200   1.00 28.47  ? 494 VAL A C   1 
ATOM 1454 O O   . VAL A 1 182 ? 3.618   10.559  0.135   1.00 29.31  ? 494 VAL A O   1 
ATOM 1455 C CB  . VAL A 1 182 ? 1.182   8.625   0.410   1.00 25.91  ? 494 VAL A CB  1 
ATOM 1456 C CG1 . VAL A 1 182 ? 0.439   9.022   1.664   1.00 22.80  ? 494 VAL A CG1 1 
ATOM 1457 C CG2 . VAL A 1 182 ? 0.416   7.551   -0.346  1.00 23.81  ? 494 VAL A CG2 1 
ATOM 1458 N N   . ILE A 1 183 ? 1.913   11.820  0.859   1.00 30.42  ? 495 ILE A N   1 
ATOM 1459 C CA  . ILE A 1 183 ? 2.781   12.756  1.559   1.00 31.42  ? 495 ILE A CA  1 
ATOM 1460 C C   . ILE A 1 183 ? 2.267   12.971  2.975   1.00 34.27  ? 495 ILE A C   1 
ATOM 1461 O O   . ILE A 1 183 ? 1.217   13.587  3.181   1.00 35.15  ? 495 ILE A O   1 
ATOM 1462 C CB  . ILE A 1 183 ? 2.822   14.115  0.850   1.00 29.04  ? 495 ILE A CB  1 
ATOM 1463 C CG1 . ILE A 1 183 ? 3.395   13.958  -0.551  1.00 31.44  ? 495 ILE A CG1 1 
ATOM 1464 C CG2 . ILE A 1 183 ? 3.669   15.072  1.623   1.00 26.56  ? 495 ILE A CG2 1 
ATOM 1465 C CD1 . ILE A 1 183 ? 3.201   15.179  -1.422  1.00 29.74  ? 495 ILE A CD1 1 
ATOM 1466 N N   . VAL A 1 184 ? 3.000   12.441  3.946   1.00 36.32  ? 496 VAL A N   1 
ATOM 1467 C CA  . VAL A 1 184 ? 2.626   12.596  5.342   1.00 39.22  ? 496 VAL A CA  1 
ATOM 1468 C C   . VAL A 1 184 ? 3.453   13.725  5.949   1.00 41.19  ? 496 VAL A C   1 
ATOM 1469 O O   . VAL A 1 184 ? 4.672   13.758  5.806   1.00 40.67  ? 496 VAL A O   1 
ATOM 1470 C CB  . VAL A 1 184 ? 2.873   11.295  6.128   1.00 38.81  ? 496 VAL A CB  1 
ATOM 1471 C CG1 . VAL A 1 184 ? 2.484   11.480  7.592   1.00 37.18  ? 496 VAL A CG1 1 
ATOM 1472 C CG2 . VAL A 1 184 ? 2.083   10.168  5.496   1.00 37.14  ? 496 VAL A CG2 1 
ATOM 1473 N N   . ASP A 1 185 ? 2.781   14.654  6.616   1.00 44.24  ? 497 ASP A N   1 
ATOM 1474 C CA  . ASP A 1 185 ? 3.454   15.781  7.245   1.00 47.80  ? 497 ASP A CA  1 
ATOM 1475 C C   . ASP A 1 185 ? 4.235   15.307  8.470   1.00 50.52  ? 497 ASP A C   1 
ATOM 1476 O O   . ASP A 1 185 ? 3.676   14.696  9.387   1.00 50.39  ? 497 ASP A O   1 
ATOM 1477 C CB  . ASP A 1 185 ? 2.421   16.843  7.639   1.00 48.83  ? 497 ASP A CB  1 
ATOM 1478 C CG  . ASP A 1 185 ? 3.018   17.967  8.469   1.00 50.36  ? 497 ASP A CG  1 
ATOM 1479 O OD1 . ASP A 1 185 ? 3.965   18.635  7.998   1.00 49.12  ? 497 ASP A OD1 1 
ATOM 1480 O OD2 . ASP A 1 185 ? 2.525   18.179  9.601   1.00 52.56  ? 497 ASP A OD2 1 
ATOM 1481 N N   . THR A 1 186 ? 5.534   15.588  8.474   1.00 52.91  ? 498 THR A N   1 
ATOM 1482 C CA  . THR A 1 186 ? 6.399   15.182  9.569   1.00 56.25  ? 498 THR A CA  1 
ATOM 1483 C C   . THR A 1 186 ? 6.935   16.372  10.351  1.00 59.51  ? 498 THR A C   1 
ATOM 1484 O O   . THR A 1 186 ? 7.076   16.305  11.571  1.00 59.67  ? 498 THR A O   1 
ATOM 1485 C CB  . THR A 1 186 ? 7.600   14.357  9.053   1.00 54.59  ? 498 THR A CB  1 
ATOM 1486 O OG1 . THR A 1 186 ? 8.345   15.131  8.112   1.00 53.31  ? 498 THR A OG1 1 
ATOM 1487 C CG2 . THR A 1 186 ? 7.126   13.092  8.370   1.00 54.74  ? 498 THR A CG2 1 
ATOM 1488 N N   . SER A 1 187 ? 7.223   17.460  9.646   1.00 64.34  ? 499 SER A N   1 
ATOM 1489 C CA  . SER A 1 187 ? 7.772   18.660  10.268  1.00 69.07  ? 499 SER A CA  1 
ATOM 1490 C C   . SER A 1 187 ? 7.084   19.028  11.577  1.00 72.08  ? 499 SER A C   1 
ATOM 1491 O O   . SER A 1 187 ? 7.747   19.360  12.562  1.00 71.51  ? 499 SER A O   1 
ATOM 1492 C CB  . SER A 1 187 ? 7.707   19.843  9.292   1.00 69.39  ? 499 SER A CB  1 
ATOM 1493 O OG  . SER A 1 187 ? 6.380   20.089  8.866   1.00 71.21  ? 499 SER A OG  1 
ATOM 1494 N N   . ASP A 1 188 ? 5.756   18.959  11.591  1.00 76.45  ? 500 ASP A N   1 
ATOM 1495 C CA  . ASP A 1 188 ? 4.995   19.296  12.791  1.00 80.86  ? 500 ASP A CA  1 
ATOM 1496 C C   . ASP A 1 188 ? 4.880   18.112  13.751  1.00 82.58  ? 500 ASP A C   1 
ATOM 1497 O O   . ASP A 1 188 ? 3.820   17.495  13.866  1.00 82.50  ? 500 ASP A O   1 
ATOM 1498 C CB  . ASP A 1 188 ? 3.594   19.793  12.408  1.00 82.33  ? 500 ASP A CB  1 
ATOM 1499 C CG  . ASP A 1 188 ? 3.632   21.017  11.496  1.00 83.98  ? 500 ASP A CG  1 
ATOM 1500 O OD1 . ASP A 1 188 ? 4.126   20.893  10.352  1.00 84.63  ? 500 ASP A OD1 1 
ATOM 1501 O OD2 . ASP A 1 188 ? 3.172   22.100  11.923  1.00 84.46  ? 500 ASP A OD2 1 
ATOM 1502 N N   . LEU A 1 189 ? 5.980   17.804  14.434  1.00 84.70  ? 501 LEU A N   1 
ATOM 1503 C CA  . LEU A 1 189 ? 6.017   16.703  15.388  1.00 88.28  ? 501 LEU A CA  1 
ATOM 1504 C C   . LEU A 1 189 ? 7.411   16.577  15.981  1.00 91.37  ? 501 LEU A C   1 
ATOM 1505 O O   . LEU A 1 189 ? 8.397   16.538  15.246  1.00 91.35  ? 501 LEU A O   1 
ATOM 1506 C CB  . LEU A 1 189 ? 5.635   15.375  14.704  1.00 87.30  ? 501 LEU A CB  1 
ATOM 1507 C CG  . LEU A 1 189 ? 6.654   14.571  13.880  1.00 86.00  ? 501 LEU A CG  1 
ATOM 1508 C CD1 . LEU A 1 189 ? 7.619   13.839  14.804  1.00 85.16  ? 501 LEU A CD1 1 
ATOM 1509 C CD2 . LEU A 1 189 ? 5.924   13.556  13.017  1.00 84.89  ? 501 LEU A CD2 1 
ATOM 1510 N N   . PRO A 1 190 ? 7.519   16.532  17.322  1.00 94.76  ? 502 PRO A N   1 
ATOM 1511 C CA  . PRO A 1 190 ? 8.847   16.402  17.932  1.00 97.25  ? 502 PRO A CA  1 
ATOM 1512 C C   . PRO A 1 190 ? 9.581   15.177  17.372  1.00 99.74  ? 502 PRO A C   1 
ATOM 1513 O O   . PRO A 1 190 ? 9.171   14.035  17.590  1.00 99.77  ? 502 PRO A O   1 
ATOM 1514 C CB  . PRO A 1 190 ? 8.523   16.269  19.419  1.00 96.28  ? 502 PRO A CB  1 
ATOM 1515 C CG  . PRO A 1 190 ? 7.334   17.170  19.563  1.00 95.82  ? 502 PRO A CG  1 
ATOM 1516 C CD  . PRO A 1 190 ? 6.494   16.798  18.349  1.00 95.51  ? 502 PRO A CD  1 
ATOM 1517 N N   . ASP A 1 191 ? 10.661  15.426  16.636  1.00 102.54 ? 503 ASP A N   1 
ATOM 1518 C CA  . ASP A 1 191 ? 11.451  14.355  16.035  1.00 104.68 ? 503 ASP A CA  1 
ATOM 1519 C C   . ASP A 1 191 ? 12.465  13.803  17.039  1.00 105.61 ? 503 ASP A C   1 
ATOM 1520 O O   . ASP A 1 191 ? 12.841  14.489  17.999  1.00 105.78 ? 503 ASP A O   1 
ATOM 1521 C CB  . ASP A 1 191 ? 12.191  14.877  14.796  1.00 105.33 ? 503 ASP A CB  1 
ATOM 1522 C CG  . ASP A 1 191 ? 13.288  15.877  15.143  1.00 106.21 ? 503 ASP A CG  1 
ATOM 1523 O OD1 . ASP A 1 191 ? 12.999  16.867  15.855  1.00 106.48 ? 503 ASP A OD1 1 
ATOM 1524 O OD2 . ASP A 1 191 ? 14.439  15.673  14.701  1.00 106.08 ? 503 ASP A OD2 1 
ATOM 1525 N N   . PRO A 1 192 ? 12.918  12.553  16.830  1.00 105.91 ? 504 PRO A N   1 
ATOM 1526 C CA  . PRO A 1 192 ? 13.896  11.922  17.725  1.00 105.82 ? 504 PRO A CA  1 
ATOM 1527 C C   . PRO A 1 192 ? 15.100  12.827  18.037  1.00 105.54 ? 504 PRO A C   1 
ATOM 1528 O O   . PRO A 1 192 ? 15.312  13.136  19.230  1.00 105.54 ? 504 PRO A O   1 
ATOM 1529 C CB  . PRO A 1 192 ? 14.289  10.659  16.958  1.00 105.68 ? 504 PRO A CB  1 
ATOM 1530 C CG  . PRO A 1 192 ? 13.006  10.282  16.282  1.00 105.52 ? 504 PRO A CG  1 
ATOM 1531 C CD  . PRO A 1 192 ? 12.504  11.620  15.764  1.00 105.79 ? 504 PRO A CD  1 
ATOM 1532 O OXT . PRO A 1 192 ? 15.814  13.223  17.093  1.00 104.76 ? 504 PRO A OXT 1 
ATOM 1533 N N   . PRO B 2 2   ? -11.971 12.318  5.545   1.00 77.87  ? 204 PRO B N   1 
ATOM 1534 C CA  . PRO B 2 2   ? -11.411 10.962  5.750   1.00 77.13  ? 204 PRO B CA  1 
ATOM 1535 C C   . PRO B 2 2   ? -12.520 9.918   5.869   1.00 76.63  ? 204 PRO B C   1 
ATOM 1536 O O   . PRO B 2 2   ? -13.213 9.855   6.884   1.00 76.67  ? 204 PRO B O   1 
ATOM 1537 C CB  . PRO B 2 2   ? -10.587 11.003  7.033   1.00 77.41  ? 204 PRO B CB  1 
ATOM 1538 C CG  . PRO B 2 2   ? -10.263 12.491  7.150   1.00 78.01  ? 204 PRO B CG  1 
ATOM 1539 C CD  . PRO B 2 2   ? -11.516 13.215  6.624   1.00 78.22  ? 204 PRO B CD  1 
ATOM 1540 N N   . GLN B 2 3   ? -12.683 9.107   4.828   1.00 75.73  ? 205 GLN B N   1 
ATOM 1541 C CA  . GLN B 2 3   ? -13.692 8.048   4.809   1.00 74.85  ? 205 GLN B CA  1 
ATOM 1542 C C   . GLN B 2 3   ? -12.986 6.698   4.898   1.00 73.61  ? 205 GLN B C   1 
ATOM 1543 O O   . GLN B 2 3   ? -11.879 6.544   4.396   1.00 73.94  ? 205 GLN B O   1 
ATOM 1544 C CB  . GLN B 2 3   ? -14.501 8.114   3.509   1.00 75.79  ? 205 GLN B CB  1 
ATOM 1545 C CG  . GLN B 2 3   ? -15.396 9.334   3.376   1.00 77.34  ? 205 GLN B CG  1 
ATOM 1546 C CD  . GLN B 2 3   ? -16.799 9.091   3.899   1.00 78.49  ? 205 GLN B CD  1 
ATOM 1547 O OE1 . GLN B 2 3   ? -16.990 8.694   5.050   1.00 79.13  ? 205 GLN B OE1 1 
ATOM 1548 N NE2 . GLN B 2 3   ? -17.792 9.329   3.050   1.00 79.25  ? 205 GLN B NE2 1 
ATOM 1549 N N   . GLN B 2 4   ? -13.623 5.716   5.522   1.00 72.46  ? 206 GLN B N   1 
ATOM 1550 C CA  . GLN B 2 4   ? -13.009 4.400   5.654   1.00 72.46  ? 206 GLN B CA  1 
ATOM 1551 C C   . GLN B 2 4   ? -13.404 3.421   4.546   1.00 73.23  ? 206 GLN B C   1 
ATOM 1552 O O   . GLN B 2 4   ? -14.421 3.603   3.884   1.00 73.20  ? 206 GLN B O   1 
ATOM 1553 C CB  . GLN B 2 4   ? -13.340 3.814   7.027   1.00 71.64  ? 206 GLN B CB  1 
ATOM 1554 C CG  . GLN B 2 4   ? -12.857 4.682   8.183   1.00 69.51  ? 206 GLN B CG  1 
ATOM 1555 C CD  . GLN B 2 4   ? -12.921 3.972   9.519   1.00 68.24  ? 206 GLN B CD  1 
ATOM 1556 O OE1 . GLN B 2 4   ? -12.496 4.511   10.540  1.00 68.80  ? 206 GLN B OE1 1 
ATOM 1557 N NE2 . GLN B 2 4   ? -13.451 2.758   9.519   1.00 66.11  ? 206 GLN B NE2 1 
ATOM 1558 N N   . ALA B 2 5   ? -12.587 2.388   4.346   1.00 74.66  ? 207 ALA B N   1 
ATOM 1559 C CA  . ALA B 2 5   ? -12.834 1.380   3.314   1.00 76.98  ? 207 ALA B CA  1 
ATOM 1560 C C   . ALA B 2 5   ? -13.761 0.304   3.842   1.00 79.31  ? 207 ALA B C   1 
ATOM 1561 O O   . ALA B 2 5   ? -13.828 0.091   5.049   1.00 79.66  ? 207 ALA B O   1 
ATOM 1562 C CB  . ALA B 2 5   ? -11.518 0.748   2.872   1.00 75.61  ? 207 ALA B CB  1 
ATOM 1563 N N   . THR B 2 6   ? -14.481 -0.369  2.946   1.00 82.29  ? 208 THR B N   1 
ATOM 1564 C CA  . THR B 2 6   ? -15.374 -1.443  3.371   1.00 85.83  ? 208 THR B CA  1 
ATOM 1565 C C   . THR B 2 6   ? -14.498 -2.412  4.165   1.00 89.53  ? 208 THR B C   1 
ATOM 1566 O O   . THR B 2 6   ? -13.296 -2.519  3.902   1.00 90.96  ? 208 THR B O   1 
ATOM 1567 C CB  . THR B 2 6   ? -16.010 -2.166  2.164   1.00 84.87  ? 208 THR B CB  1 
ATOM 1568 O OG1 . THR B 2 6   ? -14.984 -2.729  1.340   1.00 84.52  ? 208 THR B OG1 1 
ATOM 1569 C CG2 . THR B 2 6   ? -16.841 -1.191  1.342   1.00 84.38  ? 208 THR B CG2 1 
ATOM 1570 N N   . ASP B 2 7   ? -15.087 -3.118  5.126   1.00 92.71  ? 209 ASP B N   1 
ATOM 1571 C CA  . ASP B 2 7   ? -14.323 -4.026  5.985   1.00 96.11  ? 209 ASP B CA  1 
ATOM 1572 C C   . ASP B 2 7   ? -13.237 -4.881  5.321   1.00 97.23  ? 209 ASP B C   1 
ATOM 1573 O O   . ASP B 2 7   ? -12.088 -4.858  5.763   1.00 97.57  ? 209 ASP B O   1 
ATOM 1574 C CB  . ASP B 2 7   ? -15.275 -4.920  6.803   1.00 97.62  ? 209 ASP B CB  1 
ATOM 1575 C CG  . ASP B 2 7   ? -15.672 -6.191  6.076   1.00 99.15  ? 209 ASP B CG  1 
ATOM 1576 O OD1 . ASP B 2 7   ? -14.828 -7.108  5.962   1.00 100.00 ? 209 ASP B OD1 1 
ATOM 1577 O OD2 . ASP B 2 7   ? -16.832 -6.274  5.622   1.00 100.04 ? 209 ASP B OD2 1 
ATOM 1578 N N   . ASP B 2 8   ? -13.594 -5.619  4.269   1.00 98.44  ? 210 ASP B N   1 
ATOM 1579 C CA  . ASP B 2 8   ? -12.650 -6.497  3.562   1.00 99.12  ? 210 ASP B CA  1 
ATOM 1580 C C   . ASP B 2 8   ? -11.193 -6.063  3.733   1.00 99.36  ? 210 ASP B C   1 
ATOM 1581 O O   . ASP B 2 8   ? -10.367 -6.926  4.099   1.00 99.40  ? 210 ASP B O   1 
ATOM 1582 C CB  . ASP B 2 8   ? -13.009 -6.578  2.066   1.00 98.98  ? 210 ASP B CB  1 
ATOM 1583 C CG  . ASP B 2 8   ? -12.226 -5.591  1.210   1.00 99.02  ? 210 ASP B CG  1 
ATOM 1584 O OD1 . ASP B 2 8   ? -11.092 -5.928  0.799   1.00 99.10  ? 210 ASP B OD1 1 
ATOM 1585 O OD2 . ASP B 2 8   ? -12.742 -4.478  0.949   1.00 97.96  ? 210 ASP B OD2 1 
ATOM 1586 O OXT . ASP B 2 8   ? -10.894 -4.869  3.508   1.00 99.57  ? 210 ASP B OXT 1 
# 
